data_7C76
#
_entry.id   7C76
#
_cell.length_a   1.00
_cell.length_b   1.00
_cell.length_c   1.00
_cell.angle_alpha   90.00
_cell.angle_beta   90.00
_cell.angle_gamma   90.00
#
_symmetry.space_group_name_H-M   'P 1'
#
loop_
_entity.id
_entity.type
_entity.pdbx_description
1 polymer 'Toll-like receptor 3'
2 polymer 'Protein unc-93 homolog B1'
3 branched 2-acetamido-2-deoxy-beta-D-glucopyranose-(1-4)-2-acetamido-2-deoxy-beta-D-glucopyranose
4 branched beta-D-mannopyranose-(1-4)-2-acetamido-2-deoxy-beta-D-glucopyranose-(1-4)-2-acetamido-2-deoxy-beta-D-glucopyranose
5 non-polymer 2-acetamido-2-deoxy-beta-D-glucopyranose
#
loop_
_entity_poly.entity_id
_entity_poly.type
_entity_poly.pdbx_seq_one_letter_code
_entity_poly.pdbx_strand_id
1 'polypeptide(L)'
;MRQTLPCIYFWGGLLPFGMLCASSTTKCTVSHEVADCSHLKLTQVPDDLPTNITVLNLTHNQLRRLPAANFTRYSQLTSL
DVGFNTISKLEPELCQKLPMLKVLNLQHNELSQLSDKTFAFCTNLTELHLMSNSIQKIKNNPFVKQKNLITLDLSHNGLS
STKLGTQVQLENLQELLLSNNKIQALKSEELDIFANSSLKKLELSSNQIKEFSPGCFHAIGRLFGLFLNNVQLGPSLTEK
LCLELANTSIRNLSLSNSQLSTTSNTTFLGLKWTNLTMLDLSYNNLNVVGNDSFAWLPQLEYFFLEYNNIQHLFSHSLHG
LFNVRYLNLKRSFTKQSISLASLPKIDDFSFQWLKCLEHLNMEDNDIPGIKSNMFTGLINLKYLSLSNSFTSLRTLTNET
FVSLAHSPLHILNLTKNKISKIESDAFSWLGHLEVLDLGLNEIGQELTGQEWRGLENIFEIYLSYNKYLQLTRNSFALVP
SLQRLMLRRVALKNVDSSPSPFQPLRNLTILDLSNNNIANINDDMLEGLEKLEILDLQHNNLARLWKHANPGGPIYFLKG
LSHLHILNLESNGFDEIPVEVFKDLFELKIIDLGLNNLNTLPASVFNNQVSLKSLNLQKNLITSVEKKVFGPAFRNLTEL
DMRFNPFDCTCESIAWFVNWINETHTNIPELSSHYLCNTPPHYHGFPVRLFDTSSCKDSAPFELFFMINTSILLIFIFIV
LLIHFEGWRISFYWNVSVHRVLGFKEIDRQTEQFEYAAYIIHAYKDKDWVWEHFSSMEKEDQSLKFCLEERDFEAGVFEL
EAIVNSIKRSRKIIFVITHHLLKDPLCKRFKVHHAVQQAIEQNLDSIILVFLEEIPDYKLNHALCLRRGMFKSHCILNWP
VQKERIGAFRHKLQVALGSKNSVH
;
A
2 'polypeptide(L)'
;MEAEPPLYPMAGAAGPQGDEDLLGVPDGPEAPLDELVGAYPNYNEEEEERRYYRRKRLGVLKNVLAASAGGMLTYGVYLG
LLQMQLILHYDETYREVKYGNMGLPDIDSKMLMGINVTPIAALLYTPVLIRFFGTKWMMFLAVGIYALFVSTNYWERYYT
LVPSAVALGMAIVPLWASMGNYITRMAQKYHEYSHYKEQDGQGMKQRPPRGSHAPYLLVFQAIFYSFFHLSFACAQLPMI
YFLNHYLYDLNHTLYNVQSCGTNSHGILSGFNKTVLRTLPRSGNLIVVESVLMAVAFLAMLLVLGLCGAAYRPTEEIDLR
SVGWGNIFQLPFKHVRDYRLRHLVPFFIYSGFEVLFACTGIALGYGVCSVGLERLAYLLVAYSLGASAASLLGLLGLWLP
RPVPLVAGAGVHLLLTFILFFWAPVPRVLQHSWILYVAAALWGVGSALNKTGLSTLLGILYEDKERQDFIFTIYHWWQAV
AIFTVYLGSSLHMKAKLAVLLVTLVAAAVSYLRMEQKLRRGVAPRQPRIPRPQHKVRGYRYLEEDNSDESDAEGEHGDGA
EEEAPPAGPRPGPEPAGLGRRPCPYEQAQGGDGPEEQ
;
B
#
loop_
_chem_comp.id
_chem_comp.type
_chem_comp.name
_chem_comp.formula
BMA D-saccharide, beta linking beta-D-mannopyranose 'C6 H12 O6'
NAG D-saccharide, beta linking 2-acetamido-2-deoxy-beta-D-glucopyranose 'C8 H15 N O6'
#
# COMPACT_ATOMS: atom_id res chain seq x y z
N VAL A 30 7.74 -32.76 -0.87
CA VAL A 30 8.68 -33.52 -0.06
C VAL A 30 8.91 -34.90 -0.68
N SER A 31 7.83 -35.55 -1.10
CA SER A 31 7.89 -36.89 -1.68
C SER A 31 7.12 -36.86 -3.00
N HIS A 32 7.81 -36.50 -4.08
CA HIS A 32 7.26 -36.52 -5.43
C HIS A 32 8.22 -37.33 -6.29
N GLU A 33 8.00 -38.65 -6.32
CA GLU A 33 8.85 -39.62 -7.00
C GLU A 33 10.29 -39.63 -6.49
N VAL A 34 10.58 -38.86 -5.44
CA VAL A 34 11.89 -38.84 -4.81
C VAL A 34 11.69 -38.86 -3.30
N ALA A 35 12.74 -39.28 -2.60
CA ALA A 35 12.74 -39.35 -1.13
C ALA A 35 13.79 -38.39 -0.62
N ASP A 36 13.40 -37.13 -0.42
CA ASP A 36 14.32 -36.10 0.06
C ASP A 36 14.47 -36.23 1.56
N CYS A 37 15.60 -36.78 2.01
CA CYS A 37 15.92 -36.90 3.42
C CYS A 37 17.23 -36.21 3.77
N SER A 38 17.69 -35.28 2.94
CA SER A 38 18.94 -34.59 3.18
C SER A 38 18.75 -33.50 4.22
N HIS A 39 19.77 -33.33 5.07
CA HIS A 39 19.76 -32.32 6.14
C HIS A 39 18.58 -32.51 7.09
N LEU A 40 18.09 -33.74 7.22
CA LEU A 40 16.99 -34.06 8.11
C LEU A 40 17.41 -34.97 9.26
N LYS A 41 18.61 -35.56 9.20
CA LYS A 41 19.17 -36.36 10.28
C LYS A 41 18.30 -37.57 10.62
N LEU A 42 18.49 -38.67 9.89
CA LEU A 42 17.80 -39.93 10.17
C LEU A 42 18.83 -41.02 10.39
N THR A 43 18.60 -41.83 11.42
CA THR A 43 19.53 -42.89 11.78
C THR A 43 19.24 -44.19 11.03
N GLN A 44 17.98 -44.55 10.88
CA GLN A 44 17.59 -45.77 10.18
C GLN A 44 16.75 -45.43 8.96
N VAL A 45 16.62 -46.42 8.08
CA VAL A 45 15.86 -46.22 6.84
C VAL A 45 14.38 -46.11 7.16
N PRO A 46 13.66 -45.13 6.60
CA PRO A 46 12.22 -45.02 6.89
C PRO A 46 11.44 -46.16 6.27
N ASP A 47 10.40 -46.58 6.98
CA ASP A 47 9.51 -47.65 6.51
C ASP A 47 8.07 -47.16 6.34
N ASP A 48 7.87 -45.85 6.21
CA ASP A 48 6.55 -45.28 6.06
C ASP A 48 6.35 -44.56 4.73
N LEU A 49 7.39 -44.43 3.91
CA LEU A 49 7.23 -43.79 2.61
C LEU A 49 6.38 -44.66 1.70
N PRO A 50 5.58 -44.07 0.81
CA PRO A 50 4.72 -44.87 -0.07
C PRO A 50 5.54 -45.79 -0.97
N THR A 51 4.93 -46.91 -1.34
CA THR A 51 5.60 -47.94 -2.13
C THR A 51 5.77 -47.55 -3.59
N ASN A 52 5.20 -46.43 -4.03
CA ASN A 52 5.35 -45.98 -5.41
C ASN A 52 6.64 -45.19 -5.63
N ILE A 53 7.59 -45.27 -4.70
CA ILE A 53 8.82 -44.50 -4.81
C ILE A 53 9.82 -45.25 -5.68
N THR A 54 10.76 -44.50 -6.26
CA THR A 54 11.81 -45.09 -7.07
C THR A 54 13.17 -44.43 -6.89
N VAL A 55 13.26 -43.25 -6.28
CA VAL A 55 14.52 -42.57 -6.03
C VAL A 55 14.59 -42.23 -4.54
N LEU A 56 15.71 -42.58 -3.91
CA LEU A 56 15.95 -42.23 -2.52
C LEU A 56 17.12 -41.25 -2.42
N ASN A 57 17.15 -40.50 -1.33
CA ASN A 57 18.22 -39.53 -1.07
C ASN A 57 18.42 -39.47 0.44
N LEU A 58 19.35 -40.25 0.95
CA LEU A 58 19.66 -40.32 2.37
C LEU A 58 21.02 -39.68 2.68
N THR A 59 21.26 -38.51 2.11
CA THR A 59 22.53 -37.81 2.30
C THR A 59 22.48 -36.95 3.56
N HIS A 60 23.67 -36.74 4.14
CA HIS A 60 23.83 -35.94 5.37
C HIS A 60 22.95 -36.48 6.50
N ASN A 61 22.97 -37.78 6.68
CA ASN A 61 22.20 -38.46 7.73
C ASN A 61 23.15 -39.32 8.57
N GLN A 62 22.58 -40.09 9.49
CA GLN A 62 23.38 -40.98 10.32
C GLN A 62 23.04 -42.45 10.07
N LEU A 63 22.91 -42.83 8.80
CA LEU A 63 22.70 -44.23 8.47
C LEU A 63 23.95 -45.04 8.81
N ARG A 64 23.74 -46.14 9.54
CA ARG A 64 24.84 -47.01 9.95
C ARG A 64 24.86 -48.34 9.18
N ARG A 65 23.73 -49.04 9.14
CA ARG A 65 23.62 -50.28 8.40
C ARG A 65 22.46 -50.21 7.43
N LEU A 66 22.49 -51.09 6.42
CA LEU A 66 21.45 -51.21 5.41
C LEU A 66 20.94 -52.65 5.44
N PRO A 67 20.07 -52.99 6.40
CA PRO A 67 19.57 -54.37 6.47
C PRO A 67 18.68 -54.69 5.29
N ALA A 68 18.86 -55.90 4.74
CA ALA A 68 18.03 -56.32 3.60
C ALA A 68 16.62 -56.66 4.03
N ALA A 69 16.43 -57.07 5.29
CA ALA A 69 15.08 -57.40 5.76
C ALA A 69 14.20 -56.17 5.86
N ASN A 70 14.78 -55.00 6.16
CA ASN A 70 14.01 -53.77 6.24
C ASN A 70 13.72 -53.15 4.89
N PHE A 71 14.28 -53.70 3.81
CA PHE A 71 14.03 -53.21 2.46
C PHE A 71 13.16 -54.17 1.66
N THR A 72 12.43 -55.06 2.33
CA THR A 72 11.56 -56.00 1.64
C THR A 72 10.32 -55.33 1.06
N ARG A 73 9.90 -54.19 1.63
CA ARG A 73 8.72 -53.50 1.14
C ARG A 73 8.98 -52.81 -0.20
N TYR A 74 10.21 -52.38 -0.45
CA TYR A 74 10.56 -51.65 -1.66
C TYR A 74 11.25 -52.61 -2.63
N SER A 75 10.76 -52.66 -3.87
CA SER A 75 11.33 -53.53 -4.89
C SER A 75 11.49 -52.86 -6.25
N GLN A 76 10.73 -51.81 -6.55
CA GLN A 76 10.83 -51.11 -7.83
C GLN A 76 11.91 -50.02 -7.82
N LEU A 77 12.85 -50.09 -6.88
CA LEU A 77 13.88 -49.08 -6.76
C LEU A 77 14.82 -49.10 -7.95
N THR A 78 15.23 -47.91 -8.41
CA THR A 78 16.18 -47.80 -9.51
C THR A 78 17.36 -46.93 -9.10
N SER A 79 17.15 -46.01 -8.16
CA SER A 79 18.18 -45.10 -7.70
C SER A 79 18.30 -45.18 -6.18
N LEU A 80 19.52 -45.39 -5.70
CA LEU A 80 19.79 -45.50 -4.27
C LEU A 80 20.91 -44.52 -3.91
N ASP A 81 20.70 -43.76 -2.85
CA ASP A 81 21.68 -42.76 -2.41
C ASP A 81 21.76 -42.80 -0.89
N VAL A 82 22.89 -43.22 -0.37
CA VAL A 82 23.13 -43.25 1.08
C VAL A 82 24.44 -42.54 1.39
N GLY A 83 24.80 -41.58 0.55
CA GLY A 83 26.08 -40.91 0.67
C GLY A 83 26.14 -39.99 1.88
N PHE A 84 27.36 -39.50 2.13
CA PHE A 84 27.65 -38.57 3.22
C PHE A 84 27.25 -39.14 4.58
N ASN A 85 27.30 -40.47 4.73
CA ASN A 85 26.95 -41.12 5.99
C ASN A 85 28.15 -41.86 6.55
N THR A 86 27.89 -42.87 7.38
CA THR A 86 28.96 -43.70 7.97
C THR A 86 28.45 -45.14 8.05
N ILE A 87 28.79 -45.94 7.04
CA ILE A 87 28.45 -47.36 6.99
C ILE A 87 29.75 -48.15 6.95
N SER A 88 29.87 -49.13 7.85
CA SER A 88 31.04 -49.99 7.89
C SER A 88 31.08 -50.90 6.66
N LYS A 89 30.24 -51.94 6.66
CA LYS A 89 30.15 -52.88 5.56
C LYS A 89 28.76 -52.82 4.93
N LEU A 90 28.70 -53.11 3.64
CA LEU A 90 27.43 -53.15 2.92
C LEU A 90 26.84 -54.55 2.98
N GLU A 91 25.56 -54.64 3.30
CA GLU A 91 24.89 -55.93 3.41
C GLU A 91 24.85 -56.58 2.04
N PRO A 92 25.45 -57.76 1.87
CA PRO A 92 25.60 -58.32 0.51
C PRO A 92 24.29 -58.70 -0.16
N GLU A 93 23.30 -59.14 0.61
CA GLU A 93 22.02 -59.57 0.04
C GLU A 93 21.07 -58.42 -0.23
N LEU A 94 21.55 -57.18 -0.15
CA LEU A 94 20.72 -56.00 -0.31
C LEU A 94 20.14 -55.91 -1.72
N CYS A 95 20.98 -56.05 -2.75
CA CYS A 95 20.53 -55.80 -4.11
C CYS A 95 19.64 -56.91 -4.65
N GLN A 96 19.53 -58.02 -3.91
CA GLN A 96 18.75 -59.16 -4.40
C GLN A 96 17.28 -58.79 -4.53
N LYS A 97 16.75 -58.03 -3.58
CA LYS A 97 15.36 -57.61 -3.61
C LYS A 97 15.16 -56.32 -4.40
N LEU A 98 16.19 -55.80 -5.06
CA LEU A 98 16.10 -54.61 -5.90
C LEU A 98 16.56 -55.00 -7.30
N PRO A 99 15.69 -55.62 -8.10
CA PRO A 99 16.10 -56.06 -9.44
C PRO A 99 16.18 -54.93 -10.45
N MET A 100 15.71 -53.73 -10.12
CA MET A 100 15.72 -52.60 -11.04
C MET A 100 16.73 -51.53 -10.65
N LEU A 101 17.57 -51.79 -9.65
CA LEU A 101 18.50 -50.78 -9.16
C LEU A 101 19.54 -50.47 -10.23
N LYS A 102 19.68 -49.19 -10.56
CA LYS A 102 20.61 -48.73 -11.59
C LYS A 102 21.62 -47.73 -11.07
N VAL A 103 21.24 -46.87 -10.12
CA VAL A 103 22.13 -45.87 -9.55
C VAL A 103 22.39 -46.25 -8.09
N LEU A 104 23.66 -46.37 -7.74
CA LEU A 104 24.07 -46.74 -6.38
C LEU A 104 25.20 -45.80 -5.98
N ASN A 105 24.99 -45.03 -4.91
CA ASN A 105 25.92 -43.99 -4.49
C ASN A 105 26.38 -44.30 -3.07
N LEU A 106 27.70 -44.39 -2.89
CA LEU A 106 28.31 -44.63 -1.59
C LEU A 106 29.31 -43.54 -1.25
N GLN A 107 28.94 -42.28 -1.49
CA GLN A 107 29.85 -41.17 -1.30
C GLN A 107 30.13 -40.91 0.18
N HIS A 108 31.40 -40.69 0.51
CA HIS A 108 31.83 -40.31 1.85
C HIS A 108 31.36 -41.32 2.89
N ASN A 109 31.69 -42.59 2.66
CA ASN A 109 31.32 -43.69 3.53
C ASN A 109 32.57 -44.42 4.00
N GLU A 110 32.37 -45.40 4.87
CA GLU A 110 33.50 -46.08 5.50
C GLU A 110 33.55 -47.56 5.15
N LEU A 111 33.68 -47.89 3.87
CA LEU A 111 33.84 -49.28 3.43
C LEU A 111 35.26 -49.44 2.90
N SER A 112 36.17 -49.87 3.78
CA SER A 112 37.56 -50.07 3.38
C SER A 112 37.73 -51.35 2.57
N GLN A 113 37.52 -52.50 3.20
CA GLN A 113 37.66 -53.79 2.54
C GLN A 113 36.38 -54.14 1.79
N LEU A 114 36.54 -54.66 0.57
CA LEU A 114 35.43 -55.07 -0.26
C LEU A 114 35.52 -56.57 -0.52
N SER A 115 34.36 -57.23 -0.52
CA SER A 115 34.28 -58.67 -0.72
C SER A 115 33.68 -58.98 -2.08
N ASP A 116 33.85 -60.23 -2.51
CA ASP A 116 33.34 -60.65 -3.81
C ASP A 116 31.83 -60.85 -3.79
N LYS A 117 31.28 -61.25 -2.65
CA LYS A 117 29.85 -61.52 -2.53
C LYS A 117 29.01 -60.26 -2.35
N THR A 118 29.62 -59.07 -2.44
CA THR A 118 28.86 -57.83 -2.26
C THR A 118 27.88 -57.62 -3.40
N PHE A 119 28.35 -57.76 -4.64
CA PHE A 119 27.51 -57.65 -5.83
C PHE A 119 27.75 -58.91 -6.66
N ALA A 120 27.02 -59.98 -6.35
CA ALA A 120 27.20 -61.27 -7.02
C ALA A 120 25.98 -61.68 -7.82
N PHE A 121 24.78 -61.64 -7.23
CA PHE A 121 23.56 -62.03 -7.93
C PHE A 121 22.72 -60.85 -8.37
N CYS A 122 23.32 -59.67 -8.50
CA CYS A 122 22.60 -58.46 -8.93
C CYS A 122 23.39 -57.84 -10.06
N THR A 123 22.82 -57.86 -11.27
CA THR A 123 23.50 -57.42 -12.48
C THR A 123 22.83 -56.27 -13.19
N ASN A 124 21.68 -55.78 -12.71
CA ASN A 124 21.00 -54.67 -13.36
C ASN A 124 21.58 -53.32 -12.97
N LEU A 125 22.72 -53.28 -12.29
CA LEU A 125 23.30 -52.03 -11.84
C LEU A 125 23.95 -51.30 -13.02
N THR A 126 23.78 -49.98 -13.05
CA THR A 126 24.32 -49.17 -14.15
C THR A 126 25.35 -48.14 -13.70
N GLU A 127 25.12 -47.45 -12.59
CA GLU A 127 26.09 -46.53 -12.04
C GLU A 127 26.63 -47.06 -10.71
N LEU A 128 27.83 -46.63 -10.35
CA LEU A 128 28.45 -47.03 -9.10
C LEU A 128 29.37 -45.90 -8.63
N HIS A 129 29.01 -45.27 -7.52
CA HIS A 129 29.78 -44.18 -6.92
C HIS A 129 30.33 -44.65 -5.59
N LEU A 130 31.66 -44.77 -5.50
CA LEU A 130 32.34 -45.22 -4.29
C LEU A 130 33.40 -44.20 -3.88
N MET A 131 33.03 -42.93 -3.90
CA MET A 131 33.96 -41.87 -3.57
C MET A 131 34.12 -41.76 -2.07
N SER A 132 35.37 -41.55 -1.63
CA SER A 132 35.72 -41.44 -0.22
C SER A 132 35.27 -42.67 0.56
N ASN A 133 36.04 -43.75 0.49
CA ASN A 133 35.68 -44.99 1.17
C ASN A 133 36.86 -45.65 1.87
N SER A 134 38.06 -45.07 1.82
CA SER A 134 39.25 -45.64 2.44
C SER A 134 39.55 -47.05 1.94
N ILE A 135 39.27 -47.30 0.66
CA ILE A 135 39.56 -48.61 0.08
C ILE A 135 41.06 -48.73 -0.15
N GLN A 136 41.64 -49.83 0.33
CA GLN A 136 43.08 -50.02 0.26
C GLN A 136 43.50 -50.81 -0.97
N LYS A 137 42.90 -51.97 -1.20
CA LYS A 137 43.31 -52.82 -2.31
C LYS A 137 42.15 -53.72 -2.73
N ILE A 138 42.26 -54.26 -3.94
CA ILE A 138 41.28 -55.17 -4.50
C ILE A 138 41.88 -56.57 -4.52
N LYS A 139 41.15 -57.54 -3.97
CA LYS A 139 41.68 -58.90 -3.80
C LYS A 139 41.33 -59.81 -4.97
N ASN A 140 40.04 -59.97 -5.27
CA ASN A 140 39.60 -60.91 -6.30
C ASN A 140 38.32 -60.37 -6.94
N ASN A 141 38.46 -59.83 -8.16
CA ASN A 141 37.43 -59.31 -9.06
C ASN A 141 36.05 -59.10 -8.43
N PRO A 142 35.90 -58.14 -7.52
CA PRO A 142 34.57 -57.86 -6.97
C PRO A 142 33.65 -57.21 -7.99
N PHE A 143 34.19 -56.48 -8.95
CA PHE A 143 33.39 -55.87 -10.02
C PHE A 143 33.44 -56.77 -11.25
N VAL A 144 32.72 -57.90 -11.15
CA VAL A 144 32.73 -58.90 -12.21
C VAL A 144 31.33 -59.27 -12.71
N LYS A 145 30.28 -59.12 -11.90
CA LYS A 145 28.95 -59.57 -12.27
C LYS A 145 28.02 -58.42 -12.62
N GLN A 146 28.56 -57.26 -13.00
CA GLN A 146 27.76 -56.12 -13.45
C GLN A 146 28.02 -55.94 -14.94
N LYS A 147 27.22 -56.63 -15.76
CA LYS A 147 27.37 -56.52 -17.21
C LYS A 147 26.76 -55.26 -17.76
N ASN A 148 26.00 -54.51 -16.95
CA ASN A 148 25.37 -53.26 -17.37
C ASN A 148 26.02 -52.04 -16.75
N LEU A 149 27.17 -52.20 -16.10
CA LEU A 149 27.86 -51.07 -15.48
C LEU A 149 28.44 -50.15 -16.55
N ILE A 150 28.11 -48.88 -16.48
CA ILE A 150 28.57 -47.88 -17.44
C ILE A 150 29.55 -46.89 -16.80
N THR A 151 29.21 -46.39 -15.62
CA THR A 151 30.03 -45.41 -14.91
C THR A 151 30.46 -46.01 -13.59
N LEU A 152 31.77 -46.07 -13.37
CA LEU A 152 32.35 -46.59 -12.13
C LEU A 152 33.35 -45.59 -11.60
N ASP A 153 33.27 -45.30 -10.29
CA ASP A 153 34.09 -44.27 -9.67
C ASP A 153 34.68 -44.83 -8.38
N LEU A 154 36.01 -44.78 -8.26
CA LEU A 154 36.73 -45.13 -7.05
C LEU A 154 37.64 -44.00 -6.60
N SER A 155 37.25 -42.76 -6.87
CA SER A 155 38.09 -41.63 -6.51
C SER A 155 37.99 -41.35 -5.02
N HIS A 156 38.86 -40.45 -4.55
CA HIS A 156 38.99 -40.07 -3.16
C HIS A 156 39.32 -41.25 -2.24
N ASN A 157 39.85 -42.33 -2.80
CA ASN A 157 40.12 -43.54 -2.04
C ASN A 157 41.62 -43.64 -1.76
N GLY A 158 42.06 -44.84 -1.37
CA GLY A 158 43.46 -45.05 -1.05
C GLY A 158 44.09 -46.22 -1.79
N LEU A 159 43.69 -46.45 -3.03
CA LEU A 159 44.26 -47.53 -3.81
C LEU A 159 45.69 -47.21 -4.22
N SER A 160 46.56 -48.22 -4.17
CA SER A 160 47.93 -48.09 -4.61
C SER A 160 48.19 -48.81 -5.93
N SER A 161 47.17 -49.45 -6.51
CA SER A 161 47.31 -50.14 -7.78
C SER A 161 45.98 -50.07 -8.52
N THR A 162 46.07 -50.06 -9.85
CA THR A 162 44.89 -49.95 -10.71
C THR A 162 44.32 -51.31 -11.08
N LYS A 163 44.55 -52.34 -10.28
CA LYS A 163 44.03 -53.68 -10.55
C LYS A 163 42.67 -53.83 -9.88
N LEU A 164 41.64 -54.03 -10.69
CA LEU A 164 40.27 -54.19 -10.20
C LEU A 164 39.70 -55.56 -10.51
N GLY A 165 40.46 -56.45 -11.13
CA GLY A 165 39.95 -57.77 -11.45
C GLY A 165 41.07 -58.69 -11.86
N THR A 166 40.70 -59.95 -12.11
CA THR A 166 41.66 -60.97 -12.52
C THR A 166 41.40 -61.53 -13.90
N GLN A 167 40.28 -61.20 -14.54
CA GLN A 167 39.95 -61.71 -15.86
C GLN A 167 39.22 -60.62 -16.63
N VAL A 168 38.76 -60.97 -17.84
CA VAL A 168 38.02 -60.03 -18.66
C VAL A 168 36.66 -59.75 -18.00
N GLN A 169 36.37 -58.47 -17.80
CA GLN A 169 35.13 -58.06 -17.13
C GLN A 169 34.83 -56.63 -17.53
N LEU A 170 33.65 -56.16 -17.09
CA LEU A 170 33.19 -54.80 -17.37
C LEU A 170 33.14 -54.53 -18.87
N GLU A 171 32.34 -55.32 -19.58
CA GLU A 171 32.28 -55.23 -21.03
C GLU A 171 31.70 -53.90 -21.51
N ASN A 172 30.84 -53.27 -20.72
CA ASN A 172 30.18 -52.03 -21.09
C ASN A 172 30.63 -50.84 -20.26
N LEU A 173 31.73 -50.97 -19.52
CA LEU A 173 32.25 -49.86 -18.75
C LEU A 173 32.79 -48.78 -19.68
N GLN A 174 32.44 -47.54 -19.42
CA GLN A 174 32.86 -46.41 -20.25
C GLN A 174 33.62 -45.35 -19.48
N GLU A 175 33.20 -45.03 -18.26
CA GLU A 175 33.89 -44.06 -17.42
C GLU A 175 34.48 -44.78 -16.20
N LEU A 176 35.78 -44.60 -15.99
CA LEU A 176 36.48 -45.16 -14.84
C LEU A 176 37.27 -44.04 -14.17
N LEU A 177 36.79 -43.60 -13.01
CA LEU A 177 37.38 -42.48 -12.29
C LEU A 177 38.23 -43.03 -11.14
N LEU A 178 39.54 -42.99 -11.31
CA LEU A 178 40.49 -43.46 -10.30
C LEU A 178 41.34 -42.32 -9.76
N SER A 179 40.80 -41.10 -9.76
CA SER A 179 41.54 -39.92 -9.35
C SER A 179 41.68 -39.87 -7.83
N ASN A 180 42.56 -38.97 -7.37
CA ASN A 180 42.75 -38.72 -5.94
C ASN A 180 43.13 -39.99 -5.19
N ASN A 181 43.97 -40.82 -5.80
CA ASN A 181 44.43 -42.07 -5.22
C ASN A 181 45.95 -42.02 -5.07
N LYS A 182 46.52 -43.15 -4.64
CA LYS A 182 47.96 -43.29 -4.44
C LYS A 182 48.57 -44.27 -5.42
N ILE A 183 48.19 -44.17 -6.69
CA ILE A 183 48.77 -45.04 -7.72
C ILE A 183 50.15 -44.52 -8.08
N GLN A 184 51.15 -45.42 -8.03
CA GLN A 184 52.53 -45.04 -8.29
C GLN A 184 52.99 -45.33 -9.71
N ALA A 185 52.52 -46.42 -10.31
CA ALA A 185 52.94 -46.78 -11.66
C ALA A 185 51.81 -47.54 -12.35
N LEU A 186 51.83 -47.49 -13.68
CA LEU A 186 50.84 -48.16 -14.51
C LEU A 186 51.48 -49.33 -15.22
N LYS A 187 50.81 -50.49 -15.15
CA LYS A 187 51.28 -51.71 -15.81
C LYS A 187 50.14 -52.32 -16.61
N SER A 188 50.51 -53.09 -17.64
CA SER A 188 49.50 -53.74 -18.46
C SER A 188 48.85 -54.92 -17.75
N GLU A 189 49.54 -55.50 -16.77
CA GLU A 189 49.00 -56.65 -16.03
C GLU A 189 47.81 -56.27 -15.16
N GLU A 190 47.59 -54.97 -14.91
CA GLU A 190 46.42 -54.52 -14.17
C GLU A 190 45.37 -53.88 -15.06
N LEU A 191 45.70 -53.56 -16.31
CA LEU A 191 44.77 -52.97 -17.25
C LEU A 191 44.29 -53.97 -18.31
N ASP A 192 44.81 -55.20 -18.29
CA ASP A 192 44.39 -56.21 -19.25
C ASP A 192 42.93 -56.64 -19.06
N ILE A 193 42.29 -56.24 -17.96
CA ILE A 193 40.90 -56.59 -17.73
C ILE A 193 39.93 -55.76 -18.56
N PHE A 194 40.42 -54.73 -19.25
CA PHE A 194 39.60 -53.87 -20.09
C PHE A 194 39.84 -54.11 -21.57
N ALA A 195 40.20 -55.33 -21.94
CA ALA A 195 40.53 -55.64 -23.32
C ALA A 195 39.32 -55.63 -24.24
N ASN A 196 38.12 -55.75 -23.69
CA ASN A 196 36.88 -55.80 -24.47
C ASN A 196 35.94 -54.67 -24.05
N SER A 197 36.47 -53.46 -23.86
CA SER A 197 35.67 -52.34 -23.43
C SER A 197 36.19 -51.06 -24.09
N SER A 198 35.43 -49.98 -23.90
CA SER A 198 35.77 -48.67 -24.45
C SER A 198 35.74 -47.64 -23.32
N LEU A 199 36.91 -47.34 -22.77
CA LEU A 199 37.02 -46.36 -21.69
C LEU A 199 36.88 -44.97 -22.28
N LYS A 200 35.66 -44.42 -22.23
CA LYS A 200 35.42 -43.08 -22.74
C LYS A 200 36.12 -42.01 -21.92
N LYS A 201 36.35 -42.26 -20.64
CA LYS A 201 37.04 -41.30 -19.78
C LYS A 201 37.78 -42.08 -18.70
N LEU A 202 39.08 -41.86 -18.59
CA LEU A 202 39.94 -42.53 -17.61
C LEU A 202 40.51 -41.45 -16.70
N GLU A 203 39.80 -41.14 -15.62
CA GLU A 203 40.18 -40.07 -14.71
C GLU A 203 41.29 -40.57 -13.79
N LEU A 204 42.53 -40.22 -14.11
CA LEU A 204 43.68 -40.55 -13.26
C LEU A 204 44.35 -39.29 -12.74
N SER A 205 43.57 -38.24 -12.48
CA SER A 205 44.11 -36.98 -12.02
C SER A 205 44.51 -37.05 -10.55
N SER A 206 45.42 -36.16 -10.16
CA SER A 206 45.90 -36.02 -8.79
C SER A 206 46.46 -37.35 -8.28
N ASN A 207 47.53 -37.79 -8.96
CA ASN A 207 48.21 -39.03 -8.62
C ASN A 207 49.71 -38.79 -8.66
N GLN A 208 50.48 -39.80 -8.29
CA GLN A 208 51.93 -39.72 -8.33
C GLN A 208 52.49 -40.73 -9.33
N ILE A 209 52.05 -40.66 -10.58
CA ILE A 209 52.52 -41.58 -11.60
C ILE A 209 53.95 -41.20 -11.98
N LYS A 210 54.89 -42.11 -11.74
CA LYS A 210 56.30 -41.87 -12.04
C LYS A 210 56.91 -42.90 -12.97
N GLU A 211 56.12 -43.86 -13.47
CA GLU A 211 56.65 -44.89 -14.35
C GLU A 211 55.54 -45.42 -15.23
N PHE A 212 55.82 -45.56 -16.52
CA PHE A 212 54.88 -46.12 -17.49
C PHE A 212 55.50 -47.38 -18.10
N SER A 213 55.02 -48.53 -17.66
CA SER A 213 55.53 -49.79 -18.18
C SER A 213 55.16 -49.95 -19.66
N PRO A 214 56.01 -50.59 -20.45
CA PRO A 214 55.74 -50.70 -21.89
C PRO A 214 54.48 -51.47 -22.18
N GLY A 215 53.61 -50.88 -23.00
CA GLY A 215 52.37 -51.52 -23.40
C GLY A 215 51.27 -51.48 -22.36
N CYS A 216 51.29 -50.50 -21.46
CA CYS A 216 50.26 -50.43 -20.42
C CYS A 216 48.93 -49.93 -20.98
N PHE A 217 48.96 -48.87 -21.79
CA PHE A 217 47.73 -48.32 -22.35
C PHE A 217 47.15 -49.19 -23.46
N HIS A 218 47.95 -50.08 -24.04
CA HIS A 218 47.45 -50.94 -25.11
C HIS A 218 46.61 -52.10 -24.60
N ALA A 219 46.57 -52.33 -23.29
CA ALA A 219 45.78 -53.42 -22.75
C ALA A 219 44.28 -53.15 -22.84
N ILE A 220 43.88 -51.89 -22.97
CA ILE A 220 42.47 -51.52 -23.08
C ILE A 220 42.07 -51.59 -24.54
N GLY A 221 40.86 -52.08 -24.80
CA GLY A 221 40.34 -52.20 -26.14
C GLY A 221 40.28 -50.89 -26.89
N ARG A 222 39.59 -49.91 -26.32
CA ARG A 222 39.49 -48.58 -26.92
C ARG A 222 39.57 -47.54 -25.82
N LEU A 223 40.56 -46.65 -25.89
CA LEU A 223 40.77 -45.60 -24.92
C LEU A 223 40.49 -44.27 -25.58
N PHE A 224 39.50 -43.55 -25.07
CA PHE A 224 39.07 -42.28 -25.66
C PHE A 224 39.50 -41.06 -24.86
N GLY A 225 39.24 -41.04 -23.55
CA GLY A 225 39.59 -39.92 -22.71
C GLY A 225 40.71 -40.27 -21.76
N LEU A 226 41.53 -39.28 -21.43
CA LEU A 226 42.69 -39.49 -20.58
C LEU A 226 42.92 -38.23 -19.77
N PHE A 227 42.64 -38.28 -18.47
CA PHE A 227 42.69 -37.11 -17.60
C PHE A 227 43.77 -37.32 -16.54
N LEU A 228 44.92 -36.69 -16.73
CA LEU A 228 45.99 -36.69 -15.74
C LEU A 228 46.26 -35.25 -15.29
N ASN A 229 45.46 -34.79 -14.34
CA ASN A 229 45.55 -33.43 -13.83
C ASN A 229 46.17 -33.44 -12.44
N ASN A 230 46.91 -32.38 -12.13
CA ASN A 230 47.59 -32.23 -10.84
C ASN A 230 48.53 -33.40 -10.55
N VAL A 231 49.17 -33.92 -11.60
CA VAL A 231 50.10 -35.04 -11.49
C VAL A 231 51.48 -34.56 -11.86
N GLN A 232 52.45 -34.79 -10.98
CA GLN A 232 53.82 -34.35 -11.19
C GLN A 232 54.47 -35.18 -12.29
N LEU A 233 54.54 -34.63 -13.50
CA LEU A 233 55.15 -35.31 -14.63
C LEU A 233 56.53 -34.77 -14.91
N GLY A 234 56.59 -33.65 -15.64
CA GLY A 234 57.86 -33.09 -16.05
C GLY A 234 58.15 -33.40 -17.50
N PRO A 235 59.26 -32.88 -18.02
CA PRO A 235 59.58 -33.11 -19.45
C PRO A 235 59.79 -34.57 -19.78
N SER A 236 60.61 -35.28 -19.00
CA SER A 236 60.89 -36.68 -19.28
C SER A 236 59.63 -37.53 -19.19
N LEU A 237 58.85 -37.35 -18.12
CA LEU A 237 57.63 -38.14 -17.95
C LEU A 237 56.62 -37.83 -19.04
N THR A 238 56.55 -36.57 -19.47
CA THR A 238 55.63 -36.23 -20.56
C THR A 238 56.06 -36.87 -21.86
N GLU A 239 57.36 -36.89 -22.16
CA GLU A 239 57.83 -37.56 -23.37
C GLU A 239 57.54 -39.06 -23.31
N LYS A 240 57.75 -39.69 -22.15
CA LYS A 240 57.47 -41.12 -22.05
C LYS A 240 55.98 -41.41 -22.20
N LEU A 241 55.12 -40.58 -21.60
CA LEU A 241 53.68 -40.77 -21.76
C LEU A 241 53.26 -40.55 -23.20
N CYS A 242 53.89 -39.60 -23.89
CA CYS A 242 53.52 -39.31 -25.27
C CYS A 242 53.94 -40.43 -26.20
N LEU A 243 55.14 -40.99 -25.98
CA LEU A 243 55.59 -42.09 -26.83
C LEU A 243 54.89 -43.40 -26.48
N GLU A 244 54.36 -43.52 -25.26
CA GLU A 244 53.65 -44.75 -24.90
C GLU A 244 52.30 -44.85 -25.58
N LEU A 245 51.66 -43.71 -25.88
CA LEU A 245 50.33 -43.68 -26.50
C LEU A 245 50.39 -43.97 -28.00
N ALA A 246 51.25 -44.89 -28.43
CA ALA A 246 51.33 -45.22 -29.85
C ALA A 246 50.22 -46.17 -30.25
N ASN A 247 49.77 -46.04 -31.51
CA ASN A 247 48.68 -46.86 -32.06
C ASN A 247 47.42 -46.81 -31.19
N THR A 248 47.18 -45.69 -30.52
CA THR A 248 46.05 -45.56 -29.62
C THR A 248 45.00 -44.63 -30.21
N SER A 249 43.73 -44.95 -29.94
CA SER A 249 42.60 -44.16 -30.41
C SER A 249 42.19 -43.10 -29.42
N ILE A 250 43.15 -42.43 -28.78
CA ILE A 250 42.85 -41.40 -27.79
C ILE A 250 42.34 -40.16 -28.49
N ARG A 251 41.29 -39.56 -27.94
CA ARG A 251 40.68 -38.35 -28.50
C ARG A 251 40.92 -37.11 -27.66
N ASN A 252 40.75 -37.20 -26.34
CA ASN A 252 40.97 -36.09 -25.44
C ASN A 252 42.11 -36.42 -24.49
N LEU A 253 42.94 -35.42 -24.18
CA LEU A 253 44.08 -35.61 -23.30
C LEU A 253 44.27 -34.34 -22.50
N SER A 254 44.01 -34.40 -21.20
CA SER A 254 44.09 -33.24 -20.31
C SER A 254 45.33 -33.35 -19.44
N LEU A 255 46.24 -32.39 -19.58
CA LEU A 255 47.44 -32.31 -18.78
C LEU A 255 47.49 -31.01 -17.99
N SER A 256 46.34 -30.58 -17.48
CA SER A 256 46.29 -29.34 -16.71
C SER A 256 46.96 -29.52 -15.36
N ASN A 257 47.68 -28.48 -14.93
CA ASN A 257 48.39 -28.47 -13.65
C ASN A 257 49.39 -29.61 -13.57
N SER A 258 50.13 -29.81 -14.66
CA SER A 258 51.16 -30.85 -14.73
C SER A 258 52.56 -30.29 -14.55
N GLN A 259 52.71 -28.99 -14.33
CA GLN A 259 54.00 -28.35 -14.12
C GLN A 259 54.95 -28.60 -15.28
N LEU A 260 54.42 -28.55 -16.51
CA LEU A 260 55.24 -28.69 -17.71
C LEU A 260 55.89 -27.35 -18.02
N SER A 261 57.20 -27.25 -17.81
CA SER A 261 57.89 -25.98 -17.97
C SER A 261 58.29 -25.74 -19.42
N THR A 262 59.08 -26.64 -20.00
CA THR A 262 59.62 -26.47 -21.33
C THR A 262 59.29 -27.69 -22.18
N THR A 263 58.86 -27.44 -23.42
CA THR A 263 58.58 -28.49 -24.38
C THR A 263 59.49 -28.33 -25.60
N SER A 264 59.66 -29.43 -26.33
CA SER A 264 60.47 -29.45 -27.54
C SER A 264 59.72 -30.18 -28.65
N ASN A 265 60.36 -30.32 -29.80
CA ASN A 265 59.75 -31.02 -30.92
C ASN A 265 59.75 -32.53 -30.74
N THR A 266 60.41 -33.05 -29.71
CA THR A 266 60.43 -34.47 -29.42
C THR A 266 59.54 -34.85 -28.25
N THR A 267 58.86 -33.89 -27.63
CA THR A 267 57.97 -34.20 -26.51
C THR A 267 56.75 -34.97 -26.98
N PHE A 268 55.90 -34.33 -27.79
CA PHE A 268 54.71 -34.97 -28.35
C PHE A 268 55.07 -35.74 -29.62
N LEU A 269 56.02 -36.65 -29.47
CA LEU A 269 56.56 -37.36 -30.63
C LEU A 269 55.58 -38.41 -31.14
N GLY A 270 55.05 -39.24 -30.24
CA GLY A 270 54.17 -40.32 -30.64
C GLY A 270 52.80 -39.87 -31.09
N LEU A 271 52.44 -38.61 -30.85
CA LEU A 271 51.11 -38.10 -31.17
C LEU A 271 50.79 -38.18 -32.66
N LYS A 272 51.79 -38.32 -33.52
CA LYS A 272 51.52 -38.46 -34.94
C LYS A 272 50.93 -39.82 -35.29
N TRP A 273 51.01 -40.80 -34.39
CA TRP A 273 50.38 -42.10 -34.58
C TRP A 273 49.01 -42.19 -33.93
N THR A 274 48.37 -41.06 -33.65
CA THR A 274 47.08 -41.00 -32.98
C THR A 274 46.13 -40.11 -33.79
N ASN A 275 44.91 -39.98 -33.28
CA ASN A 275 43.88 -39.12 -33.85
C ASN A 275 43.35 -38.18 -32.78
N LEU A 276 44.27 -37.56 -32.04
CA LEU A 276 43.89 -36.70 -30.92
C LEU A 276 43.24 -35.42 -31.44
N THR A 277 42.10 -35.07 -30.85
CA THR A 277 41.36 -33.87 -31.23
C THR A 277 41.28 -32.82 -30.14
N MET A 278 41.72 -33.12 -28.92
CA MET A 278 41.67 -32.18 -27.81
C MET A 278 42.94 -32.30 -26.99
N LEU A 279 43.40 -31.16 -26.47
CA LEU A 279 44.63 -31.13 -25.68
C LEU A 279 44.54 -29.97 -24.70
N ASP A 280 44.76 -30.26 -23.42
CA ASP A 280 44.64 -29.28 -22.35
C ASP A 280 45.99 -29.11 -21.66
N LEU A 281 46.73 -28.07 -22.02
CA LEU A 281 47.98 -27.74 -21.38
C LEU A 281 47.86 -26.42 -20.62
N SER A 282 47.14 -26.44 -19.50
CA SER A 282 46.88 -25.25 -18.70
C SER A 282 47.45 -25.41 -17.30
N TYR A 283 47.72 -24.26 -16.67
CA TYR A 283 48.21 -24.20 -15.30
C TYR A 283 49.51 -24.98 -15.11
N ASN A 284 50.32 -25.08 -16.16
CA ASN A 284 51.60 -25.78 -16.11
C ASN A 284 52.79 -24.85 -16.13
N ASN A 285 52.56 -23.53 -16.23
CA ASN A 285 53.62 -22.53 -16.26
C ASN A 285 54.60 -22.80 -17.41
N LEU A 286 54.04 -22.84 -18.62
CA LEU A 286 54.83 -23.06 -19.83
C LEU A 286 55.80 -21.90 -20.04
N ASN A 287 57.04 -22.05 -19.56
CA ASN A 287 58.01 -20.97 -19.67
C ASN A 287 58.49 -20.79 -21.11
N VAL A 288 59.10 -21.83 -21.67
CA VAL A 288 59.64 -21.80 -23.02
C VAL A 288 58.95 -22.87 -23.86
N VAL A 289 58.52 -22.48 -25.06
CA VAL A 289 57.89 -23.40 -26.00
C VAL A 289 58.76 -23.42 -27.25
N GLY A 290 59.47 -24.53 -27.45
CA GLY A 290 60.35 -24.64 -28.59
C GLY A 290 59.61 -24.72 -29.91
N ASN A 291 60.37 -24.60 -31.00
CA ASN A 291 59.78 -24.64 -32.33
C ASN A 291 59.33 -26.07 -32.67
N ASP A 292 58.23 -26.15 -33.43
CA ASP A 292 57.67 -27.42 -33.89
C ASP A 292 57.33 -28.35 -32.73
N SER A 293 56.95 -27.78 -31.58
CA SER A 293 56.57 -28.60 -30.44
C SER A 293 55.26 -29.33 -30.68
N PHE A 294 54.40 -28.79 -31.53
CA PHE A 294 53.11 -29.39 -31.84
C PHE A 294 53.02 -29.78 -33.32
N ALA A 295 54.17 -30.02 -33.95
CA ALA A 295 54.19 -30.40 -35.36
C ALA A 295 53.63 -31.80 -35.60
N TRP A 296 53.49 -32.62 -34.56
CA TRP A 296 52.97 -33.97 -34.68
C TRP A 296 51.49 -34.06 -34.33
N LEU A 297 50.76 -32.95 -34.42
CA LEU A 297 49.32 -32.91 -34.13
C LEU A 297 48.59 -32.33 -35.34
N PRO A 298 48.45 -33.13 -36.41
CA PRO A 298 47.79 -32.60 -37.62
C PRO A 298 46.27 -32.56 -37.53
N GLN A 299 45.66 -33.40 -36.69
CA GLN A 299 44.21 -33.46 -36.59
C GLN A 299 43.69 -32.90 -35.28
N LEU A 300 44.51 -32.17 -34.52
CA LEU A 300 44.05 -31.57 -33.28
C LEU A 300 43.06 -30.44 -33.59
N GLU A 301 41.95 -30.43 -32.86
CA GLU A 301 40.89 -29.45 -33.08
C GLU A 301 40.73 -28.45 -31.94
N TYR A 302 40.91 -28.89 -30.69
CA TYR A 302 40.78 -28.02 -29.53
C TYR A 302 42.10 -28.00 -28.77
N PHE A 303 42.65 -26.80 -28.57
CA PHE A 303 43.91 -26.63 -27.88
C PHE A 303 43.73 -25.62 -26.75
N PHE A 304 44.12 -26.01 -25.55
CA PHE A 304 43.98 -25.18 -24.36
C PHE A 304 45.36 -24.80 -23.83
N LEU A 305 45.59 -23.50 -23.65
CA LEU A 305 46.87 -22.99 -23.16
C LEU A 305 46.68 -21.87 -22.14
N GLU A 306 45.57 -21.88 -21.41
CA GLU A 306 45.28 -20.81 -20.47
C GLU A 306 46.14 -20.92 -19.23
N TYR A 307 46.42 -19.76 -18.62
CA TYR A 307 47.16 -19.67 -17.36
C TYR A 307 48.54 -20.32 -17.47
N ASN A 308 49.51 -19.61 -18.03
CA ASN A 308 50.88 -20.10 -18.13
C ASN A 308 51.82 -18.92 -17.91
N ASN A 309 53.10 -19.13 -18.18
CA ASN A 309 54.15 -18.14 -17.96
C ASN A 309 55.07 -18.06 -19.18
N ILE A 310 54.47 -17.95 -20.37
CA ILE A 310 55.23 -17.87 -21.60
C ILE A 310 56.06 -16.59 -21.60
N GLN A 311 57.38 -16.74 -21.71
CA GLN A 311 58.27 -15.58 -21.71
C GLN A 311 58.42 -15.00 -23.11
N HIS A 312 58.54 -15.85 -24.12
CA HIS A 312 58.77 -15.40 -25.49
C HIS A 312 58.13 -16.42 -26.43
N LEU A 313 57.06 -16.00 -27.11
CA LEU A 313 56.40 -16.85 -28.09
C LEU A 313 57.24 -16.83 -29.36
N PHE A 314 57.89 -17.95 -29.65
CA PHE A 314 58.81 -18.02 -30.79
C PHE A 314 58.05 -17.92 -32.10
N SER A 315 58.81 -17.80 -33.19
CA SER A 315 58.19 -17.65 -34.51
C SER A 315 57.54 -18.96 -34.97
N HIS A 316 58.28 -20.06 -34.88
CA HIS A 316 57.81 -21.36 -35.34
C HIS A 316 57.25 -22.22 -34.22
N SER A 317 56.63 -21.59 -33.21
CA SER A 317 56.10 -22.35 -32.08
C SER A 317 54.88 -23.17 -32.48
N LEU A 318 53.82 -22.50 -32.94
CA LEU A 318 52.58 -23.17 -33.29
C LEU A 318 52.61 -23.68 -34.73
N HIS A 319 53.56 -24.57 -35.00
CA HIS A 319 53.73 -25.16 -36.32
C HIS A 319 53.01 -26.49 -36.38
N GLY A 320 52.28 -26.73 -37.47
CA GLY A 320 51.58 -27.97 -37.69
C GLY A 320 50.15 -27.99 -37.20
N LEU A 321 49.66 -26.90 -36.59
CA LEU A 321 48.29 -26.85 -36.08
C LEU A 321 47.37 -26.19 -37.10
N PHE A 322 47.21 -26.86 -38.24
CA PHE A 322 46.36 -26.39 -39.33
C PHE A 322 44.94 -26.93 -39.24
N ASN A 323 44.54 -27.46 -38.08
CA ASN A 323 43.20 -28.00 -37.90
C ASN A 323 42.52 -27.54 -36.63
N VAL A 324 43.24 -26.88 -35.72
CA VAL A 324 42.65 -26.43 -34.47
C VAL A 324 41.66 -25.31 -34.74
N ARG A 325 40.45 -25.45 -34.19
CA ARG A 325 39.40 -24.45 -34.36
C ARG A 325 39.07 -23.71 -33.07
N TYR A 326 39.82 -23.95 -31.99
CA TYR A 326 39.58 -23.27 -30.72
C TYR A 326 40.90 -23.18 -29.98
N LEU A 327 41.33 -21.95 -29.69
CA LEU A 327 42.57 -21.70 -28.95
C LEU A 327 42.26 -20.79 -27.78
N ASN A 328 42.78 -21.15 -26.61
CA ASN A 328 42.54 -20.41 -25.37
C ASN A 328 43.89 -19.95 -24.83
N LEU A 329 44.14 -18.65 -24.92
CA LEU A 329 45.38 -18.05 -24.41
C LEU A 329 45.13 -17.11 -23.25
N LYS A 330 44.04 -17.32 -22.50
CA LYS A 330 43.73 -16.46 -21.37
C LYS A 330 44.76 -16.64 -20.26
N ARG A 331 45.42 -15.55 -19.89
CA ARG A 331 46.49 -15.55 -18.89
C ARG A 331 47.65 -16.46 -19.28
N SER A 332 47.80 -16.75 -20.58
CA SER A 332 48.85 -17.64 -21.05
C SER A 332 50.23 -17.02 -20.91
N PHE A 333 50.33 -15.69 -20.95
CA PHE A 333 51.61 -15.01 -20.90
C PHE A 333 51.87 -14.48 -19.48
N THR A 334 53.09 -14.01 -19.27
CA THR A 334 53.50 -13.53 -17.96
C THR A 334 52.88 -12.16 -17.67
N LYS A 335 52.84 -11.83 -16.39
CA LYS A 335 52.33 -10.54 -15.94
C LYS A 335 53.47 -9.53 -15.81
N GLN A 336 53.10 -8.25 -15.75
CA GLN A 336 54.06 -7.15 -15.64
C GLN A 336 55.09 -7.18 -16.76
N LEU A 343 57.72 -8.63 -19.41
CA LEU A 343 56.76 -8.50 -20.50
C LEU A 343 56.96 -9.60 -21.54
N PRO A 344 55.87 -10.17 -22.03
CA PRO A 344 55.97 -11.21 -23.05
C PRO A 344 56.30 -10.64 -24.42
N LYS A 345 57.07 -11.41 -25.18
CA LYS A 345 57.47 -11.03 -26.53
C LYS A 345 56.75 -11.94 -27.53
N ILE A 346 56.17 -11.32 -28.56
CA ILE A 346 55.46 -12.05 -29.62
C ILE A 346 56.03 -11.60 -30.95
N ASP A 347 56.52 -12.55 -31.74
CA ASP A 347 57.10 -12.25 -33.03
C ASP A 347 56.01 -12.18 -34.11
N ASP A 348 56.39 -11.66 -35.27
CA ASP A 348 55.48 -11.57 -36.39
C ASP A 348 55.24 -12.95 -37.01
N PHE A 349 54.08 -13.10 -37.65
CA PHE A 349 53.68 -14.36 -38.29
C PHE A 349 53.70 -15.52 -37.29
N SER A 350 53.19 -15.27 -36.08
CA SER A 350 53.18 -16.29 -35.06
C SER A 350 51.99 -17.24 -35.17
N PHE A 351 50.96 -16.86 -35.91
CA PHE A 351 49.76 -17.68 -36.08
C PHE A 351 49.50 -17.96 -37.56
N GLN A 352 50.55 -18.05 -38.38
CA GLN A 352 50.36 -18.24 -39.80
C GLN A 352 49.85 -19.63 -40.13
N TRP A 353 50.15 -20.62 -39.30
CA TRP A 353 49.78 -22.01 -39.56
C TRP A 353 48.40 -22.37 -39.02
N LEU A 354 47.79 -21.53 -38.19
CA LEU A 354 46.45 -21.80 -37.67
C LEU A 354 45.44 -21.44 -38.76
N LYS A 355 45.30 -22.34 -39.72
CA LYS A 355 44.40 -22.08 -40.86
C LYS A 355 42.94 -22.08 -40.42
N CYS A 356 42.48 -23.18 -39.83
CA CYS A 356 41.08 -23.36 -39.46
C CYS A 356 40.76 -22.83 -38.08
N LEU A 357 41.53 -21.86 -37.58
CA LEU A 357 41.27 -21.28 -36.27
C LEU A 357 39.98 -20.45 -36.33
N GLU A 358 38.94 -20.92 -35.64
CA GLU A 358 37.65 -20.25 -35.62
C GLU A 358 37.37 -19.54 -34.30
N HIS A 359 38.25 -19.66 -33.32
CA HIS A 359 38.03 -19.03 -32.01
C HIS A 359 39.39 -18.81 -31.36
N LEU A 360 39.80 -17.54 -31.25
CA LEU A 360 41.07 -17.17 -30.65
C LEU A 360 40.79 -16.26 -29.46
N ASN A 361 41.12 -16.73 -28.26
CA ASN A 361 40.88 -16.00 -27.02
C ASN A 361 42.22 -15.71 -26.36
N MET A 362 42.58 -14.42 -26.28
CA MET A 362 43.85 -14.02 -25.69
C MET A 362 43.64 -12.96 -24.60
N GLU A 363 42.51 -13.01 -23.90
CA GLU A 363 42.22 -12.00 -22.90
C GLU A 363 43.08 -12.19 -21.66
N ASP A 364 43.14 -11.14 -20.84
CA ASP A 364 43.87 -11.13 -19.58
C ASP A 364 45.35 -11.47 -19.78
N ASN A 365 46.02 -10.61 -20.55
CA ASN A 365 47.44 -10.78 -20.84
C ASN A 365 48.09 -9.40 -20.89
N ASP A 366 49.38 -9.38 -21.20
CA ASP A 366 50.19 -8.16 -21.20
C ASP A 366 51.00 -8.04 -22.49
N ILE A 367 50.35 -8.23 -23.63
CA ILE A 367 51.02 -7.99 -24.91
C ILE A 367 51.36 -6.50 -25.03
N PRO A 368 52.60 -6.15 -25.40
CA PRO A 368 52.92 -4.71 -25.50
C PRO A 368 52.09 -3.96 -26.52
N GLY A 369 51.96 -4.50 -27.73
CA GLY A 369 51.17 -3.85 -28.75
C GLY A 369 50.92 -4.79 -29.91
N ILE A 370 50.05 -4.35 -30.81
CA ILE A 370 49.68 -5.11 -31.99
C ILE A 370 50.65 -4.75 -33.11
N LYS A 371 51.37 -5.75 -33.62
CA LYS A 371 52.32 -5.54 -34.69
C LYS A 371 51.57 -5.42 -36.02
N SER A 372 52.34 -5.23 -37.11
CA SER A 372 51.74 -5.11 -38.44
C SER A 372 51.41 -6.46 -39.05
N ASN A 373 52.04 -7.54 -38.59
CA ASN A 373 51.82 -8.88 -39.10
C ASN A 373 51.66 -9.87 -37.95
N MET A 374 50.84 -9.50 -36.96
CA MET A 374 50.64 -10.34 -35.79
C MET A 374 49.57 -11.42 -36.04
N PHE A 375 48.41 -11.02 -36.55
CA PHE A 375 47.31 -11.93 -36.79
C PHE A 375 47.19 -12.32 -38.25
N THR A 376 48.29 -12.29 -38.99
CA THR A 376 48.27 -12.66 -40.41
C THR A 376 48.24 -14.17 -40.58
N GLY A 377 47.40 -14.63 -41.49
CA GLY A 377 47.23 -16.04 -41.74
C GLY A 377 46.01 -16.66 -41.09
N LEU A 378 45.04 -15.86 -40.66
CA LEU A 378 43.81 -16.34 -40.02
C LEU A 378 42.68 -16.16 -41.01
N ILE A 379 42.46 -17.17 -41.85
CA ILE A 379 41.48 -17.08 -42.92
C ILE A 379 40.08 -17.49 -42.46
N ASN A 380 39.99 -18.32 -41.42
CA ASN A 380 38.70 -18.84 -40.95
C ASN A 380 38.38 -18.38 -39.54
N LEU A 381 38.81 -17.16 -39.17
CA LEU A 381 38.50 -16.64 -37.85
C LEU A 381 37.12 -16.00 -37.81
N LYS A 382 36.40 -16.24 -36.72
CA LYS A 382 35.09 -15.62 -36.50
C LYS A 382 34.92 -15.08 -35.09
N TYR A 383 35.96 -15.11 -34.26
CA TYR A 383 35.86 -14.63 -32.88
C TYR A 383 37.25 -14.28 -32.39
N LEU A 384 37.40 -13.12 -31.78
CA LEU A 384 38.67 -12.69 -31.20
C LEU A 384 38.38 -11.82 -29.99
N SER A 385 38.84 -12.25 -28.82
CA SER A 385 38.62 -11.55 -27.57
C SER A 385 39.95 -11.03 -27.05
N LEU A 386 40.04 -9.71 -26.85
CA LEU A 386 41.25 -9.04 -26.38
C LEU A 386 40.94 -8.23 -25.13
N SER A 387 40.24 -8.82 -24.18
CA SER A 387 39.86 -8.12 -22.96
C SER A 387 41.04 -8.07 -21.99
N ASN A 388 41.54 -6.87 -21.73
CA ASN A 388 42.66 -6.65 -20.80
C ASN A 388 43.88 -7.46 -21.23
N SER A 389 44.19 -7.43 -22.52
CA SER A 389 45.29 -8.20 -23.08
C SER A 389 46.52 -7.37 -23.37
N PHE A 390 46.45 -6.04 -23.25
CA PHE A 390 47.55 -5.16 -23.61
C PHE A 390 47.92 -4.29 -22.41
N THR A 391 49.22 -3.99 -22.30
CA THR A 391 49.70 -3.14 -21.22
C THR A 391 49.31 -1.69 -21.46
N SER A 392 49.72 -1.12 -22.59
CA SER A 392 49.42 0.27 -22.94
C SER A 392 49.15 0.34 -24.43
N LEU A 393 47.88 0.22 -24.80
CA LEU A 393 47.41 0.40 -26.17
C LEU A 393 46.60 1.70 -26.19
N ARG A 394 47.30 2.82 -26.42
CA ARG A 394 46.68 4.14 -26.24
C ARG A 394 45.89 4.53 -27.49
N THR A 395 46.60 4.88 -28.56
CA THR A 395 45.96 5.33 -29.80
C THR A 395 45.75 4.16 -30.74
N LEU A 396 44.65 4.21 -31.48
CA LEU A 396 44.29 3.20 -32.47
C LEU A 396 44.33 3.84 -33.84
N THR A 397 45.46 3.69 -34.52
CA THR A 397 45.65 4.25 -35.85
C THR A 397 44.99 3.35 -36.90
N ASN A 398 45.07 3.76 -38.17
CA ASN A 398 44.50 3.00 -39.26
C ASN A 398 45.33 1.77 -39.62
N GLU A 399 46.52 1.61 -39.03
CA GLU A 399 47.40 0.50 -39.35
C GLU A 399 47.46 -0.53 -38.22
N THR A 400 46.48 -0.50 -37.31
CA THR A 400 46.50 -1.40 -36.16
C THR A 400 46.05 -2.81 -36.55
N PHE A 401 44.82 -2.93 -37.04
CA PHE A 401 44.25 -4.23 -37.42
C PHE A 401 44.44 -4.54 -38.90
N VAL A 402 45.66 -4.35 -39.42
CA VAL A 402 45.91 -4.64 -40.83
C VAL A 402 46.03 -6.15 -41.04
N SER A 403 46.43 -6.90 -40.01
CA SER A 403 46.56 -8.35 -40.13
C SER A 403 45.22 -9.06 -40.24
N LEU A 404 44.12 -8.36 -39.98
CA LEU A 404 42.78 -8.94 -40.09
C LEU A 404 42.08 -8.54 -41.39
N ALA A 405 42.83 -8.13 -42.41
CA ALA A 405 42.22 -7.72 -43.66
C ALA A 405 41.59 -8.92 -44.38
N HIS A 406 42.25 -10.08 -44.31
CA HIS A 406 41.74 -11.30 -44.92
C HIS A 406 41.11 -12.24 -43.90
N SER A 407 40.50 -11.67 -42.86
CA SER A 407 39.88 -12.45 -41.79
C SER A 407 38.42 -12.05 -41.64
N PRO A 408 37.46 -12.96 -41.84
CA PRO A 408 36.04 -12.61 -41.68
C PRO A 408 35.62 -12.60 -40.22
N LEU A 409 36.17 -11.66 -39.46
CA LEU A 409 35.85 -11.55 -38.04
C LEU A 409 34.39 -11.17 -37.86
N HIS A 410 33.77 -11.70 -36.80
CA HIS A 410 32.37 -11.43 -36.51
C HIS A 410 32.16 -10.81 -35.14
N ILE A 411 32.96 -11.21 -34.14
CA ILE A 411 32.83 -10.69 -32.78
C ILE A 411 34.21 -10.22 -32.33
N LEU A 412 34.33 -8.92 -32.07
CA LEU A 412 35.57 -8.32 -31.58
C LEU A 412 35.34 -7.77 -30.19
N ASN A 413 36.16 -8.20 -29.23
CA ASN A 413 36.05 -7.76 -27.85
C ASN A 413 37.33 -7.03 -27.46
N LEU A 414 37.20 -5.73 -27.19
CA LEU A 414 38.33 -4.87 -26.79
C LEU A 414 37.90 -4.10 -25.54
N THR A 415 38.10 -4.69 -24.37
CA THR A 415 37.74 -4.06 -23.10
C THR A 415 38.93 -4.08 -22.16
N LYS A 416 38.94 -3.11 -21.24
CA LYS A 416 39.98 -2.99 -20.22
C LYS A 416 41.39 -2.88 -20.83
N ASN A 417 41.47 -2.32 -22.04
CA ASN A 417 42.74 -2.11 -22.71
C ASN A 417 43.24 -0.67 -22.58
N LYS A 418 42.60 0.13 -21.74
CA LYS A 418 42.98 1.53 -21.51
C LYS A 418 42.98 2.33 -22.82
N ILE A 419 42.05 2.02 -23.71
CA ILE A 419 41.94 2.76 -24.97
C ILE A 419 41.44 4.17 -24.68
N SER A 420 42.11 5.16 -25.25
CA SER A 420 41.76 6.55 -25.03
C SER A 420 41.51 7.33 -26.32
N LYS A 421 42.14 6.96 -27.43
CA LYS A 421 41.98 7.68 -28.68
C LYS A 421 41.86 6.69 -29.83
N ILE A 422 40.96 6.98 -30.76
CA ILE A 422 40.74 6.15 -31.94
C ILE A 422 40.85 7.05 -33.17
N GLU A 423 41.89 6.82 -33.97
CA GLU A 423 42.08 7.60 -35.18
C GLU A 423 41.11 7.15 -36.27
N SER A 424 41.13 7.86 -37.38
CA SER A 424 40.23 7.56 -38.49
C SER A 424 40.66 6.28 -39.21
N ASP A 425 39.68 5.60 -39.80
CA ASP A 425 39.91 4.37 -40.57
C ASP A 425 40.57 3.30 -39.70
N ALA A 426 40.21 3.25 -38.42
CA ALA A 426 40.79 2.28 -37.50
C ALA A 426 40.17 0.90 -37.65
N PHE A 427 38.99 0.80 -38.25
CA PHE A 427 38.30 -0.48 -38.44
C PHE A 427 37.91 -0.69 -39.90
N SER A 428 38.67 -0.10 -40.83
CA SER A 428 38.35 -0.24 -42.24
C SER A 428 38.70 -1.63 -42.77
N TRP A 429 39.58 -2.36 -42.09
CA TRP A 429 39.98 -3.70 -42.50
C TRP A 429 39.02 -4.78 -42.02
N LEU A 430 37.96 -4.42 -41.32
CA LEU A 430 37.00 -5.37 -40.76
C LEU A 430 35.65 -5.11 -41.43
N GLY A 431 35.42 -5.76 -42.57
CA GLY A 431 34.18 -5.57 -43.30
C GLY A 431 33.06 -6.46 -42.81
N HIS A 432 33.38 -7.68 -42.37
CA HIS A 432 32.39 -8.62 -41.88
C HIS A 432 32.16 -8.52 -40.38
N LEU A 433 32.76 -7.55 -39.72
CA LEU A 433 32.59 -7.40 -38.27
C LEU A 433 31.16 -7.02 -37.95
N GLU A 434 30.54 -7.81 -37.07
CA GLU A 434 29.16 -7.57 -36.65
C GLU A 434 29.02 -7.06 -35.23
N VAL A 435 29.77 -7.63 -34.28
CA VAL A 435 29.69 -7.24 -32.88
C VAL A 435 31.05 -6.68 -32.48
N LEU A 436 31.10 -5.38 -32.21
CA LEU A 436 32.31 -4.69 -31.80
C LEU A 436 32.11 -4.10 -30.40
N ASP A 437 33.15 -4.17 -29.58
CA ASP A 437 33.06 -3.73 -28.19
C ASP A 437 34.30 -2.93 -27.83
N LEU A 438 34.09 -1.72 -27.29
CA LEU A 438 35.17 -0.88 -26.79
C LEU A 438 34.87 -0.37 -25.39
N GLY A 439 34.10 -1.14 -24.62
CA GLY A 439 33.70 -0.71 -23.30
C GLY A 439 34.77 -0.92 -22.25
N LEU A 440 34.49 -0.39 -21.05
CA LEU A 440 35.37 -0.52 -19.90
C LEU A 440 36.76 0.06 -20.19
N ASN A 441 36.80 1.17 -20.91
CA ASN A 441 38.03 1.85 -21.28
C ASN A 441 37.97 3.31 -20.82
N GLU A 442 38.98 4.07 -21.21
CA GLU A 442 39.07 5.50 -20.92
C GLU A 442 39.00 6.32 -22.21
N ILE A 443 38.11 5.92 -23.12
CA ILE A 443 38.00 6.56 -24.42
C ILE A 443 37.50 7.99 -24.23
N GLY A 444 38.29 8.95 -24.69
CA GLY A 444 37.92 10.35 -24.57
C GLY A 444 38.24 11.15 -25.83
N GLN A 445 37.26 11.27 -26.73
CA GLN A 445 37.46 11.98 -27.97
C GLN A 445 36.10 12.40 -28.53
N GLU A 446 36.14 13.25 -29.55
CA GLU A 446 34.94 13.72 -30.23
C GLU A 446 34.66 12.80 -31.41
N LEU A 447 33.58 12.02 -31.33
CA LEU A 447 33.23 11.09 -32.39
C LEU A 447 32.85 11.84 -33.66
N THR A 448 33.79 11.98 -34.59
CA THR A 448 33.53 12.68 -35.84
C THR A 448 32.89 11.80 -36.91
N GLY A 449 32.78 10.50 -36.67
CA GLY A 449 32.16 9.59 -37.61
C GLY A 449 33.12 8.94 -38.60
N GLN A 450 34.37 9.38 -38.65
CA GLN A 450 35.34 8.81 -39.58
C GLN A 450 35.99 7.55 -39.05
N GLU A 451 35.83 7.24 -37.76
CA GLU A 451 36.42 6.04 -37.20
C GLU A 451 35.62 4.77 -37.50
N TRP A 452 34.34 4.91 -37.86
CA TRP A 452 33.49 3.77 -38.16
C TRP A 452 33.44 3.43 -39.63
N ARG A 453 34.38 3.94 -40.43
CA ARG A 453 34.41 3.63 -41.84
C ARG A 453 34.89 2.20 -42.07
N GLY A 454 34.28 1.53 -43.05
CA GLY A 454 34.59 0.15 -43.35
C GLY A 454 33.73 -0.86 -42.63
N LEU A 455 32.78 -0.43 -41.82
CA LEU A 455 31.88 -1.33 -41.10
C LEU A 455 30.53 -1.32 -41.81
N GLU A 456 30.43 -2.15 -42.86
CA GLU A 456 29.17 -2.27 -43.58
C GLU A 456 28.22 -3.25 -42.91
N ASN A 457 28.74 -4.31 -42.31
CA ASN A 457 27.93 -5.33 -41.65
C ASN A 457 28.03 -5.23 -40.13
N ILE A 458 28.16 -4.03 -39.59
CA ILE A 458 28.24 -3.84 -38.15
C ILE A 458 26.84 -3.90 -37.57
N PHE A 459 26.68 -4.65 -36.48
CA PHE A 459 25.39 -4.82 -35.84
C PHE A 459 25.35 -4.31 -34.40
N GLU A 460 26.33 -4.69 -33.57
CA GLU A 460 26.40 -4.22 -32.19
C GLU A 460 27.66 -3.39 -31.99
N ILE A 461 27.54 -2.31 -31.23
CA ILE A 461 28.67 -1.50 -30.80
C ILE A 461 28.49 -1.19 -29.31
N TYR A 462 29.48 -1.57 -28.51
CA TYR A 462 29.44 -1.35 -27.06
C TYR A 462 30.51 -0.32 -26.70
N LEU A 463 30.05 0.86 -26.26
CA LEU A 463 30.94 1.96 -25.91
C LEU A 463 30.65 2.50 -24.52
N SER A 464 30.21 1.63 -23.61
CA SER A 464 29.86 2.05 -22.27
C SER A 464 31.09 2.10 -21.36
N TYR A 465 30.94 2.79 -20.23
CA TYR A 465 31.99 2.91 -19.21
C TYR A 465 33.28 3.45 -19.83
N ASN A 466 33.19 4.67 -20.34
CA ASN A 466 34.30 5.36 -20.96
C ASN A 466 34.49 6.73 -20.30
N LYS A 467 35.42 7.51 -20.84
CA LYS A 467 35.67 8.85 -20.31
C LYS A 467 34.62 9.83 -20.80
N TYR A 468 34.66 10.19 -22.08
CA TYR A 468 33.68 11.11 -22.65
C TYR A 468 33.69 10.98 -24.16
N LEU A 469 32.51 11.09 -24.75
CA LEU A 469 32.34 11.09 -26.21
C LEU A 469 31.42 12.24 -26.59
N GLN A 470 31.89 13.12 -27.46
CA GLN A 470 31.09 14.23 -27.94
C GLN A 470 30.46 13.85 -29.28
N LEU A 471 29.13 13.90 -29.33
CA LEU A 471 28.42 13.52 -30.55
C LEU A 471 28.63 14.57 -31.64
N THR A 472 28.23 14.21 -32.85
CA THR A 472 28.43 15.05 -34.02
C THR A 472 27.31 14.75 -35.00
N ARG A 473 26.98 15.74 -35.85
CA ARG A 473 25.91 15.59 -36.83
C ARG A 473 26.05 14.30 -37.63
N ASN A 474 27.25 14.00 -38.11
CA ASN A 474 27.52 12.78 -38.86
C ASN A 474 28.38 11.81 -38.03
N SER A 475 27.96 11.56 -36.79
CA SER A 475 28.71 10.65 -35.93
C SER A 475 28.43 9.19 -36.29
N PHE A 476 27.15 8.82 -36.38
CA PHE A 476 26.74 7.47 -36.72
C PHE A 476 26.09 7.41 -38.11
N ALA A 477 26.61 8.21 -39.03
CA ALA A 477 26.09 8.22 -40.39
C ALA A 477 26.71 7.13 -41.27
N LEU A 478 27.89 6.63 -40.90
CA LEU A 478 28.56 5.60 -41.67
C LEU A 478 28.20 4.19 -41.22
N VAL A 479 27.26 4.05 -40.29
CA VAL A 479 26.85 2.74 -39.79
C VAL A 479 25.33 2.61 -39.86
N PRO A 480 24.73 2.60 -41.05
CA PRO A 480 23.26 2.53 -41.14
C PRO A 480 22.69 1.16 -40.77
N SER A 481 23.52 0.11 -40.74
CA SER A 481 23.07 -1.24 -40.41
C SER A 481 23.14 -1.53 -38.92
N LEU A 482 23.26 -0.50 -38.08
CA LEU A 482 23.37 -0.72 -36.65
C LEU A 482 22.05 -1.15 -36.05
N GLN A 483 22.13 -1.96 -35.00
CA GLN A 483 20.93 -2.46 -34.32
C GLN A 483 21.00 -2.35 -32.80
N ARG A 484 22.16 -2.00 -32.22
CA ARG A 484 22.30 -1.90 -30.78
C ARG A 484 23.43 -0.95 -30.45
N LEU A 485 23.19 -0.06 -29.49
CA LEU A 485 24.18 0.95 -29.10
C LEU A 485 24.09 1.16 -27.60
N MET A 486 25.17 0.83 -26.87
CA MET A 486 25.25 1.04 -25.43
C MET A 486 26.18 2.21 -25.14
N LEU A 487 25.70 3.16 -24.34
CA LEU A 487 26.48 4.33 -23.92
C LEU A 487 26.29 4.57 -22.42
N ARG A 488 26.42 3.50 -21.63
CA ARG A 488 26.22 3.60 -20.19
C ARG A 488 27.44 4.22 -19.53
N ARG A 489 27.22 5.28 -18.76
CA ARG A 489 28.27 5.99 -18.02
C ARG A 489 29.41 6.40 -18.94
N VAL A 490 29.15 7.46 -19.71
CA VAL A 490 30.14 8.04 -20.60
C VAL A 490 30.14 9.55 -20.45
N ALA A 491 29.13 10.07 -19.74
CA ALA A 491 28.91 11.51 -19.62
C ALA A 491 28.78 12.15 -21.01
N LEU A 492 27.79 11.66 -21.75
CA LEU A 492 27.62 12.07 -23.14
C LEU A 492 27.22 13.54 -23.22
N LYS A 493 27.90 14.27 -24.11
CA LYS A 493 27.60 15.67 -24.38
C LYS A 493 27.52 15.88 -25.88
N ASN A 494 27.23 17.13 -26.26
CA ASN A 494 27.05 17.51 -27.67
C ASN A 494 25.93 16.73 -28.33
N VAL A 495 24.96 16.27 -27.53
CA VAL A 495 23.81 15.54 -28.07
C VAL A 495 22.70 16.49 -28.48
N ASP A 496 22.62 17.67 -27.89
CA ASP A 496 21.57 18.63 -28.19
C ASP A 496 21.87 19.40 -29.47
N SER A 497 22.07 18.67 -30.57
CA SER A 497 22.28 19.29 -31.87
C SER A 497 20.94 19.49 -32.57
N SER A 498 20.96 20.34 -33.61
CA SER A 498 19.73 20.60 -34.35
C SER A 498 19.23 19.37 -35.10
N PRO A 499 20.08 18.55 -35.74
CA PRO A 499 19.59 17.27 -36.27
C PRO A 499 19.80 16.14 -35.27
N SER A 500 19.14 15.03 -35.54
CA SER A 500 19.26 13.86 -34.68
C SER A 500 20.60 13.16 -34.96
N PRO A 501 21.44 12.96 -33.94
CA PRO A 501 22.66 12.17 -34.17
C PRO A 501 22.39 10.72 -34.50
N PHE A 502 21.27 10.18 -34.03
CA PHE A 502 20.86 8.80 -34.33
C PHE A 502 19.88 8.74 -35.50
N GLN A 503 19.86 9.77 -36.36
CA GLN A 503 18.92 9.76 -37.49
C GLN A 503 19.26 8.67 -38.50
N PRO A 504 20.51 8.51 -38.96
CA PRO A 504 20.81 7.43 -39.92
C PRO A 504 20.61 6.03 -39.33
N LEU A 505 20.48 5.90 -38.01
CA LEU A 505 20.28 4.60 -37.38
C LEU A 505 18.80 4.20 -37.50
N ARG A 506 18.41 3.96 -38.76
CA ARG A 506 17.02 3.57 -39.02
C ARG A 506 16.72 2.14 -38.59
N ASN A 507 17.75 1.32 -38.39
CA ASN A 507 17.57 -0.07 -37.96
C ASN A 507 17.95 -0.27 -36.50
N LEU A 508 18.04 0.79 -35.72
CA LEU A 508 18.41 0.68 -34.32
C LEU A 508 17.25 0.09 -33.51
N THR A 509 17.58 -0.89 -32.67
CA THR A 509 16.58 -1.56 -31.85
C THR A 509 16.77 -1.32 -30.36
N ILE A 510 18.01 -1.28 -29.88
CA ILE A 510 18.31 -1.10 -28.47
C ILE A 510 19.25 0.09 -28.32
N LEU A 511 18.85 1.04 -27.47
CA LEU A 511 19.63 2.24 -27.22
C LEU A 511 19.75 2.45 -25.71
N ASP A 512 20.96 2.76 -25.24
CA ASP A 512 21.23 2.99 -23.84
C ASP A 512 21.98 4.31 -23.69
N LEU A 513 21.33 5.29 -23.09
CA LEU A 513 21.90 6.62 -22.86
C LEU A 513 21.77 7.00 -21.40
N SER A 514 22.10 6.07 -20.52
CA SER A 514 21.92 6.24 -19.09
C SER A 514 23.24 6.58 -18.40
N ASN A 515 23.12 7.12 -17.18
CA ASN A 515 24.26 7.46 -16.33
C ASN A 515 25.19 8.46 -17.02
N ASN A 516 24.61 9.40 -17.75
CA ASN A 516 25.38 10.42 -18.45
C ASN A 516 25.09 11.84 -17.97
N ASN A 517 24.08 12.04 -17.11
CA ASN A 517 23.73 13.34 -16.56
C ASN A 517 23.43 14.34 -17.68
N ILE A 518 22.55 13.94 -18.60
CA ILE A 518 22.14 14.79 -19.71
C ILE A 518 20.96 15.63 -19.27
N ALA A 519 20.92 16.89 -19.75
CA ALA A 519 19.84 17.80 -19.39
C ALA A 519 19.28 18.59 -20.56
N ASN A 520 19.75 18.34 -21.79
CA ASN A 520 19.29 19.09 -22.97
C ASN A 520 18.93 18.09 -24.06
N ILE A 521 17.66 17.67 -24.09
CA ILE A 521 17.14 16.75 -25.10
C ILE A 521 16.05 17.46 -25.88
N ASN A 522 16.15 17.41 -27.21
CA ASN A 522 15.14 18.01 -28.08
C ASN A 522 14.12 16.96 -28.51
N ASP A 523 13.02 17.45 -29.09
CA ASP A 523 11.96 16.55 -29.55
C ASP A 523 12.31 15.85 -30.85
N ASP A 524 13.22 16.42 -31.65
CA ASP A 524 13.63 15.82 -32.92
C ASP A 524 14.88 14.98 -32.75
N MET A 525 14.75 13.92 -31.95
CA MET A 525 15.86 13.04 -31.64
C MET A 525 15.59 11.57 -31.93
N LEU A 526 14.34 11.12 -31.88
CA LEU A 526 14.00 9.71 -32.03
C LEU A 526 12.89 9.53 -33.06
N GLU A 527 13.05 10.17 -34.22
CA GLU A 527 12.11 9.99 -35.31
C GLU A 527 12.61 8.91 -36.26
N GLY A 528 11.67 8.21 -36.87
CA GLY A 528 12.00 7.14 -37.79
C GLY A 528 12.47 5.86 -37.15
N LEU A 529 12.78 5.86 -35.85
CA LEU A 529 13.23 4.66 -35.16
C LEU A 529 12.03 3.88 -34.61
N GLU A 530 11.13 3.52 -35.53
CA GLU A 530 9.91 2.81 -35.17
C GLU A 530 10.14 1.34 -34.82
N LYS A 531 11.39 0.87 -34.83
CA LYS A 531 11.71 -0.49 -34.41
C LYS A 531 12.53 -0.53 -33.13
N LEU A 532 12.72 0.61 -32.48
CA LEU A 532 13.44 0.64 -31.20
C LEU A 532 12.59 -0.01 -30.12
N GLU A 533 13.12 -1.04 -29.48
CA GLU A 533 12.39 -1.82 -28.49
C GLU A 533 12.84 -1.58 -27.06
N ILE A 534 14.14 -1.39 -26.83
CA ILE A 534 14.68 -1.19 -25.50
C ILE A 534 15.34 0.18 -25.46
N LEU A 535 14.97 0.98 -24.45
CA LEU A 535 15.53 2.32 -24.28
C LEU A 535 15.70 2.58 -22.79
N ASP A 536 16.94 2.81 -22.36
CA ASP A 536 17.28 3.07 -20.97
C ASP A 536 17.81 4.49 -20.84
N LEU A 537 17.19 5.26 -19.95
CA LEU A 537 17.58 6.66 -19.75
C LEU A 537 17.61 6.98 -18.25
N GLN A 538 18.19 6.10 -17.45
CA GLN A 538 18.25 6.31 -16.02
C GLN A 538 19.48 7.13 -15.64
N HIS A 539 19.44 7.67 -14.42
CA HIS A 539 20.55 8.44 -13.85
C HIS A 539 20.94 9.61 -14.75
N ASN A 540 19.94 10.40 -15.12
CA ASN A 540 20.13 11.57 -15.96
C ASN A 540 19.53 12.77 -15.23
N ASN A 541 19.35 13.87 -15.96
CA ASN A 541 18.78 15.11 -15.43
C ASN A 541 17.62 15.57 -16.30
N LEU A 542 16.73 14.64 -16.64
CA LEU A 542 15.57 14.93 -17.47
C LEU A 542 14.38 15.46 -16.67
N ALA A 543 14.63 16.13 -15.55
CA ALA A 543 13.53 16.62 -14.72
C ALA A 543 12.96 17.93 -15.25
N ARG A 544 13.83 18.90 -15.55
CA ARG A 544 13.39 20.22 -16.00
C ARG A 544 12.85 20.22 -17.43
N LEU A 545 12.88 19.08 -18.13
CA LEU A 545 12.40 19.03 -19.51
C LEU A 545 10.92 18.69 -19.62
N TRP A 546 10.37 17.93 -18.67
CA TRP A 546 8.96 17.59 -18.69
C TRP A 546 8.09 18.59 -17.94
N LYS A 547 8.70 19.62 -17.35
CA LYS A 547 7.95 20.62 -16.61
C LYS A 547 7.23 21.56 -17.57
N HIS A 548 6.17 22.20 -17.06
CA HIS A 548 5.38 23.15 -17.83
C HIS A 548 5.85 24.59 -17.64
N ALA A 549 6.82 24.83 -16.77
CA ALA A 549 7.32 26.17 -16.49
C ALA A 549 8.56 26.53 -17.27
N ASN A 550 9.05 25.62 -18.12
CA ASN A 550 10.24 25.88 -18.92
C ASN A 550 9.87 26.61 -20.21
N PRO A 551 10.82 27.33 -20.80
CA PRO A 551 10.54 28.02 -22.08
C PRO A 551 10.29 27.00 -23.19
N GLY A 552 9.22 27.24 -23.95
CA GLY A 552 8.85 26.39 -25.06
C GLY A 552 7.82 25.32 -24.73
N GLY A 553 7.77 24.90 -23.46
CA GLY A 553 6.83 23.87 -23.06
C GLY A 553 7.52 22.55 -22.78
N PRO A 554 6.76 21.57 -22.30
CA PRO A 554 7.33 20.25 -22.02
C PRO A 554 7.82 19.58 -23.31
N ILE A 555 8.97 18.93 -23.22
CA ILE A 555 9.56 18.27 -24.37
C ILE A 555 8.84 16.95 -24.64
N TYR A 556 8.75 16.57 -25.90
CA TYR A 556 8.10 15.33 -26.32
C TYR A 556 9.11 14.55 -27.17
N PHE A 557 9.94 13.75 -26.50
CA PHE A 557 10.97 12.96 -27.17
C PHE A 557 10.63 11.47 -27.22
N LEU A 558 9.42 11.09 -26.82
CA LEU A 558 8.97 9.71 -26.90
C LEU A 558 7.97 9.48 -28.02
N LYS A 559 7.90 10.39 -28.98
CA LYS A 559 6.98 10.27 -30.10
C LYS A 559 7.64 9.52 -31.25
N GLY A 560 6.82 8.80 -32.02
CA GLY A 560 7.29 8.02 -33.14
C GLY A 560 7.73 6.62 -32.80
N LEU A 561 8.18 6.38 -31.57
CA LEU A 561 8.60 5.04 -31.15
C LEU A 561 7.37 4.19 -30.93
N SER A 562 7.04 3.35 -31.91
CA SER A 562 5.87 2.50 -31.83
C SER A 562 6.18 1.16 -31.18
N HIS A 563 7.27 0.52 -31.61
CA HIS A 563 7.62 -0.81 -31.11
C HIS A 563 8.45 -0.75 -29.84
N LEU A 564 8.19 0.26 -29.00
CA LEU A 564 8.90 0.36 -27.73
C LEU A 564 8.39 -0.67 -26.74
N HIS A 565 9.31 -1.43 -26.15
CA HIS A 565 8.96 -2.50 -25.22
C HIS A 565 9.46 -2.23 -23.81
N ILE A 566 10.74 -1.92 -23.64
CA ILE A 566 11.33 -1.69 -22.33
C ILE A 566 11.69 -0.21 -22.21
N LEU A 567 11.42 0.36 -21.04
CA LEU A 567 11.69 1.77 -20.77
C LEU A 567 12.13 1.92 -19.32
N ASN A 568 13.09 2.82 -19.09
CA ASN A 568 13.67 3.00 -17.77
C ASN A 568 14.03 4.47 -17.59
N LEU A 569 13.46 5.10 -16.57
CA LEU A 569 13.75 6.49 -16.21
C LEU A 569 13.98 6.61 -14.71
N GLU A 570 14.82 5.72 -14.17
CA GLU A 570 15.05 5.66 -12.73
C GLU A 570 16.12 6.66 -12.31
N SER A 571 15.88 7.31 -11.16
CA SER A 571 16.84 8.20 -10.52
C SER A 571 17.18 9.40 -11.41
N ASN A 572 16.17 10.25 -11.61
CA ASN A 572 16.35 11.51 -12.33
C ASN A 572 15.76 12.71 -11.63
N GLY A 573 14.89 12.53 -10.64
CA GLY A 573 14.28 13.65 -9.96
C GLY A 573 13.09 14.25 -10.68
N PHE A 574 12.33 13.44 -11.41
CA PHE A 574 11.16 13.94 -12.13
C PHE A 574 10.14 14.51 -11.16
N ASP A 575 9.43 15.54 -11.61
CA ASP A 575 8.39 16.18 -10.81
C ASP A 575 7.04 16.21 -11.49
N GLU A 576 6.99 16.44 -12.81
CA GLU A 576 5.75 16.48 -13.55
C GLU A 576 5.85 15.55 -14.76
N ILE A 577 4.69 15.06 -15.18
CA ILE A 577 4.60 14.17 -16.35
C ILE A 577 3.52 14.68 -17.28
N PRO A 578 3.81 14.88 -18.56
CA PRO A 578 2.79 15.34 -19.51
C PRO A 578 1.70 14.29 -19.68
N VAL A 579 0.58 14.74 -20.27
CA VAL A 579 -0.56 13.86 -20.48
C VAL A 579 -0.44 13.09 -21.79
N GLU A 580 -0.06 13.78 -22.88
CA GLU A 580 0.03 13.17 -24.20
C GLU A 580 1.43 12.68 -24.52
N VAL A 581 2.23 12.32 -23.51
CA VAL A 581 3.59 11.86 -23.77
C VAL A 581 3.64 10.37 -24.13
N PHE A 582 2.77 9.57 -23.54
CA PHE A 582 2.70 8.14 -23.85
C PHE A 582 1.65 7.85 -24.91
N LYS A 583 1.80 8.48 -26.07
CA LYS A 583 0.80 8.35 -27.14
C LYS A 583 1.09 7.13 -28.00
N ASP A 584 2.26 7.11 -28.63
CA ASP A 584 2.64 6.05 -29.57
C ASP A 584 3.20 4.81 -28.86
N LEU A 585 3.09 4.73 -27.54
CA LEU A 585 3.64 3.58 -26.80
C LEU A 585 2.56 2.53 -26.62
N PHE A 586 2.22 1.87 -27.73
CA PHE A 586 1.21 0.83 -27.73
C PHE A 586 1.73 -0.46 -27.10
N GLU A 587 2.82 -1.00 -27.67
CA GLU A 587 3.39 -2.26 -27.21
C GLU A 587 4.35 -2.08 -26.04
N LEU A 588 4.13 -1.08 -25.19
CA LEU A 588 4.97 -0.88 -24.02
C LEU A 588 4.68 -1.98 -23.00
N LYS A 589 5.70 -2.77 -22.68
CA LYS A 589 5.56 -3.89 -21.75
C LYS A 589 6.07 -3.56 -20.35
N ILE A 590 7.31 -3.11 -20.24
CA ILE A 590 7.94 -2.82 -18.95
C ILE A 590 8.38 -1.36 -18.94
N ILE A 591 8.07 -0.66 -17.85
CA ILE A 591 8.47 0.73 -17.66
C ILE A 591 9.02 0.88 -16.25
N ASP A 592 9.79 1.96 -16.05
CA ASP A 592 10.43 2.21 -14.76
C ASP A 592 10.43 3.72 -14.52
N LEU A 593 9.69 4.15 -13.49
CA LEU A 593 9.64 5.56 -13.09
C LEU A 593 10.07 5.75 -11.64
N GLY A 594 10.79 4.78 -11.08
CA GLY A 594 11.16 4.86 -9.67
C GLY A 594 12.27 5.84 -9.40
N LEU A 595 12.54 6.03 -8.10
CA LEU A 595 13.61 6.90 -7.63
C LEU A 595 13.45 8.33 -8.12
N ASN A 596 12.20 8.78 -8.22
CA ASN A 596 11.87 10.11 -8.69
C ASN A 596 11.19 10.89 -7.56
N ASN A 597 10.74 12.11 -7.87
CA ASN A 597 10.06 12.99 -6.94
C ASN A 597 8.61 13.21 -7.35
N LEU A 598 7.96 12.16 -7.84
CA LEU A 598 6.57 12.25 -8.25
C LEU A 598 5.66 12.24 -7.02
N ASN A 599 4.65 13.10 -7.04
CA ASN A 599 3.68 13.15 -5.96
C ASN A 599 2.25 13.03 -6.47
N THR A 600 2.00 13.56 -7.67
CA THR A 600 0.68 13.52 -8.29
C THR A 600 0.84 13.22 -9.77
N LEU A 601 -0.09 12.40 -10.30
CA LEU A 601 -0.08 12.02 -11.70
C LEU A 601 -1.33 12.55 -12.39
N PRO A 602 -1.21 13.12 -13.57
CA PRO A 602 -2.40 13.61 -14.28
C PRO A 602 -3.23 12.46 -14.84
N ALA A 603 -4.44 12.78 -15.26
CA ALA A 603 -5.37 11.78 -15.77
C ALA A 603 -5.10 11.49 -17.24
N SER A 604 -5.53 10.29 -17.66
CA SER A 604 -5.43 9.85 -19.04
C SER A 604 -3.97 9.85 -19.53
N VAL A 605 -3.12 9.15 -18.79
CA VAL A 605 -1.71 9.03 -19.13
C VAL A 605 -1.28 7.58 -19.34
N PHE A 606 -2.16 6.61 -19.08
CA PHE A 606 -1.88 5.20 -19.36
C PHE A 606 -2.92 4.60 -20.30
N ASN A 607 -3.67 5.42 -21.02
CA ASN A 607 -4.74 4.90 -21.87
C ASN A 607 -4.19 4.14 -23.07
N ASN A 608 -3.02 4.53 -23.57
CA ASN A 608 -2.40 3.87 -24.71
C ASN A 608 -1.55 2.67 -24.33
N GLN A 609 -1.47 2.33 -23.04
CA GLN A 609 -0.71 1.18 -22.57
C GLN A 609 -1.59 -0.07 -22.64
N VAL A 610 -1.84 -0.51 -23.87
CA VAL A 610 -2.71 -1.67 -24.11
C VAL A 610 -2.00 -3.00 -23.86
N SER A 611 -0.70 -2.99 -23.62
CA SER A 611 0.07 -4.21 -23.40
C SER A 611 1.03 -4.03 -22.24
N LEU A 612 0.62 -3.29 -21.22
CA LEU A 612 1.47 -3.03 -20.08
C LEU A 612 1.60 -4.29 -19.22
N LYS A 613 2.82 -4.58 -18.78
CA LYS A 613 3.10 -5.77 -17.99
C LYS A 613 3.69 -5.47 -16.63
N SER A 614 4.62 -4.51 -16.53
CA SER A 614 5.30 -4.21 -15.29
C SER A 614 5.23 -2.72 -14.99
N LEU A 615 5.36 -2.39 -13.71
CA LEU A 615 5.31 -1.00 -13.27
C LEU A 615 6.24 -0.84 -12.07
N ASN A 616 7.06 0.22 -12.10
CA ASN A 616 8.04 0.48 -11.05
C ASN A 616 7.94 1.94 -10.65
N LEU A 617 7.36 2.20 -9.48
CA LEU A 617 7.20 3.55 -8.93
C LEU A 617 7.77 3.62 -7.53
N GLN A 618 8.86 2.90 -7.28
CA GLN A 618 9.43 2.87 -5.93
C GLN A 618 10.19 4.17 -5.63
N LYS A 619 10.41 4.41 -4.34
CA LYS A 619 11.18 5.55 -3.86
C LYS A 619 10.61 6.87 -4.38
N ASN A 620 9.29 6.97 -4.41
CA ASN A 620 8.58 8.14 -4.87
C ASN A 620 7.86 8.81 -3.71
N LEU A 621 7.12 9.88 -4.02
CA LEU A 621 6.31 10.59 -3.05
C LEU A 621 4.83 10.46 -3.35
N ILE A 622 4.43 9.36 -3.99
CA ILE A 622 3.02 9.15 -4.33
C ILE A 622 2.21 8.99 -3.05
N THR A 623 1.08 9.70 -2.98
CA THR A 623 0.18 9.65 -1.83
C THR A 623 -1.12 8.93 -2.12
N SER A 624 -1.80 9.27 -3.23
CA SER A 624 -3.09 8.70 -3.56
C SER A 624 -2.98 7.82 -4.79
N VAL A 625 -3.82 6.80 -4.85
CA VAL A 625 -3.91 5.88 -5.99
C VAL A 625 -5.38 5.84 -6.39
N GLU A 626 -5.72 6.53 -7.47
CA GLU A 626 -7.10 6.69 -7.90
C GLU A 626 -7.35 5.97 -9.22
N LYS A 627 -8.63 5.74 -9.51
CA LYS A 627 -9.03 5.11 -10.77
C LYS A 627 -8.75 6.02 -11.96
N LYS A 628 -8.82 7.33 -11.76
CA LYS A 628 -8.71 8.26 -12.89
C LYS A 628 -7.31 8.29 -13.48
N VAL A 629 -6.29 7.90 -12.72
CA VAL A 629 -4.92 7.93 -13.22
C VAL A 629 -4.22 6.58 -13.18
N PHE A 630 -4.71 5.60 -12.42
CA PHE A 630 -4.18 4.23 -12.47
C PHE A 630 -5.21 3.25 -13.04
N GLY A 631 -6.09 3.74 -13.90
CA GLY A 631 -7.16 2.92 -14.46
C GLY A 631 -6.64 1.79 -15.32
N PRO A 632 -6.30 2.11 -16.57
CA PRO A 632 -5.81 1.06 -17.49
C PRO A 632 -4.43 0.53 -17.15
N ALA A 633 -3.74 1.11 -16.17
CA ALA A 633 -2.41 0.62 -15.82
C ALA A 633 -2.49 -0.68 -15.03
N PHE A 634 -3.51 -0.84 -14.18
CA PHE A 634 -3.68 -2.03 -13.37
C PHE A 634 -4.61 -3.05 -14.01
N ARG A 635 -4.68 -3.08 -15.34
CA ARG A 635 -5.59 -4.01 -16.00
C ARG A 635 -4.97 -5.41 -16.12
N ASN A 636 -3.83 -5.50 -16.79
CA ASN A 636 -3.13 -6.77 -16.97
C ASN A 636 -1.70 -6.70 -16.47
N LEU A 637 -1.49 -6.00 -15.35
CA LEU A 637 -0.15 -5.84 -14.81
C LEU A 637 0.30 -7.13 -14.12
N THR A 638 1.57 -7.48 -14.32
CA THR A 638 2.13 -8.71 -13.80
C THR A 638 2.86 -8.53 -12.48
N GLU A 639 3.85 -7.64 -12.43
CA GLU A 639 4.66 -7.42 -11.23
C GLU A 639 4.70 -5.93 -10.94
N LEU A 640 4.18 -5.55 -9.77
CA LEU A 640 4.10 -4.15 -9.38
C LEU A 640 5.12 -3.87 -8.29
N ASP A 641 5.71 -2.67 -8.32
CA ASP A 641 6.74 -2.27 -7.37
C ASP A 641 6.53 -0.80 -7.04
N MET A 642 6.08 -0.52 -5.82
CA MET A 642 5.90 0.83 -5.30
C MET A 642 6.47 0.96 -3.91
N ARG A 643 7.68 0.45 -3.71
CA ARG A 643 8.28 0.40 -2.38
C ARG A 643 8.71 1.79 -1.92
N PHE A 644 8.67 2.00 -0.59
CA PHE A 644 9.08 3.25 0.04
C PHE A 644 8.32 4.44 -0.54
N ASN A 645 7.00 4.39 -0.40
CA ASN A 645 6.12 5.45 -0.86
C ASN A 645 5.21 5.90 0.27
N PRO A 646 5.08 7.20 0.51
CA PRO A 646 4.23 7.70 1.62
C PRO A 646 2.75 7.84 1.25
N PHE A 647 2.04 6.72 1.28
CA PHE A 647 0.60 6.76 1.04
C PHE A 647 -0.12 7.34 2.26
N ASP A 648 -1.17 8.12 2.00
CA ASP A 648 -2.03 8.61 3.06
C ASP A 648 -3.12 7.59 3.37
N CYS A 649 -3.22 7.20 4.63
CA CYS A 649 -4.16 6.16 5.06
C CYS A 649 -5.58 6.72 5.15
N THR A 650 -6.08 7.18 4.01
CA THR A 650 -7.43 7.71 3.88
C THR A 650 -8.20 6.87 2.88
N CYS A 651 -9.49 6.65 3.16
CA CYS A 651 -10.30 5.80 2.29
C CYS A 651 -10.51 6.44 0.92
N GLU A 652 -10.74 7.76 0.89
CA GLU A 652 -11.01 8.43 -0.38
C GLU A 652 -9.85 8.31 -1.35
N SER A 653 -8.62 8.16 -0.84
CA SER A 653 -7.44 8.14 -1.69
C SER A 653 -7.05 6.73 -2.14
N ILE A 654 -7.04 5.76 -1.22
CA ILE A 654 -6.53 4.43 -1.52
C ILE A 654 -7.59 3.35 -1.30
N ALA A 655 -8.88 3.70 -1.37
CA ALA A 655 -9.91 2.70 -1.19
C ALA A 655 -9.88 1.66 -2.30
N TRP A 656 -9.93 2.12 -3.55
CA TRP A 656 -9.84 1.19 -4.67
C TRP A 656 -8.47 0.51 -4.73
N PHE A 657 -7.42 1.18 -4.27
CA PHE A 657 -6.10 0.55 -4.23
C PHE A 657 -6.10 -0.65 -3.29
N VAL A 658 -6.64 -0.48 -2.08
CA VAL A 658 -6.72 -1.59 -1.13
C VAL A 658 -7.65 -2.66 -1.66
N ASN A 659 -8.75 -2.27 -2.31
CA ASN A 659 -9.67 -3.26 -2.86
C ASN A 659 -9.02 -4.07 -3.97
N TRP A 660 -8.11 -3.46 -4.74
CA TRP A 660 -7.42 -4.17 -5.80
C TRP A 660 -6.31 -5.05 -5.26
N ILE A 661 -5.64 -4.60 -4.20
CA ILE A 661 -4.64 -5.45 -3.55
C ILE A 661 -5.30 -6.63 -2.84
N ASN A 662 -6.57 -6.48 -2.46
CA ASN A 662 -7.27 -7.56 -1.78
C ASN A 662 -7.33 -8.81 -2.65
N GLU A 663 -7.90 -8.69 -3.85
CA GLU A 663 -7.94 -9.79 -4.80
C GLU A 663 -7.38 -9.30 -6.14
N THR A 664 -6.44 -10.06 -6.69
CA THR A 664 -5.77 -9.74 -7.95
C THR A 664 -4.84 -10.89 -8.29
N HIS A 665 -4.20 -10.78 -9.44
CA HIS A 665 -3.18 -11.74 -9.87
C HIS A 665 -1.79 -11.12 -9.93
N THR A 666 -1.67 -9.81 -9.72
CA THR A 666 -0.38 -9.15 -9.71
C THR A 666 0.30 -9.37 -8.35
N ASN A 667 1.53 -9.87 -8.38
CA ASN A 667 2.28 -10.14 -7.17
C ASN A 667 3.11 -8.90 -6.79
N ILE A 668 2.99 -8.48 -5.54
CA ILE A 668 3.74 -7.34 -5.03
C ILE A 668 4.74 -7.84 -4.00
N PRO A 669 6.03 -7.91 -4.34
CA PRO A 669 7.02 -8.43 -3.38
C PRO A 669 7.30 -7.43 -2.27
N GLU A 670 7.48 -7.96 -1.06
CA GLU A 670 7.80 -7.17 0.13
C GLU A 670 6.74 -6.09 0.37
N LEU A 671 5.51 -6.56 0.60
CA LEU A 671 4.37 -5.67 0.81
C LEU A 671 4.01 -5.49 2.28
N SER A 672 4.27 -6.48 3.12
CA SER A 672 3.86 -6.42 4.52
C SER A 672 4.80 -5.58 5.37
N SER A 673 6.00 -5.28 4.90
CA SER A 673 6.99 -4.56 5.69
C SER A 673 7.55 -3.32 5.00
N HIS A 674 7.04 -2.96 3.83
CA HIS A 674 7.55 -1.80 3.10
C HIS A 674 6.45 -0.89 2.55
N TYR A 675 5.19 -1.26 2.67
CA TYR A 675 4.07 -0.43 2.25
C TYR A 675 3.40 0.08 3.52
N LEU A 676 3.80 1.27 3.96
CA LEU A 676 3.32 1.87 5.20
C LEU A 676 2.65 3.20 4.91
N CYS A 677 2.19 3.85 5.97
CA CYS A 677 1.51 5.14 5.89
C CYS A 677 2.26 6.16 6.74
N ASN A 678 2.27 7.41 6.28
CA ASN A 678 2.90 8.50 7.01
C ASN A 678 1.88 9.42 7.67
N THR A 679 0.78 9.73 6.99
CA THR A 679 -0.28 10.57 7.52
C THR A 679 -1.63 9.87 7.34
N PRO A 680 -2.55 9.98 8.31
CA PRO A 680 -2.43 10.71 9.59
C PRO A 680 -1.48 10.03 10.58
N PRO A 681 -1.02 10.78 11.58
CA PRO A 681 -0.11 10.17 12.58
C PRO A 681 -0.73 9.02 13.35
N HIS A 682 -2.06 8.93 13.40
CA HIS A 682 -2.69 7.78 14.05
C HIS A 682 -2.43 6.49 13.28
N TYR A 683 -2.29 6.58 11.96
CA TYR A 683 -1.98 5.42 11.12
C TYR A 683 -0.53 5.45 10.64
N HIS A 684 0.34 6.19 11.32
CA HIS A 684 1.74 6.27 10.91
C HIS A 684 2.45 4.95 11.17
N GLY A 685 3.20 4.48 10.18
CA GLY A 685 3.88 3.21 10.32
C GLY A 685 2.98 2.00 10.27
N PHE A 686 1.80 2.11 9.67
CA PHE A 686 0.86 1.01 9.59
C PHE A 686 0.81 0.45 8.17
N PRO A 687 0.87 -0.88 8.02
CA PRO A 687 0.83 -1.46 6.68
C PRO A 687 -0.50 -1.21 5.99
N VAL A 688 -0.44 -1.06 4.66
CA VAL A 688 -1.63 -0.83 3.87
C VAL A 688 -2.51 -2.08 3.79
N ARG A 689 -1.93 -3.26 3.99
CA ARG A 689 -2.72 -4.49 3.92
C ARG A 689 -3.76 -4.56 5.02
N LEU A 690 -3.52 -3.90 6.16
CA LEU A 690 -4.46 -3.90 7.26
C LEU A 690 -5.50 -2.80 7.15
N PHE A 691 -5.51 -2.03 6.07
CA PHE A 691 -6.49 -0.97 5.88
C PHE A 691 -7.84 -1.56 5.48
N ASP A 692 -8.87 -1.23 6.24
CA ASP A 692 -10.22 -1.72 6.00
C ASP A 692 -11.00 -0.68 5.19
N THR A 693 -11.55 -1.11 4.06
CA THR A 693 -12.33 -0.24 3.18
C THR A 693 -13.82 -0.36 3.42
N SER A 694 -14.24 -0.90 4.57
CA SER A 694 -15.65 -1.03 4.91
C SER A 694 -16.21 0.24 5.55
N SER A 695 -15.43 1.32 5.62
CA SER A 695 -15.86 2.57 6.23
C SER A 695 -15.38 3.71 5.31
N CYS A 696 -16.25 4.13 4.40
CA CYS A 696 -15.93 5.19 3.46
C CYS A 696 -17.23 5.77 2.93
N LYS A 697 -17.10 6.71 1.99
CA LYS A 697 -18.27 7.34 1.39
C LYS A 697 -18.99 6.42 0.41
N ASP A 698 -18.42 5.27 0.09
CA ASP A 698 -19.05 4.32 -0.83
C ASP A 698 -19.23 2.93 -0.21
N SER A 699 -19.02 2.80 1.10
CA SER A 699 -19.22 1.51 1.75
C SER A 699 -20.70 1.15 1.82
N ALA A 700 -21.49 1.99 2.49
CA ALA A 700 -22.94 1.81 2.54
C ALA A 700 -23.62 2.86 1.68
N PRO A 701 -24.68 2.50 0.97
CA PRO A 701 -25.35 3.46 0.06
C PRO A 701 -26.26 4.43 0.82
N PHE A 702 -25.64 5.30 1.62
CA PHE A 702 -26.41 6.33 2.32
C PHE A 702 -26.85 7.46 1.40
N GLU A 703 -26.23 7.59 0.22
CA GLU A 703 -26.67 8.60 -0.73
C GLU A 703 -28.07 8.28 -1.27
N LEU A 704 -28.29 7.01 -1.64
CA LEU A 704 -29.61 6.60 -2.09
C LEU A 704 -30.64 6.72 -0.98
N PHE A 705 -30.24 6.39 0.26
CA PHE A 705 -31.15 6.56 1.38
C PHE A 705 -31.52 8.01 1.57
N PHE A 706 -30.54 8.93 1.46
CA PHE A 706 -30.83 10.35 1.57
C PHE A 706 -31.78 10.80 0.47
N MET A 707 -31.53 10.37 -0.76
CA MET A 707 -32.40 10.75 -1.87
C MET A 707 -33.84 10.28 -1.63
N ILE A 708 -34.02 9.00 -1.31
CA ILE A 708 -35.37 8.47 -1.15
C ILE A 708 -36.06 9.12 0.05
N ASN A 709 -35.31 9.37 1.14
CA ASN A 709 -35.93 9.96 2.32
C ASN A 709 -36.35 11.40 2.06
N THR A 710 -35.47 12.20 1.45
CA THR A 710 -35.84 13.58 1.13
C THR A 710 -37.02 13.62 0.16
N SER A 711 -37.03 12.73 -0.84
CA SER A 711 -38.12 12.73 -1.80
C SER A 711 -39.44 12.38 -1.14
N ILE A 712 -39.46 11.31 -0.34
CA ILE A 712 -40.72 10.92 0.29
C ILE A 712 -41.18 11.98 1.28
N LEU A 713 -40.25 12.63 1.98
CA LEU A 713 -40.61 13.67 2.92
C LEU A 713 -41.23 14.87 2.21
N LEU A 714 -40.60 15.32 1.10
CA LEU A 714 -41.14 16.46 0.36
C LEU A 714 -42.50 16.13 -0.24
N ILE A 715 -42.66 14.94 -0.82
CA ILE A 715 -43.93 14.57 -1.41
C ILE A 715 -45.02 14.47 -0.33
N PHE A 716 -44.67 13.91 0.83
CA PHE A 716 -45.65 13.79 1.91
C PHE A 716 -46.07 15.16 2.42
N ILE A 717 -45.11 16.07 2.58
CA ILE A 717 -45.44 17.43 3.04
C ILE A 717 -46.32 18.12 2.02
N PHE A 718 -45.98 18.02 0.73
CA PHE A 718 -46.78 18.66 -0.31
C PHE A 718 -48.19 18.11 -0.33
N ILE A 719 -48.34 16.78 -0.22
CA ILE A 719 -49.66 16.19 -0.32
C ILE A 719 -50.50 16.48 0.91
N VAL A 720 -49.87 16.57 2.09
CA VAL A 720 -50.67 16.88 3.28
C VAL A 720 -51.09 18.35 3.28
N LEU A 721 -50.22 19.24 2.79
CA LEU A 721 -50.64 20.64 2.64
C LEU A 721 -51.74 20.77 1.59
N LEU A 722 -51.69 19.95 0.54
CA LEU A 722 -52.75 19.98 -0.47
C LEU A 722 -54.07 19.48 0.12
N ILE A 723 -54.02 18.42 0.93
CA ILE A 723 -55.24 17.89 1.54
C ILE A 723 -55.81 18.88 2.54
N HIS A 724 -54.95 19.52 3.33
CA HIS A 724 -55.43 20.49 4.31
C HIS A 724 -56.03 21.71 3.63
N PHE A 725 -55.30 22.31 2.68
CA PHE A 725 -55.81 23.48 1.98
C PHE A 725 -57.01 23.14 1.11
N GLU A 726 -57.05 21.92 0.57
CA GLU A 726 -58.15 21.45 -0.26
C GLU A 726 -58.40 22.37 -1.45
N GLU B 45 -83.13 13.93 28.75
CA GLU B 45 -81.91 13.14 28.84
C GLU B 45 -80.71 14.03 29.13
N GLU B 46 -79.68 13.45 29.76
CA GLU B 46 -78.48 14.20 30.10
C GLU B 46 -77.20 13.37 30.10
N GLU B 47 -77.28 12.04 30.10
CA GLU B 47 -76.08 11.23 30.14
C GLU B 47 -75.34 11.22 28.81
N GLU B 48 -76.06 11.40 27.70
CA GLU B 48 -75.40 11.41 26.40
C GLU B 48 -74.46 12.60 26.27
N GLU B 49 -74.90 13.79 26.69
CA GLU B 49 -74.03 14.96 26.63
C GLU B 49 -72.92 14.88 27.68
N ARG B 50 -73.18 14.20 28.81
CA ARG B 50 -72.14 13.95 29.79
C ARG B 50 -71.00 13.13 29.17
N ARG B 51 -71.36 11.99 28.56
CA ARG B 51 -70.35 11.17 27.89
C ARG B 51 -69.71 11.93 26.73
N TYR B 52 -70.48 12.78 26.04
CA TYR B 52 -69.92 13.56 24.95
C TYR B 52 -68.81 14.48 25.44
N TYR B 53 -69.09 15.29 26.46
CA TYR B 53 -68.08 16.17 27.02
C TYR B 53 -66.91 15.38 27.61
N ARG B 54 -67.18 14.21 28.17
CA ARG B 54 -66.10 13.35 28.65
C ARG B 54 -65.17 12.94 27.51
N ARG B 55 -65.75 12.56 26.36
CA ARG B 55 -64.92 12.20 25.22
C ARG B 55 -64.15 13.39 24.69
N LYS B 56 -64.76 14.59 24.71
CA LYS B 56 -64.02 15.77 24.26
C LYS B 56 -62.84 16.08 25.18
N ARG B 57 -63.04 15.97 26.49
CA ARG B 57 -61.94 16.22 27.42
C ARG B 57 -60.85 15.16 27.28
N LEU B 58 -61.25 13.90 27.09
CA LEU B 58 -60.27 12.84 26.87
C LEU B 58 -59.48 13.09 25.58
N GLY B 59 -60.16 13.57 24.54
CA GLY B 59 -59.47 13.88 23.30
C GLY B 59 -58.49 15.03 23.46
N VAL B 60 -58.89 16.06 24.20
CA VAL B 60 -57.98 17.17 24.47
C VAL B 60 -56.75 16.69 25.22
N LEU B 61 -56.97 15.84 26.24
CA LEU B 61 -55.85 15.33 27.03
C LEU B 61 -54.90 14.50 26.18
N LYS B 62 -55.44 13.57 25.39
CA LYS B 62 -54.59 12.72 24.56
C LYS B 62 -53.90 13.53 23.47
N ASN B 63 -54.53 14.58 22.96
CA ASN B 63 -53.90 15.42 21.96
C ASN B 63 -52.73 16.20 22.55
N VAL B 64 -52.92 16.74 23.76
CA VAL B 64 -51.82 17.43 24.45
C VAL B 64 -50.67 16.46 24.70
N LEU B 65 -50.99 15.24 25.17
CA LEU B 65 -49.96 14.25 25.44
C LEU B 65 -49.21 13.87 24.17
N ALA B 66 -49.94 13.69 23.06
CA ALA B 66 -49.30 13.30 21.81
C ALA B 66 -48.43 14.43 21.26
N ALA B 67 -48.89 15.68 21.36
CA ALA B 67 -48.08 16.80 20.92
C ALA B 67 -46.80 16.90 21.74
N SER B 68 -46.91 16.73 23.07
CA SER B 68 -45.73 16.77 23.91
C SER B 68 -44.77 15.64 23.57
N ALA B 69 -45.31 14.44 23.35
CA ALA B 69 -44.46 13.29 23.01
C ALA B 69 -43.74 13.50 21.69
N GLY B 70 -44.45 13.99 20.68
CA GLY B 70 -43.81 14.25 19.40
C GLY B 70 -42.75 15.33 19.48
N GLY B 71 -43.05 16.41 20.20
CA GLY B 71 -42.06 17.46 20.36
C GLY B 71 -40.79 16.97 21.06
N MET B 72 -40.97 16.24 22.16
CA MET B 72 -39.80 15.74 22.88
C MET B 72 -39.04 14.71 22.06
N LEU B 73 -39.75 13.87 21.29
CA LEU B 73 -39.07 12.88 20.47
C LEU B 73 -38.23 13.54 19.38
N THR B 74 -38.82 14.51 18.67
CA THR B 74 -38.08 15.18 17.60
C THR B 74 -36.93 16.01 18.17
N TYR B 75 -37.10 16.62 19.34
CA TYR B 75 -36.01 17.38 19.93
C TYR B 75 -34.88 16.46 20.39
N GLY B 76 -35.22 15.30 20.95
CA GLY B 76 -34.20 14.33 21.30
C GLY B 76 -33.45 13.81 20.10
N VAL B 77 -34.15 13.55 19.00
CA VAL B 77 -33.50 13.11 17.78
C VAL B 77 -32.54 14.20 17.27
N TYR B 78 -33.00 15.45 17.29
CA TYR B 78 -32.16 16.55 16.81
C TYR B 78 -30.91 16.71 17.68
N LEU B 79 -31.08 16.69 19.01
CA LEU B 79 -29.93 16.83 19.90
C LEU B 79 -28.96 15.65 19.74
N GLY B 80 -29.48 14.43 19.61
CA GLY B 80 -28.61 13.29 19.44
C GLY B 80 -27.82 13.35 18.16
N LEU B 81 -28.48 13.72 17.05
CA LEU B 81 -27.76 13.85 15.78
C LEU B 81 -26.71 14.95 15.84
N LEU B 82 -27.06 16.09 16.45
CA LEU B 82 -26.10 17.18 16.56
C LEU B 82 -24.89 16.76 17.37
N GLN B 83 -25.11 16.09 18.50
CA GLN B 83 -24.00 15.63 19.33
C GLN B 83 -23.15 14.60 18.60
N MET B 84 -23.78 13.66 17.90
CA MET B 84 -23.04 12.65 17.17
C MET B 84 -22.18 13.27 16.08
N GLN B 85 -22.70 14.27 15.38
CA GLN B 85 -21.91 14.93 14.34
C GLN B 85 -20.82 15.81 14.93
N LEU B 86 -21.04 16.38 16.12
CA LEU B 86 -19.97 17.17 16.74
C LEU B 86 -18.84 16.29 17.24
N ILE B 87 -19.15 15.13 17.80
CA ILE B 87 -18.09 14.23 18.26
C ILE B 87 -17.41 13.52 17.10
N LEU B 88 -18.15 13.17 16.05
CA LEU B 88 -17.56 12.45 14.93
C LEU B 88 -16.73 13.34 14.02
N HIS B 89 -16.91 14.66 14.09
CA HIS B 89 -16.18 15.59 13.24
C HIS B 89 -15.06 16.31 13.98
N TYR B 90 -14.70 15.85 15.17
CA TYR B 90 -13.63 16.45 15.96
C TYR B 90 -12.52 15.40 16.13
N ASP B 91 -11.94 15.00 15.01
CA ASP B 91 -10.80 14.08 15.01
C ASP B 91 -10.19 14.02 13.61
N GLU B 92 -8.86 14.03 13.52
CA GLU B 92 -8.23 13.99 12.20
C GLU B 92 -8.42 12.63 11.55
N THR B 93 -8.62 11.58 12.34
CA THR B 93 -8.84 10.23 11.80
C THR B 93 -10.06 10.21 10.88
N TYR B 94 -11.25 10.43 11.45
CA TYR B 94 -12.48 10.38 10.66
C TYR B 94 -12.47 11.44 9.56
N ARG B 95 -12.11 12.67 9.91
CA ARG B 95 -12.22 13.77 8.95
C ARG B 95 -11.27 13.59 7.78
N GLU B 96 -10.11 12.95 8.02
CA GLU B 96 -9.14 12.76 6.94
C GLU B 96 -9.38 11.48 6.16
N VAL B 97 -9.87 10.41 6.80
CA VAL B 97 -10.14 9.17 6.07
C VAL B 97 -11.43 9.31 5.26
N LYS B 98 -12.54 9.57 5.93
CA LYS B 98 -13.83 9.52 5.22
C LYS B 98 -14.00 10.71 4.29
N TYR B 99 -13.53 11.90 4.69
CA TYR B 99 -13.69 13.10 3.88
C TYR B 99 -12.38 13.63 3.34
N GLY B 100 -11.41 13.90 4.20
CA GLY B 100 -10.12 14.39 3.76
C GLY B 100 -10.18 15.81 3.23
N ASN B 101 -10.00 15.97 1.92
CA ASN B 101 -10.01 17.29 1.28
C ASN B 101 -11.45 17.70 0.94
N MET B 102 -12.21 17.96 1.99
CA MET B 102 -13.61 18.38 1.85
C MET B 102 -13.95 19.65 2.61
N GLY B 103 -13.08 20.13 3.50
CA GLY B 103 -13.36 21.31 4.28
C GLY B 103 -14.45 21.10 5.31
N LEU B 104 -14.33 20.02 6.08
CA LEU B 104 -15.36 19.67 7.06
C LEU B 104 -15.51 20.70 8.17
N PRO B 105 -14.44 21.20 8.81
CA PRO B 105 -14.63 22.24 9.83
C PRO B 105 -15.36 23.47 9.30
N ASP B 106 -15.12 23.84 8.04
CA ASP B 106 -15.90 24.90 7.42
C ASP B 106 -17.38 24.52 7.37
N ILE B 107 -17.68 23.25 7.08
CA ILE B 107 -19.06 22.79 7.03
C ILE B 107 -19.72 22.93 8.40
N ASP B 108 -19.01 22.49 9.46
CA ASP B 108 -19.58 22.61 10.80
C ASP B 108 -19.76 24.07 11.20
N SER B 109 -18.81 24.93 10.82
CA SER B 109 -18.93 26.35 11.16
C SER B 109 -20.14 26.98 10.47
N LYS B 110 -20.31 26.73 9.17
CA LYS B 110 -21.46 27.29 8.47
C LYS B 110 -22.76 26.70 8.99
N MET B 111 -22.77 25.43 9.38
CA MET B 111 -23.97 24.82 9.93
C MET B 111 -24.36 25.47 11.27
N LEU B 112 -23.37 25.62 12.17
CA LEU B 112 -23.63 26.27 13.45
C LEU B 112 -24.10 27.71 13.24
N MET B 113 -23.50 28.41 12.27
CA MET B 113 -23.95 29.76 11.95
C MET B 113 -25.41 29.78 11.51
N GLY B 114 -25.71 29.07 10.41
CA GLY B 114 -27.06 29.03 9.89
C GLY B 114 -28.09 28.52 10.88
N ILE B 115 -27.66 27.78 11.90
CA ILE B 115 -28.58 27.36 12.94
C ILE B 115 -28.76 28.44 14.02
N ASN B 116 -27.71 29.20 14.31
CA ASN B 116 -27.74 30.14 15.43
C ASN B 116 -28.03 31.59 15.04
N VAL B 117 -27.89 31.96 13.77
CA VAL B 117 -28.14 33.33 13.35
C VAL B 117 -29.46 33.50 12.62
N THR B 118 -30.01 32.44 12.03
CA THR B 118 -31.26 32.50 11.29
C THR B 118 -32.48 32.80 12.19
N PRO B 119 -32.59 32.20 13.39
CA PRO B 119 -33.79 32.46 14.22
C PRO B 119 -34.13 33.92 14.40
N ILE B 120 -33.15 34.82 14.40
CA ILE B 120 -33.43 36.26 14.48
C ILE B 120 -34.36 36.66 13.35
N ALA B 121 -33.93 36.41 12.11
CA ALA B 121 -34.76 36.71 10.95
C ALA B 121 -36.09 35.97 10.99
N ALA B 122 -36.20 34.93 11.83
CA ALA B 122 -37.47 34.25 11.99
C ALA B 122 -38.57 35.21 12.41
N LEU B 123 -38.23 36.22 13.23
CA LEU B 123 -39.22 37.22 13.63
C LEU B 123 -39.83 37.90 12.42
N LEU B 124 -39.03 38.13 11.39
CA LEU B 124 -39.52 38.80 10.19
C LEU B 124 -40.47 37.94 9.37
N TYR B 125 -40.73 36.70 9.79
CA TYR B 125 -41.61 35.83 9.03
C TYR B 125 -42.21 34.73 9.89
N THR B 126 -42.56 35.03 11.14
CA THR B 126 -43.21 34.02 11.98
C THR B 126 -44.67 34.34 12.34
N PRO B 127 -45.10 35.62 12.55
CA PRO B 127 -46.49 35.82 12.98
C PRO B 127 -47.48 35.40 11.91
N VAL B 128 -47.43 36.05 10.73
CA VAL B 128 -48.31 35.67 9.64
C VAL B 128 -48.20 34.18 9.35
N LEU B 129 -46.98 33.65 9.43
CA LEU B 129 -46.76 32.23 9.21
C LEU B 129 -47.62 31.40 10.15
N ILE B 130 -47.57 31.67 11.45
CA ILE B 130 -48.33 30.87 12.40
C ILE B 130 -49.83 31.14 12.27
N ARG B 131 -50.20 32.20 11.57
CA ARG B 131 -51.61 32.49 11.27
C ARG B 131 -51.98 32.08 9.85
N PHE B 132 -51.04 31.51 9.09
CA PHE B 132 -51.34 31.02 7.75
C PHE B 132 -51.76 29.55 7.78
N PHE B 133 -50.89 28.68 8.29
CA PHE B 133 -51.24 27.27 8.41
C PHE B 133 -52.18 27.04 9.59
N GLY B 134 -51.83 27.57 10.75
CA GLY B 134 -52.64 27.44 11.94
C GLY B 134 -51.76 27.24 13.16
N THR B 135 -52.38 26.89 14.27
CA THR B 135 -51.66 26.65 15.51
C THR B 135 -51.07 25.25 15.59
N LYS B 136 -51.62 24.29 14.85
CA LYS B 136 -51.11 22.93 14.83
C LYS B 136 -50.30 22.60 13.59
N TRP B 137 -50.68 23.16 12.43
CA TRP B 137 -49.99 22.82 11.19
C TRP B 137 -48.57 23.38 11.16
N MET B 138 -48.33 24.51 11.84
CA MET B 138 -46.96 25.01 11.94
C MET B 138 -46.08 24.07 12.74
N MET B 139 -46.63 23.41 13.76
CA MET B 139 -45.90 22.38 14.48
C MET B 139 -45.47 21.27 13.54
N PHE B 140 -46.39 20.83 12.67
CA PHE B 140 -46.08 19.78 11.72
C PHE B 140 -45.03 20.22 10.72
N LEU B 141 -45.14 21.46 10.23
CA LEU B 141 -44.13 21.98 9.31
C LEU B 141 -42.76 22.04 9.98
N ALA B 142 -42.71 22.42 11.25
CA ALA B 142 -41.44 22.51 11.96
C ALA B 142 -40.82 21.13 12.17
N VAL B 143 -41.63 20.16 12.59
CA VAL B 143 -41.08 18.81 12.79
C VAL B 143 -40.70 18.19 11.44
N GLY B 144 -41.37 18.57 10.36
CA GLY B 144 -40.96 18.11 9.04
C GLY B 144 -39.64 18.73 8.61
N ILE B 145 -39.43 20.00 8.95
CA ILE B 145 -38.14 20.63 8.69
C ILE B 145 -37.03 19.96 9.50
N TYR B 146 -37.33 19.60 10.76
CA TYR B 146 -36.38 18.85 11.57
C TYR B 146 -36.04 17.51 10.92
N ALA B 147 -37.06 16.79 10.46
CA ALA B 147 -36.83 15.51 9.79
C ALA B 147 -36.04 15.69 8.50
N LEU B 148 -36.25 16.79 7.79
CA LEU B 148 -35.47 17.07 6.58
C LEU B 148 -34.01 17.34 6.93
N PHE B 149 -33.76 18.09 8.01
CA PHE B 149 -32.39 18.31 8.46
C PHE B 149 -31.72 17.00 8.86
N VAL B 150 -32.49 16.09 9.47
CA VAL B 150 -31.96 14.78 9.81
C VAL B 150 -31.68 13.98 8.54
N SER B 151 -32.53 14.11 7.51
CA SER B 151 -32.33 13.38 6.27
C SER B 151 -31.08 13.84 5.54
N THR B 152 -30.83 15.15 5.52
CA THR B 152 -29.63 15.66 4.85
C THR B 152 -28.34 15.24 5.56
N ASN B 153 -28.42 14.61 6.72
CA ASN B 153 -27.24 14.17 7.46
C ASN B 153 -26.59 12.93 6.85
N TYR B 154 -27.24 12.29 5.89
CA TYR B 154 -26.71 11.07 5.29
C TYR B 154 -25.47 11.34 4.45
N TRP B 155 -25.66 11.95 3.27
CA TRP B 155 -24.55 12.18 2.36
C TRP B 155 -23.58 13.22 2.90
N GLU B 156 -24.12 14.26 3.56
CA GLU B 156 -23.32 15.27 4.27
C GLU B 156 -22.40 16.03 3.33
N ARG B 157 -22.90 17.13 2.76
CA ARG B 157 -22.11 18.03 1.93
C ARG B 157 -22.49 19.47 2.27
N TYR B 158 -21.97 20.42 1.49
CA TYR B 158 -22.23 21.83 1.76
C TYR B 158 -23.63 22.22 1.31
N TYR B 159 -23.94 22.00 0.02
CA TYR B 159 -25.20 22.43 -0.56
C TYR B 159 -26.40 21.66 -0.02
N THR B 160 -26.18 20.65 0.81
CA THR B 160 -27.29 19.93 1.44
C THR B 160 -27.36 20.15 2.94
N LEU B 161 -26.27 20.57 3.59
CA LEU B 161 -26.29 20.86 5.02
C LEU B 161 -26.58 22.33 5.31
N VAL B 162 -26.11 23.24 4.47
CA VAL B 162 -26.33 24.67 4.69
C VAL B 162 -27.83 25.01 4.55
N PRO B 163 -28.52 24.59 3.48
CA PRO B 163 -29.96 24.91 3.41
C PRO B 163 -30.77 24.27 4.52
N SER B 164 -30.45 23.02 4.89
CA SER B 164 -31.15 22.39 6.00
C SER B 164 -30.88 23.12 7.31
N ALA B 165 -29.65 23.61 7.49
CA ALA B 165 -29.34 24.38 8.70
C ALA B 165 -30.13 25.69 8.72
N VAL B 166 -30.24 26.36 7.58
CA VAL B 166 -31.01 27.61 7.52
C VAL B 166 -32.48 27.33 7.81
N ALA B 167 -33.02 26.24 7.26
CA ALA B 167 -34.41 25.89 7.52
C ALA B 167 -34.64 25.57 9.00
N LEU B 168 -33.71 24.84 9.62
CA LEU B 168 -33.81 24.54 11.04
C LEU B 168 -33.75 25.82 11.87
N GLY B 169 -32.87 26.75 11.49
CA GLY B 169 -32.78 28.00 12.22
C GLY B 169 -34.05 28.83 12.10
N MET B 170 -34.64 28.88 10.91
CA MET B 170 -35.86 29.66 10.72
C MET B 170 -37.10 28.95 11.26
N ALA B 171 -37.01 27.66 11.56
CA ALA B 171 -38.14 26.92 12.10
C ALA B 171 -38.05 26.66 13.60
N ILE B 172 -36.89 26.88 14.22
CA ILE B 172 -36.74 26.57 15.63
C ILE B 172 -37.60 27.47 16.51
N VAL B 173 -37.91 28.68 16.04
CA VAL B 173 -38.69 29.63 16.84
C VAL B 173 -40.19 29.45 16.59
N PRO B 174 -40.65 29.37 15.33
CA PRO B 174 -42.08 29.10 15.12
C PRO B 174 -42.52 27.77 15.71
N LEU B 175 -41.63 26.79 15.78
CA LEU B 175 -41.95 25.53 16.44
C LEU B 175 -42.38 25.77 17.89
N TRP B 176 -41.52 26.42 18.66
CA TRP B 176 -41.83 26.69 20.06
C TRP B 176 -43.04 27.60 20.20
N ALA B 177 -43.18 28.58 19.30
CA ALA B 177 -44.32 29.50 19.36
C ALA B 177 -45.64 28.74 19.20
N SER B 178 -45.75 27.97 18.11
CA SER B 178 -46.97 27.20 17.88
C SER B 178 -47.17 26.15 18.97
N MET B 179 -46.10 25.58 19.51
CA MET B 179 -46.22 24.59 20.58
C MET B 179 -46.82 25.21 21.82
N GLY B 180 -46.28 26.34 22.27
CA GLY B 180 -46.82 27.01 23.44
C GLY B 180 -48.26 27.47 23.23
N ASN B 181 -48.54 28.04 22.05
CA ASN B 181 -49.91 28.47 21.76
C ASN B 181 -50.86 27.28 21.81
N TYR B 182 -50.47 26.14 21.24
CA TYR B 182 -51.32 24.96 21.22
C TYR B 182 -51.57 24.46 22.63
N ILE B 183 -50.52 24.35 23.45
CA ILE B 183 -50.69 23.85 24.81
C ILE B 183 -51.60 24.77 25.61
N THR B 184 -51.35 26.09 25.53
CA THR B 184 -52.16 27.02 26.31
C THR B 184 -53.61 27.02 25.85
N ARG B 185 -53.84 27.01 24.53
CA ARG B 185 -55.20 27.03 24.03
C ARG B 185 -55.95 25.75 24.39
N MET B 186 -55.28 24.61 24.34
CA MET B 186 -55.95 23.36 24.69
C MET B 186 -56.22 23.27 26.18
N ALA B 187 -55.33 23.81 27.01
CA ALA B 187 -55.64 23.90 28.44
C ALA B 187 -56.85 24.79 28.68
N GLN B 188 -56.93 25.91 27.95
CA GLN B 188 -58.09 26.78 28.08
C GLN B 188 -59.38 26.09 27.63
N LYS B 189 -59.30 25.30 26.55
CA LYS B 189 -60.47 24.58 26.08
C LYS B 189 -60.89 23.50 27.07
N TYR B 190 -59.93 22.80 27.66
CA TYR B 190 -60.27 21.82 28.69
C TYR B 190 -60.95 22.49 29.89
N HIS B 191 -60.41 23.64 30.32
CA HIS B 191 -61.01 24.35 31.44
C HIS B 191 -62.43 24.82 31.12
N GLU B 192 -62.62 25.38 29.92
CA GLU B 192 -63.95 25.88 29.57
C GLU B 192 -64.94 24.74 29.39
N TYR B 193 -64.49 23.59 28.89
CA TYR B 193 -65.38 22.43 28.80
C TYR B 193 -65.79 21.95 30.19
N SER B 194 -64.82 21.83 31.10
CA SER B 194 -65.13 21.42 32.46
C SER B 194 -66.08 22.40 33.14
N HIS B 195 -65.87 23.70 32.92
CA HIS B 195 -66.71 24.70 33.58
C HIS B 195 -68.11 24.72 32.99
N TYR B 196 -68.24 24.56 31.66
CA TYR B 196 -69.55 24.51 31.05
C TYR B 196 -70.29 23.22 31.39
N LYS B 197 -69.57 22.15 31.75
CA LYS B 197 -70.24 20.93 32.17
C LYS B 197 -70.67 21.02 33.63
N GLU B 198 -69.82 21.54 34.51
CA GLU B 198 -70.20 21.70 35.91
C GLU B 198 -71.07 22.91 36.15
N GLN B 199 -71.03 23.89 35.25
CA GLN B 199 -71.87 25.10 35.35
C GLN B 199 -72.45 25.36 33.97
N ASP B 200 -73.70 24.96 33.75
CA ASP B 200 -74.34 25.11 32.45
C ASP B 200 -74.74 26.56 32.20
N GLY B 201 -75.60 27.11 33.05
CA GLY B 201 -76.08 28.46 32.88
C GLY B 201 -75.28 29.49 33.64
N GLN B 202 -74.46 29.04 34.60
CA GLN B 202 -73.68 29.97 35.40
C GLN B 202 -72.57 30.61 34.58
N GLY B 203 -71.94 29.86 33.69
CA GLY B 203 -70.87 30.40 32.87
C GLY B 203 -71.43 31.32 31.80
N MET B 204 -70.94 32.56 31.75
CA MET B 204 -71.42 33.50 30.75
C MET B 204 -70.91 33.10 29.37
N LYS B 205 -71.70 33.44 28.34
CA LYS B 205 -71.46 32.93 26.99
C LYS B 205 -70.09 33.31 26.44
N GLN B 206 -69.47 34.37 26.95
CA GLN B 206 -68.16 34.80 26.48
C GLN B 206 -67.21 34.92 27.66
N ARG B 207 -65.96 34.54 27.43
CA ARG B 207 -64.87 34.65 28.40
C ARG B 207 -65.23 33.96 29.72
N PRO B 208 -65.25 32.63 29.76
CA PRO B 208 -65.71 31.92 30.96
C PRO B 208 -64.77 32.08 32.16
N PRO B 209 -63.47 31.71 32.04
CA PRO B 209 -62.73 31.31 33.24
C PRO B 209 -62.47 32.42 34.25
N ARG B 210 -62.05 33.59 33.77
CA ARG B 210 -61.65 34.72 34.62
C ARG B 210 -60.49 34.32 35.54
N GLY B 211 -59.34 34.12 34.90
CA GLY B 211 -58.11 33.81 35.61
C GLY B 211 -58.16 32.57 36.47
N SER B 212 -59.05 31.63 36.14
CA SER B 212 -59.22 30.40 36.93
C SER B 212 -58.76 29.17 36.16
N HIS B 213 -57.99 29.36 35.09
CA HIS B 213 -57.45 28.24 34.31
C HIS B 213 -56.01 27.92 34.70
N ALA B 214 -55.54 28.43 35.84
CA ALA B 214 -54.19 28.09 36.30
C ALA B 214 -54.08 26.64 36.77
N PRO B 215 -55.01 26.10 37.58
CA PRO B 215 -54.88 24.70 37.97
C PRO B 215 -54.94 23.71 36.81
N TYR B 216 -55.49 24.11 35.67
CA TYR B 216 -55.54 23.23 34.51
C TYR B 216 -54.41 23.49 33.51
N LEU B 217 -53.82 24.68 33.54
CA LEU B 217 -52.66 24.99 32.71
C LEU B 217 -51.37 24.47 33.34
N LEU B 218 -51.26 24.53 34.67
CA LEU B 218 -50.05 24.10 35.34
C LEU B 218 -49.86 22.59 35.25
N VAL B 219 -50.94 21.82 35.43
CA VAL B 219 -50.83 20.37 35.36
C VAL B 219 -50.54 19.89 33.94
N PHE B 220 -50.84 20.72 32.93
CA PHE B 220 -50.48 20.37 31.55
C PHE B 220 -49.03 20.73 31.27
N GLN B 221 -48.63 21.95 31.63
CA GLN B 221 -47.26 22.39 31.38
C GLN B 221 -46.25 21.54 32.16
N ALA B 222 -46.64 21.04 33.33
CA ALA B 222 -45.73 20.22 34.13
C ALA B 222 -45.36 18.94 33.39
N ILE B 223 -46.36 18.18 32.94
CA ILE B 223 -46.06 16.96 32.21
C ILE B 223 -45.44 17.26 30.86
N PHE B 224 -45.81 18.40 30.24
CA PHE B 224 -45.18 18.78 28.98
C PHE B 224 -43.68 18.96 29.14
N TYR B 225 -43.25 19.74 30.13
CA TYR B 225 -41.83 19.94 30.34
C TYR B 225 -41.15 18.70 30.93
N SER B 226 -41.89 17.85 31.66
CA SER B 226 -41.37 16.55 32.03
C SER B 226 -40.92 15.78 30.79
N PHE B 227 -41.81 15.69 29.79
CA PHE B 227 -41.46 15.00 28.56
C PHE B 227 -40.33 15.71 27.83
N PHE B 228 -40.39 17.04 27.78
CA PHE B 228 -39.37 17.80 27.05
C PHE B 228 -37.98 17.64 27.64
N HIS B 229 -37.89 17.49 28.97
CA HIS B 229 -36.59 17.31 29.60
C HIS B 229 -36.18 15.84 29.65
N LEU B 230 -37.15 14.91 29.61
CA LEU B 230 -36.80 13.51 29.38
C LEU B 230 -36.25 13.32 27.98
N SER B 231 -36.62 14.21 27.05
CA SER B 231 -36.01 14.21 25.72
C SER B 231 -34.50 14.39 25.79
N PHE B 232 -34.01 15.13 26.79
CA PHE B 232 -32.58 15.32 26.94
C PHE B 232 -31.88 13.99 27.24
N ALA B 233 -32.50 13.16 28.07
CA ALA B 233 -31.95 11.83 28.34
C ALA B 233 -32.11 10.91 27.13
N CYS B 234 -33.25 11.04 26.43
CA CYS B 234 -33.47 10.20 25.24
C CYS B 234 -32.47 10.51 24.14
N ALA B 235 -31.99 11.77 24.07
CA ALA B 235 -31.03 12.14 23.04
C ALA B 235 -29.68 11.46 23.22
N GLN B 236 -29.37 10.97 24.41
CA GLN B 236 -28.08 10.34 24.69
C GLN B 236 -28.09 8.84 24.44
N LEU B 237 -29.19 8.30 23.91
CA LEU B 237 -29.30 6.87 23.66
C LEU B 237 -28.38 6.41 22.53
N PRO B 238 -28.33 7.08 21.37
CA PRO B 238 -27.40 6.61 20.33
C PRO B 238 -25.94 6.69 20.74
N MET B 239 -25.54 7.77 21.43
CA MET B 239 -24.15 7.89 21.87
C MET B 239 -23.79 6.81 22.87
N ILE B 240 -24.73 6.42 23.73
CA ILE B 240 -24.47 5.38 24.71
C ILE B 240 -24.41 4.01 24.05
N TYR B 241 -25.36 3.73 23.16
CA TYR B 241 -25.45 2.42 22.53
C TYR B 241 -24.53 2.26 21.33
N PHE B 242 -23.76 3.29 20.97
CA PHE B 242 -22.91 3.18 19.79
C PHE B 242 -21.59 3.91 19.96
N LEU B 243 -21.64 5.19 20.35
CA LEU B 243 -20.46 6.04 20.35
C LEU B 243 -19.65 5.94 21.64
N ASN B 244 -20.30 5.62 22.77
CA ASN B 244 -19.59 5.58 24.05
C ASN B 244 -18.60 4.42 24.14
N HIS B 245 -18.70 3.42 23.26
CA HIS B 245 -17.79 2.29 23.26
C HIS B 245 -16.68 2.42 22.22
N TYR B 246 -16.65 3.52 21.46
CA TYR B 246 -15.69 3.70 20.40
C TYR B 246 -14.61 4.72 20.71
N LEU B 247 -14.70 5.41 21.85
CA LEU B 247 -13.69 6.37 22.27
C LEU B 247 -12.85 5.77 23.39
N TYR B 248 -11.55 6.03 23.34
CA TYR B 248 -10.62 5.41 24.27
C TYR B 248 -10.64 6.13 25.62
N ASP B 249 -9.83 5.65 26.55
CA ASP B 249 -9.86 6.12 27.93
C ASP B 249 -9.37 7.56 28.02
N LEU B 250 -9.82 8.24 29.08
CA LEU B 250 -9.49 9.65 29.29
C LEU B 250 -8.01 9.88 29.61
N ASN B 251 -7.20 8.83 29.68
CA ASN B 251 -5.80 9.00 30.04
C ASN B 251 -4.98 9.66 28.93
N HIS B 252 -5.43 9.57 27.68
CA HIS B 252 -4.70 10.16 26.57
C HIS B 252 -5.41 11.33 25.91
N THR B 253 -6.74 11.31 25.82
CA THR B 253 -7.49 12.41 25.23
C THR B 253 -7.61 13.61 26.15
N LEU B 254 -7.31 13.44 27.44
CA LEU B 254 -7.33 14.53 28.42
C LEU B 254 -5.92 14.78 28.97
N TYR B 255 -4.92 14.66 28.10
CA TYR B 255 -3.54 14.77 28.54
C TYR B 255 -3.15 16.22 28.81
N ASN B 256 -3.09 17.05 27.76
CA ASN B 256 -2.65 18.43 27.91
C ASN B 256 -3.78 19.33 28.40
N VAL B 257 -4.34 19.00 29.56
CA VAL B 257 -5.32 19.86 30.21
C VAL B 257 -4.71 20.40 31.50
N GLN B 258 -4.13 21.60 31.42
CA GLN B 258 -3.41 22.15 32.56
C GLN B 258 -4.37 22.62 33.66
N SER B 259 -5.44 23.31 33.28
CA SER B 259 -6.41 23.80 34.26
C SER B 259 -7.77 23.91 33.59
N CYS B 260 -8.81 23.74 34.40
CA CYS B 260 -10.18 23.81 33.92
C CYS B 260 -11.02 24.51 34.98
N GLY B 261 -12.32 24.25 34.98
CA GLY B 261 -13.24 24.84 35.94
C GLY B 261 -13.34 26.35 35.80
N THR B 262 -12.95 27.07 36.86
CA THR B 262 -12.98 28.53 36.81
C THR B 262 -11.91 29.10 35.88
N ASN B 263 -10.92 28.29 35.50
CA ASN B 263 -9.89 28.74 34.58
C ASN B 263 -10.00 28.01 33.26
N SER B 264 -11.19 28.06 32.65
CA SER B 264 -11.40 27.38 31.38
C SER B 264 -10.78 28.16 30.21
N HIS B 265 -11.00 29.46 30.17
CA HIS B 265 -10.50 30.32 29.09
C HIS B 265 -10.96 29.83 27.73
N GLY B 266 -12.22 29.41 27.64
CA GLY B 266 -12.77 28.89 26.41
C GLY B 266 -13.64 27.66 26.62
N ILE B 267 -14.29 27.20 25.56
CA ILE B 267 -15.11 26.00 25.66
C ILE B 267 -14.25 24.78 25.94
N LEU B 268 -13.24 24.55 25.10
CA LEU B 268 -12.28 23.45 25.27
C LEU B 268 -10.91 23.97 24.86
N SER B 269 -10.15 24.48 25.85
CA SER B 269 -8.84 25.03 25.57
C SER B 269 -7.83 23.92 25.28
N GLY B 270 -7.61 23.04 26.25
CA GLY B 270 -6.69 21.92 26.08
C GLY B 270 -7.44 20.64 25.84
N PHE B 271 -7.10 19.97 24.73
CA PHE B 271 -7.74 18.74 24.34
C PHE B 271 -6.91 18.07 23.26
N ASN B 272 -7.09 16.75 23.12
CA ASN B 272 -6.38 16.02 22.10
C ASN B 272 -7.04 16.19 20.74
N LYS B 273 -6.25 15.99 19.68
CA LYS B 273 -6.78 16.14 18.33
C LYS B 273 -7.76 15.01 17.99
N THR B 274 -7.55 13.81 18.53
CA THR B 274 -8.40 12.67 18.25
C THR B 274 -9.13 12.23 19.52
N VAL B 275 -10.26 11.57 19.33
CA VAL B 275 -11.05 11.08 20.45
C VAL B 275 -11.46 9.62 20.31
N LEU B 276 -11.52 9.06 19.10
CA LEU B 276 -11.95 7.69 18.90
C LEU B 276 -10.75 6.76 18.80
N ARG B 277 -10.81 5.64 19.52
CA ARG B 277 -9.74 4.64 19.42
C ARG B 277 -9.79 3.92 18.07
N THR B 278 -10.99 3.58 17.61
CA THR B 278 -11.19 2.95 16.32
C THR B 278 -12.24 3.73 15.54
N LEU B 279 -12.07 3.75 14.22
CA LEU B 279 -13.02 4.46 13.38
C LEU B 279 -14.29 3.64 13.22
N PRO B 280 -15.47 4.23 13.42
CA PRO B 280 -16.70 3.44 13.37
C PRO B 280 -16.99 2.93 11.96
N ARG B 281 -17.41 1.67 11.88
CA ARG B 281 -17.76 1.08 10.60
C ARG B 281 -18.98 1.79 10.01
N SER B 282 -19.06 1.77 8.67
CA SER B 282 -20.16 2.46 8.01
C SER B 282 -21.50 1.79 8.26
N GLY B 283 -21.50 0.47 8.50
CA GLY B 283 -22.74 -0.23 8.74
C GLY B 283 -23.42 0.22 10.03
N ASN B 284 -22.64 0.31 11.11
CA ASN B 284 -23.19 0.79 12.37
C ASN B 284 -23.71 2.21 12.24
N LEU B 285 -22.97 3.06 11.55
CA LEU B 285 -23.39 4.44 11.35
C LEU B 285 -24.70 4.52 10.58
N ILE B 286 -24.81 3.74 9.50
CA ILE B 286 -26.02 3.82 8.69
C ILE B 286 -27.21 3.23 9.43
N VAL B 287 -27.02 2.18 10.23
CA VAL B 287 -28.17 1.63 10.94
C VAL B 287 -28.60 2.58 12.05
N VAL B 288 -27.64 3.24 12.71
CA VAL B 288 -28.00 4.22 13.74
C VAL B 288 -28.75 5.39 13.12
N GLU B 289 -28.27 5.92 11.99
CA GLU B 289 -28.95 7.04 11.36
C GLU B 289 -30.31 6.64 10.81
N SER B 290 -30.47 5.40 10.34
CA SER B 290 -31.78 4.96 9.87
C SER B 290 -32.74 4.79 11.04
N VAL B 291 -32.26 4.32 12.18
CA VAL B 291 -33.10 4.25 13.37
C VAL B 291 -33.53 5.66 13.80
N LEU B 292 -32.60 6.62 13.72
CA LEU B 292 -32.94 7.99 14.06
C LEU B 292 -33.99 8.56 13.10
N MET B 293 -33.83 8.31 11.80
CA MET B 293 -34.84 8.74 10.84
C MET B 293 -36.18 8.08 11.11
N ALA B 294 -36.17 6.80 11.48
CA ALA B 294 -37.42 6.08 11.73
C ALA B 294 -38.15 6.66 12.93
N VAL B 295 -37.42 6.93 14.03
CA VAL B 295 -38.08 7.48 15.21
C VAL B 295 -38.52 8.92 14.96
N ALA B 296 -37.76 9.68 14.17
CA ALA B 296 -38.19 11.04 13.84
C ALA B 296 -39.45 11.04 12.99
N PHE B 297 -39.53 10.12 12.02
CA PHE B 297 -40.74 10.00 11.21
C PHE B 297 -41.92 9.52 12.05
N LEU B 298 -41.66 8.65 13.02
CA LEU B 298 -42.72 8.22 13.93
C LEU B 298 -43.25 9.39 14.75
N ALA B 299 -42.34 10.21 15.27
CA ALA B 299 -42.76 11.41 16.01
C ALA B 299 -43.57 12.34 15.12
N MET B 300 -43.11 12.56 13.88
CA MET B 300 -43.80 13.47 12.98
C MET B 300 -45.20 12.94 12.63
N LEU B 301 -45.32 11.63 12.38
CA LEU B 301 -46.62 11.07 12.03
C LEU B 301 -47.55 11.03 13.23
N LEU B 302 -47.03 10.87 14.44
CA LEU B 302 -47.92 10.92 15.61
C LEU B 302 -48.32 12.35 15.93
N VAL B 303 -47.49 13.33 15.59
CA VAL B 303 -47.92 14.72 15.70
C VAL B 303 -49.00 15.03 14.67
N LEU B 304 -48.86 14.48 13.46
CA LEU B 304 -49.86 14.72 12.42
C LEU B 304 -51.18 14.06 12.76
N GLY B 305 -51.17 12.76 13.02
CA GLY B 305 -52.39 11.99 13.19
C GLY B 305 -53.03 12.13 14.54
N LEU B 306 -52.25 12.01 15.62
CA LEU B 306 -52.79 12.05 16.97
C LEU B 306 -52.97 13.49 17.45
N CYS B 307 -53.44 14.37 16.57
CA CYS B 307 -53.79 15.73 16.94
C CYS B 307 -55.16 16.17 16.47
N GLY B 308 -55.73 15.56 15.44
CA GLY B 308 -57.06 15.93 15.00
C GLY B 308 -57.07 17.32 14.39
N ALA B 309 -58.01 18.15 14.85
CA ALA B 309 -58.11 19.54 14.41
C ALA B 309 -58.71 20.35 15.54
N ALA B 310 -57.96 21.34 16.01
CA ALA B 310 -58.39 22.20 17.12
C ALA B 310 -58.28 23.67 16.71
N TYR B 311 -58.71 23.98 15.50
CA TYR B 311 -58.66 25.36 15.00
C TYR B 311 -60.04 25.93 14.71
N ARG B 312 -60.86 25.23 13.90
CA ARG B 312 -62.22 25.61 13.52
C ARG B 312 -62.19 26.85 12.61
N PRO B 313 -63.10 26.95 11.63
CA PRO B 313 -63.04 28.07 10.70
C PRO B 313 -63.58 29.38 11.26
N THR B 314 -64.34 29.35 12.35
CA THR B 314 -64.88 30.59 12.90
C THR B 314 -63.76 31.50 13.39
N GLU B 315 -62.85 30.98 14.21
CA GLU B 315 -61.68 31.75 14.60
C GLU B 315 -60.80 32.07 13.40
N GLU B 316 -60.79 31.22 12.37
CA GLU B 316 -60.04 31.53 11.16
C GLU B 316 -60.51 32.83 10.54
N ILE B 317 -61.82 32.94 10.27
CA ILE B 317 -62.32 34.18 9.67
C ILE B 317 -62.24 35.33 10.66
N ASP B 318 -62.34 35.04 11.97
CA ASP B 318 -62.22 36.11 12.96
C ASP B 318 -60.85 36.76 12.93
N LEU B 319 -59.79 35.93 12.87
CA LEU B 319 -58.44 36.48 12.77
C LEU B 319 -58.15 37.05 11.39
N ARG B 320 -58.79 36.52 10.35
CA ARG B 320 -58.64 37.12 9.02
C ARG B 320 -59.34 38.46 8.90
N SER B 321 -60.29 38.75 9.80
CA SER B 321 -60.89 40.08 9.84
C SER B 321 -59.89 41.16 10.26
N VAL B 322 -58.72 40.77 10.76
CA VAL B 322 -57.71 41.76 11.13
C VAL B 322 -56.91 42.21 9.92
N GLY B 323 -56.47 41.26 9.09
CA GLY B 323 -55.73 41.56 7.88
C GLY B 323 -54.25 41.24 8.00
N TRP B 324 -53.59 41.27 6.85
CA TRP B 324 -52.15 41.00 6.79
C TRP B 324 -51.31 42.25 6.93
N GLY B 325 -51.85 43.42 6.56
CA GLY B 325 -51.09 44.65 6.66
C GLY B 325 -50.82 45.12 8.08
N ASN B 326 -51.47 44.50 9.07
CA ASN B 326 -51.27 44.87 10.47
C ASN B 326 -50.53 43.82 11.28
N ILE B 327 -50.65 42.54 10.91
CA ILE B 327 -50.03 41.47 11.69
C ILE B 327 -48.51 41.58 11.73
N PHE B 328 -47.92 42.32 10.77
CA PHE B 328 -46.47 42.46 10.76
C PHE B 328 -45.96 43.28 11.94
N GLN B 329 -46.74 44.27 12.39
CA GLN B 329 -46.27 45.24 13.37
C GLN B 329 -46.88 45.08 14.75
N LEU B 330 -47.82 44.16 14.95
CA LEU B 330 -48.35 43.96 16.30
C LEU B 330 -47.31 43.45 17.29
N PRO B 331 -46.42 42.51 16.95
CA PRO B 331 -45.30 42.22 17.86
C PRO B 331 -44.38 43.41 18.09
N PHE B 332 -44.32 44.34 17.14
CA PHE B 332 -43.59 45.59 17.32
C PHE B 332 -44.44 46.67 17.98
N LYS B 333 -45.76 46.58 17.90
CA LYS B 333 -46.62 47.50 18.64
C LYS B 333 -46.70 47.14 20.12
N HIS B 334 -46.51 45.86 20.45
CA HIS B 334 -46.57 45.42 21.84
C HIS B 334 -45.33 45.76 22.64
N VAL B 335 -44.40 46.54 22.09
CA VAL B 335 -43.24 46.97 22.86
C VAL B 335 -43.63 47.98 23.94
N ARG B 336 -44.81 48.59 23.83
CA ARG B 336 -45.30 49.50 24.85
C ARG B 336 -45.94 48.77 26.02
N ASP B 337 -46.00 47.44 25.99
CA ASP B 337 -46.53 46.69 27.12
C ASP B 337 -45.61 46.83 28.32
N TYR B 338 -46.22 47.04 29.49
CA TYR B 338 -45.43 47.30 30.69
C TYR B 338 -44.78 46.02 31.21
N ARG B 339 -45.45 44.88 31.10
CA ARG B 339 -44.93 43.65 31.66
C ARG B 339 -43.76 43.09 30.85
N LEU B 340 -43.62 43.48 29.59
CA LEU B 340 -42.58 42.89 28.74
C LEU B 340 -41.19 43.45 29.05
N ARG B 341 -41.11 44.74 29.39
CA ARG B 341 -39.82 45.34 29.69
C ARG B 341 -39.17 44.73 30.93
N HIS B 342 -39.96 44.10 31.80
CA HIS B 342 -39.42 43.43 32.97
C HIS B 342 -39.29 41.92 32.80
N LEU B 343 -39.87 41.36 31.74
CA LEU B 343 -39.80 39.93 31.50
C LEU B 343 -38.82 39.55 30.39
N VAL B 344 -38.39 40.51 29.56
CA VAL B 344 -37.37 40.23 28.56
C VAL B 344 -36.08 39.71 29.19
N PRO B 345 -35.56 40.29 30.28
CA PRO B 345 -34.39 39.68 30.92
C PRO B 345 -34.65 38.26 31.40
N PHE B 346 -35.89 37.93 31.77
CA PHE B 346 -36.19 36.55 32.14
C PHE B 346 -36.00 35.61 30.97
N PHE B 347 -36.43 36.03 29.77
CA PHE B 347 -36.25 35.18 28.59
C PHE B 347 -34.78 35.07 28.22
N ILE B 348 -34.05 36.18 28.32
CA ILE B 348 -32.61 36.15 28.05
C ILE B 348 -31.91 35.19 29.01
N TYR B 349 -32.30 35.22 30.28
CA TYR B 349 -31.71 34.31 31.26
C TYR B 349 -32.09 32.87 30.96
N SER B 350 -33.33 32.62 30.55
CA SER B 350 -33.74 31.27 30.21
C SER B 350 -32.87 30.71 29.08
N GLY B 351 -32.66 31.51 28.03
CA GLY B 351 -31.78 31.08 26.95
C GLY B 351 -30.35 30.84 27.43
N PHE B 352 -29.81 31.78 28.21
CA PHE B 352 -28.45 31.65 28.69
C PHE B 352 -28.29 30.40 29.56
N GLU B 353 -29.28 30.12 30.41
CA GLU B 353 -29.15 29.00 31.32
C GLU B 353 -29.37 27.66 30.64
N VAL B 354 -30.23 27.59 29.61
CA VAL B 354 -30.34 26.33 28.88
C VAL B 354 -29.08 26.08 28.06
N LEU B 355 -28.48 27.15 27.52
CA LEU B 355 -27.21 26.97 26.80
C LEU B 355 -26.07 26.62 27.76
N PHE B 356 -26.15 27.09 29.01
CA PHE B 356 -25.14 26.72 29.99
C PHE B 356 -25.30 25.27 30.44
N ALA B 357 -26.55 24.84 30.65
CA ALA B 357 -26.80 23.44 31.01
C ALA B 357 -26.45 22.51 29.87
N CYS B 358 -26.54 22.98 28.62
CA CYS B 358 -26.19 22.13 27.49
C CYS B 358 -24.67 22.02 27.32
N THR B 359 -23.95 23.14 27.44
CA THR B 359 -22.52 23.17 27.15
C THR B 359 -21.67 23.62 28.32
N GLY B 360 -22.14 24.59 29.12
CA GLY B 360 -21.29 25.17 30.13
C GLY B 360 -20.89 24.18 31.22
N ILE B 361 -21.83 23.36 31.67
CA ILE B 361 -21.56 22.43 32.75
C ILE B 361 -21.02 21.10 32.22
N ALA B 362 -21.50 20.64 31.06
CA ALA B 362 -21.07 19.35 30.54
C ALA B 362 -19.70 19.44 29.89
N LEU B 363 -19.45 20.49 29.11
CA LEU B 363 -18.18 20.64 28.40
C LEU B 363 -17.19 21.52 29.14
N GLY B 364 -17.59 22.15 30.24
CA GLY B 364 -16.69 23.00 31.00
C GLY B 364 -16.25 22.40 32.31
N TYR B 365 -17.14 21.66 32.95
CA TYR B 365 -16.85 21.02 34.24
C TYR B 365 -16.92 19.51 34.18
N GLY B 366 -17.88 18.94 33.45
CA GLY B 366 -18.00 17.50 33.35
C GLY B 366 -16.90 16.84 32.54
N VAL B 367 -16.23 17.60 31.66
CA VAL B 367 -15.14 17.06 30.86
C VAL B 367 -13.81 17.08 31.59
N CYS B 368 -13.76 17.66 32.78
CA CYS B 368 -12.51 17.78 33.53
C CYS B 368 -12.05 16.45 34.10
N SER B 369 -12.68 16.03 35.21
CA SER B 369 -12.24 14.83 35.90
C SER B 369 -12.42 13.58 35.04
N VAL B 370 -13.44 13.57 34.19
CA VAL B 370 -13.73 12.43 33.33
C VAL B 370 -13.89 12.93 31.90
N GLY B 371 -13.49 12.08 30.94
CA GLY B 371 -13.57 12.42 29.53
C GLY B 371 -14.96 12.28 28.97
N LEU B 372 -15.03 11.86 27.70
CA LEU B 372 -16.30 11.68 27.02
C LEU B 372 -17.02 10.40 27.40
N GLU B 373 -16.44 9.59 28.30
CA GLU B 373 -17.08 8.35 28.70
C GLU B 373 -18.28 8.59 29.60
N ARG B 374 -18.21 9.61 30.47
CA ARG B 374 -19.26 9.87 31.46
C ARG B 374 -20.01 11.16 31.18
N LEU B 375 -19.82 11.79 30.01
CA LEU B 375 -20.58 12.98 29.68
C LEU B 375 -22.03 12.64 29.37
N ALA B 376 -22.26 11.50 28.72
CA ALA B 376 -23.62 11.07 28.41
C ALA B 376 -24.40 10.79 29.69
N TYR B 377 -23.78 10.06 30.64
CA TYR B 377 -24.43 9.83 31.93
C TYR B 377 -24.69 11.16 32.65
N LEU B 378 -23.79 12.13 32.49
CA LEU B 378 -23.99 13.43 33.10
C LEU B 378 -25.23 14.11 32.53
N LEU B 379 -25.39 14.08 31.20
CA LEU B 379 -26.55 14.68 30.58
C LEU B 379 -27.83 13.96 30.97
N VAL B 380 -27.79 12.62 31.05
CA VAL B 380 -28.98 11.88 31.49
C VAL B 380 -29.33 12.22 32.93
N ALA B 381 -28.33 12.40 33.80
CA ALA B 381 -28.60 12.77 35.18
C ALA B 381 -29.23 14.15 35.26
N TYR B 382 -28.71 15.10 34.49
CA TYR B 382 -29.33 16.43 34.41
C TYR B 382 -30.77 16.32 33.93
N SER B 383 -31.03 15.45 32.95
CA SER B 383 -32.37 15.30 32.42
C SER B 383 -33.33 14.73 33.46
N LEU B 384 -32.90 13.71 34.20
CA LEU B 384 -33.75 13.15 35.25
C LEU B 384 -33.98 14.16 36.37
N GLY B 385 -32.96 14.96 36.70
CA GLY B 385 -33.15 16.00 37.70
C GLY B 385 -34.20 17.01 37.27
N ALA B 386 -34.13 17.44 36.01
CA ALA B 386 -35.13 18.39 35.50
C ALA B 386 -36.51 17.76 35.44
N SER B 387 -36.59 16.47 35.08
CA SER B 387 -37.89 15.80 35.02
C SER B 387 -38.50 15.66 36.40
N ALA B 388 -37.67 15.44 37.43
CA ALA B 388 -38.19 15.40 38.79
C ALA B 388 -38.61 16.79 39.27
N ALA B 389 -37.83 17.81 38.90
CA ALA B 389 -38.20 19.18 39.29
C ALA B 389 -39.49 19.63 38.61
N SER B 390 -39.79 19.08 37.44
CA SER B 390 -41.06 19.39 36.78
C SER B 390 -42.24 19.03 37.68
N LEU B 391 -42.26 17.79 38.18
CA LEU B 391 -43.35 17.39 39.09
C LEU B 391 -43.22 18.08 40.44
N LEU B 392 -42.00 18.42 40.86
CA LEU B 392 -41.82 19.18 42.09
C LEU B 392 -42.53 20.53 42.00
N GLY B 393 -42.35 21.23 40.87
CA GLY B 393 -43.06 22.47 40.66
C GLY B 393 -44.54 22.26 40.42
N LEU B 394 -44.92 21.11 39.85
CA LEU B 394 -46.33 20.75 39.75
C LEU B 394 -46.97 20.68 41.12
N LEU B 395 -46.22 20.19 42.12
CA LEU B 395 -46.74 20.17 43.48
C LEU B 395 -46.97 21.57 44.02
N GLY B 396 -46.20 22.54 43.56
CA GLY B 396 -46.35 23.91 44.02
C GLY B 396 -47.50 24.65 43.38
N LEU B 397 -48.72 24.21 43.65
CA LEU B 397 -49.92 24.85 43.11
C LEU B 397 -50.70 25.64 44.16
N TRP B 398 -50.75 25.14 45.40
CA TRP B 398 -51.48 25.84 46.45
C TRP B 398 -50.85 27.19 46.78
N LEU B 399 -49.54 27.30 46.65
CA LEU B 399 -48.87 28.57 46.88
C LEU B 399 -49.15 29.52 45.71
N PRO B 400 -49.04 30.84 45.93
CA PRO B 400 -49.31 31.79 44.84
C PRO B 400 -48.33 31.69 43.68
N ARG B 401 -48.47 32.60 42.71
CA ARG B 401 -47.74 32.44 41.45
C ARG B 401 -46.24 32.71 41.61
N PRO B 402 -45.78 33.91 42.08
CA PRO B 402 -44.34 34.21 42.06
C PRO B 402 -43.57 33.68 43.26
N VAL B 403 -43.80 32.41 43.59
CA VAL B 403 -43.09 31.78 44.70
C VAL B 403 -42.01 30.82 44.19
N PRO B 404 -42.32 29.87 43.30
CA PRO B 404 -41.25 28.96 42.85
C PRO B 404 -40.23 29.65 41.97
N LEU B 405 -40.66 30.63 41.15
CA LEU B 405 -39.80 31.31 40.19
C LEU B 405 -38.52 31.79 40.85
N VAL B 406 -38.65 32.82 41.71
CA VAL B 406 -37.49 33.34 42.43
C VAL B 406 -36.83 32.24 43.24
N ALA B 407 -37.59 31.25 43.70
CA ALA B 407 -37.01 30.11 44.39
C ALA B 407 -35.92 29.46 43.54
N GLY B 408 -36.27 29.11 42.30
CA GLY B 408 -35.25 28.66 41.37
C GLY B 408 -34.14 29.68 41.21
N ALA B 409 -34.51 30.96 41.06
CA ALA B 409 -33.53 32.03 40.92
C ALA B 409 -32.57 32.10 42.10
N GLY B 410 -32.86 31.38 43.18
CA GLY B 410 -31.91 31.30 44.27
C GLY B 410 -31.03 30.06 44.17
N VAL B 411 -31.65 28.91 43.89
CA VAL B 411 -30.95 27.63 44.08
C VAL B 411 -29.74 27.54 43.16
N HIS B 412 -29.95 27.69 41.85
CA HIS B 412 -28.81 27.67 40.93
C HIS B 412 -27.87 28.84 41.20
N LEU B 413 -28.40 29.94 41.76
CA LEU B 413 -27.54 31.03 42.21
C LEU B 413 -26.47 30.51 43.15
N LEU B 414 -26.88 29.70 44.14
CA LEU B 414 -25.90 29.07 45.02
C LEU B 414 -24.92 28.24 44.22
N LEU B 415 -25.42 27.45 43.26
CA LEU B 415 -24.53 26.68 42.40
C LEU B 415 -23.56 27.59 41.66
N THR B 416 -24.02 28.78 41.26
CA THR B 416 -23.12 29.75 40.63
C THR B 416 -21.92 30.03 41.52
N PHE B 417 -22.18 30.24 42.83
CA PHE B 417 -21.07 30.40 43.77
C PHE B 417 -20.18 29.17 43.76
N ILE B 418 -20.79 27.97 43.76
CA ILE B 418 -20.01 26.74 43.68
C ILE B 418 -19.26 26.67 42.37
N LEU B 419 -19.81 27.27 41.31
CA LEU B 419 -19.12 27.31 40.02
C LEU B 419 -18.14 28.48 39.92
N PHE B 420 -17.96 29.26 40.98
CA PHE B 420 -17.01 30.37 40.98
C PHE B 420 -15.78 30.11 41.83
N PHE B 421 -15.93 29.39 42.95
CA PHE B 421 -14.80 29.07 43.81
C PHE B 421 -14.23 27.69 43.51
N TRP B 422 -15.08 26.66 43.50
CA TRP B 422 -14.62 25.30 43.30
C TRP B 422 -14.21 25.08 41.85
N ALA B 423 -13.01 24.53 41.66
CA ALA B 423 -12.49 24.20 40.33
C ALA B 423 -11.95 22.78 40.38
N PRO B 424 -12.57 21.83 39.69
CA PRO B 424 -12.12 20.44 39.79
C PRO B 424 -10.83 20.19 39.03
N VAL B 425 -9.94 19.41 39.66
CA VAL B 425 -8.69 19.04 38.99
C VAL B 425 -9.00 18.00 37.92
N PRO B 426 -8.53 18.20 36.68
CA PRO B 426 -8.93 17.27 35.61
C PRO B 426 -8.29 15.89 35.71
N ARG B 427 -7.03 15.82 36.16
CA ARG B 427 -6.29 14.55 36.16
C ARG B 427 -6.41 13.83 37.49
N VAL B 428 -7.65 13.58 37.93
CA VAL B 428 -7.90 12.84 39.16
C VAL B 428 -9.35 12.37 39.14
N LEU B 429 -9.56 11.14 39.62
CA LEU B 429 -10.91 10.61 39.75
C LEU B 429 -11.18 10.27 41.21
N GLN B 430 -11.28 11.30 42.05
CA GLN B 430 -11.54 11.10 43.47
C GLN B 430 -13.00 11.36 43.80
N HIS B 431 -13.50 12.54 43.46
CA HIS B 431 -14.89 12.91 43.67
C HIS B 431 -15.62 12.89 42.33
N SER B 432 -16.67 12.06 42.24
CA SER B 432 -17.49 11.98 41.03
C SER B 432 -18.95 12.30 41.26
N TRP B 433 -19.41 12.31 42.51
CA TRP B 433 -20.81 12.59 42.80
C TRP B 433 -21.11 14.08 42.88
N ILE B 434 -20.08 14.92 43.07
CA ILE B 434 -20.31 16.36 43.14
C ILE B 434 -20.82 16.88 41.80
N LEU B 435 -20.24 16.40 40.70
CA LEU B 435 -20.72 16.81 39.38
C LEU B 435 -22.15 16.35 39.16
N TYR B 436 -22.48 15.13 39.58
CA TYR B 436 -23.83 14.61 39.43
C TYR B 436 -24.83 15.46 40.20
N VAL B 437 -24.53 15.78 41.46
CA VAL B 437 -25.48 16.54 42.27
C VAL B 437 -25.56 17.99 41.78
N ALA B 438 -24.46 18.54 41.26
CA ALA B 438 -24.50 19.89 40.73
C ALA B 438 -25.36 19.95 39.47
N ALA B 439 -25.20 18.98 38.56
CA ALA B 439 -26.04 18.93 37.38
C ALA B 439 -27.49 18.70 37.75
N ALA B 440 -27.75 17.88 38.79
CA ALA B 440 -29.12 17.63 39.22
C ALA B 440 -29.77 18.90 39.74
N LEU B 441 -29.06 19.64 40.61
CA LEU B 441 -29.62 20.89 41.12
C LEU B 441 -29.77 21.95 40.03
N TRP B 442 -28.84 21.98 39.07
CA TRP B 442 -28.97 22.94 37.97
C TRP B 442 -30.17 22.61 37.10
N GLY B 443 -30.39 21.33 36.81
CA GLY B 443 -31.58 20.95 36.07
C GLY B 443 -32.85 21.21 36.86
N VAL B 444 -32.78 21.08 38.19
CA VAL B 444 -33.92 21.40 39.03
C VAL B 444 -34.28 22.87 38.89
N GLY B 445 -33.29 23.75 39.06
CA GLY B 445 -33.53 25.17 38.89
C GLY B 445 -34.02 25.52 37.49
N SER B 446 -33.43 24.89 36.48
CA SER B 446 -33.83 25.15 35.10
C SER B 446 -35.29 24.79 34.86
N ALA B 447 -35.67 23.56 35.23
CA ALA B 447 -37.05 23.13 35.04
C ALA B 447 -38.02 23.99 35.83
N LEU B 448 -37.67 24.34 37.07
CA LEU B 448 -38.54 25.19 37.88
C LEU B 448 -38.75 26.53 37.21
N ASN B 449 -37.67 27.19 36.81
CA ASN B 449 -37.77 28.51 36.19
C ASN B 449 -38.56 28.44 34.88
N LYS B 450 -38.28 27.45 34.04
CA LYS B 450 -38.94 27.35 32.74
C LYS B 450 -40.43 27.10 32.90
N THR B 451 -40.80 26.12 33.75
CA THR B 451 -42.22 25.82 33.95
C THR B 451 -42.95 27.01 34.57
N GLY B 452 -42.33 27.65 35.57
CA GLY B 452 -42.97 28.80 36.19
C GLY B 452 -43.17 29.94 35.22
N LEU B 453 -42.16 30.24 34.39
CA LEU B 453 -42.31 31.29 33.40
C LEU B 453 -43.38 30.94 32.37
N SER B 454 -43.46 29.67 31.98
CA SER B 454 -44.48 29.25 31.02
C SER B 454 -45.87 29.46 31.59
N THR B 455 -46.11 28.98 32.82
CA THR B 455 -47.42 29.17 33.43
C THR B 455 -47.73 30.64 33.66
N LEU B 456 -46.72 31.43 34.05
CA LEU B 456 -46.95 32.86 34.26
C LEU B 456 -47.36 33.54 32.97
N LEU B 457 -46.61 33.29 31.88
CA LEU B 457 -46.92 33.94 30.62
C LEU B 457 -48.23 33.44 30.04
N GLY B 458 -48.64 32.22 30.40
CA GLY B 458 -49.95 31.73 29.98
C GLY B 458 -51.09 32.30 30.79
N ILE B 459 -50.85 32.65 32.05
CA ILE B 459 -51.91 33.18 32.90
C ILE B 459 -52.11 34.67 32.66
N LEU B 460 -51.02 35.43 32.52
CA LEU B 460 -51.14 36.87 32.35
C LEU B 460 -51.84 37.25 31.05
N TYR B 461 -51.83 36.38 30.04
CA TYR B 461 -52.48 36.66 28.76
C TYR B 461 -53.38 35.48 28.41
N GLU B 462 -54.67 35.75 28.22
CA GLU B 462 -55.65 34.73 27.92
C GLU B 462 -56.19 34.79 26.50
N ASP B 463 -56.20 35.97 25.88
CA ASP B 463 -56.70 36.08 24.52
C ASP B 463 -55.73 35.41 23.55
N LYS B 464 -56.30 34.77 22.52
CA LYS B 464 -55.49 33.91 21.64
C LYS B 464 -54.39 34.69 20.94
N GLU B 465 -54.73 35.84 20.35
CA GLU B 465 -53.70 36.64 19.69
C GLU B 465 -52.65 37.13 20.69
N ARG B 466 -53.08 37.44 21.92
CA ARG B 466 -52.13 37.85 22.95
C ARG B 466 -51.14 36.72 23.24
N GLN B 467 -51.64 35.50 23.43
CA GLN B 467 -50.75 34.36 23.62
C GLN B 467 -49.80 34.20 22.45
N ASP B 468 -50.31 34.34 21.22
CA ASP B 468 -49.47 34.21 20.04
C ASP B 468 -48.31 35.20 20.07
N PHE B 469 -48.63 36.49 20.22
CA PHE B 469 -47.58 37.51 20.19
C PHE B 469 -46.61 37.35 21.37
N ILE B 470 -47.13 37.03 22.56
CA ILE B 470 -46.27 36.95 23.73
C ILE B 470 -45.33 35.75 23.62
N PHE B 471 -45.83 34.61 23.15
CA PHE B 471 -44.97 33.46 22.94
C PHE B 471 -43.94 33.74 21.85
N THR B 472 -44.35 34.47 20.80
CA THR B 472 -43.41 34.85 19.75
C THR B 472 -42.27 35.69 20.32
N ILE B 473 -42.60 36.69 21.13
CA ILE B 473 -41.58 37.56 21.71
C ILE B 473 -40.67 36.77 22.66
N TYR B 474 -41.28 35.93 23.51
CA TYR B 474 -40.49 35.08 24.41
C TYR B 474 -39.50 34.24 23.65
N HIS B 475 -39.96 33.54 22.61
CA HIS B 475 -39.08 32.62 21.90
C HIS B 475 -38.05 33.35 21.05
N TRP B 476 -38.40 34.53 20.54
CA TRP B 476 -37.40 35.32 19.81
C TRP B 476 -36.31 35.81 20.76
N TRP B 477 -36.68 36.22 21.97
CA TRP B 477 -35.67 36.64 22.94
C TRP B 477 -34.82 35.45 23.38
N GLN B 478 -35.42 34.27 23.50
CA GLN B 478 -34.65 33.07 23.81
C GLN B 478 -33.66 32.75 22.70
N ALA B 479 -34.10 32.91 21.44
CA ALA B 479 -33.20 32.69 20.31
C ALA B 479 -32.08 33.73 20.29
N VAL B 480 -32.39 34.98 20.64
CA VAL B 480 -31.36 36.00 20.74
C VAL B 480 -30.35 35.65 21.82
N ALA B 481 -30.83 35.10 22.94
CA ALA B 481 -29.94 34.65 24.00
C ALA B 481 -29.04 33.52 23.53
N ILE B 482 -29.61 32.56 22.80
CA ILE B 482 -28.82 31.45 22.27
C ILE B 482 -27.76 31.97 21.29
N PHE B 483 -28.13 32.93 20.45
CA PHE B 483 -27.18 33.52 19.51
C PHE B 483 -26.08 34.27 20.24
N THR B 484 -26.42 34.92 21.36
CA THR B 484 -25.41 35.62 22.16
C THR B 484 -24.44 34.63 22.79
N VAL B 485 -24.95 33.51 23.31
CA VAL B 485 -24.06 32.47 23.83
C VAL B 485 -23.19 31.92 22.72
N TYR B 486 -23.73 31.81 21.51
CA TYR B 486 -22.92 31.40 20.36
C TYR B 486 -21.78 32.39 20.12
N LEU B 487 -22.09 33.68 20.15
CA LEU B 487 -21.03 34.69 20.11
C LEU B 487 -20.26 34.76 21.42
N GLY B 488 -20.87 34.35 22.53
CA GLY B 488 -20.21 34.41 23.82
C GLY B 488 -19.36 33.20 24.13
N SER B 489 -18.90 32.52 23.08
CA SER B 489 -18.04 31.35 23.24
C SER B 489 -16.57 31.77 23.24
N SER B 490 -15.74 30.92 23.84
CA SER B 490 -14.29 31.09 23.88
C SER B 490 -13.88 32.41 24.55
N LEU B 491 -14.61 32.82 25.57
CA LEU B 491 -14.23 33.97 26.37
C LEU B 491 -13.51 33.51 27.64
N HIS B 492 -13.40 34.40 28.62
CA HIS B 492 -12.80 34.06 29.89
C HIS B 492 -13.73 33.17 30.70
N MET B 493 -14.72 33.78 31.36
CA MET B 493 -15.72 33.05 32.12
C MET B 493 -17.06 33.75 31.98
N LYS B 494 -18.14 32.98 32.03
CA LYS B 494 -19.49 33.49 31.87
C LYS B 494 -20.33 33.36 33.13
N ALA B 495 -19.71 33.05 34.26
CA ALA B 495 -20.47 32.90 35.51
C ALA B 495 -20.86 34.23 36.11
N LYS B 496 -20.01 35.25 36.00
CA LYS B 496 -20.36 36.57 36.50
C LYS B 496 -21.52 37.17 35.72
N LEU B 497 -21.51 37.02 34.39
CA LEU B 497 -22.63 37.47 33.59
C LEU B 497 -23.91 36.74 34.00
N ALA B 498 -23.78 35.44 34.30
CA ALA B 498 -24.94 34.66 34.71
C ALA B 498 -25.50 35.17 36.03
N VAL B 499 -24.65 35.39 37.02
CA VAL B 499 -25.13 35.80 38.34
C VAL B 499 -25.73 37.21 38.27
N LEU B 500 -25.12 38.11 37.49
CA LEU B 500 -25.68 39.44 37.35
C LEU B 500 -27.04 39.40 36.64
N LEU B 501 -27.17 38.54 35.63
CA LEU B 501 -28.44 38.44 34.93
C LEU B 501 -29.52 37.84 35.83
N VAL B 502 -29.16 36.85 36.66
CA VAL B 502 -30.13 36.28 37.59
C VAL B 502 -30.58 37.33 38.61
N THR B 503 -29.64 38.14 39.09
CA THR B 503 -30.01 39.22 40.01
C THR B 503 -30.93 40.22 39.34
N LEU B 504 -30.65 40.54 38.07
CA LEU B 504 -31.51 41.47 37.33
C LEU B 504 -32.90 40.91 37.15
N VAL B 505 -33.02 39.62 36.83
CA VAL B 505 -34.33 38.99 36.68
C VAL B 505 -35.07 38.98 38.01
N ALA B 506 -34.36 38.71 39.11
CA ALA B 506 -35.01 38.71 40.42
C ALA B 506 -35.56 40.10 40.75
N ALA B 507 -34.75 41.14 40.54
CA ALA B 507 -35.21 42.49 40.78
C ALA B 507 -36.38 42.86 39.89
N ALA B 508 -36.35 42.43 38.62
CA ALA B 508 -37.42 42.76 37.69
C ALA B 508 -38.72 42.07 38.08
N VAL B 509 -38.65 40.80 38.49
CA VAL B 509 -39.86 40.09 38.90
C VAL B 509 -40.41 40.69 40.19
N SER B 510 -39.54 41.07 41.13
CA SER B 510 -40.00 41.73 42.34
C SER B 510 -40.70 43.04 42.02
N TYR B 511 -40.12 43.83 41.10
CA TYR B 511 -40.74 45.09 40.68
C TYR B 511 -42.09 44.84 40.03
N LEU B 512 -42.15 43.85 39.14
CA LEU B 512 -43.41 43.52 38.47
C LEU B 512 -44.49 43.15 39.46
N ARG B 513 -44.17 42.31 40.44
CA ARG B 513 -45.16 41.92 41.44
C ARG B 513 -45.58 43.14 42.28
N MET B 514 -44.61 43.95 42.70
CA MET B 514 -44.92 45.08 43.57
C MET B 514 -45.80 46.11 42.87
N GLU B 515 -45.65 46.27 41.56
CA GLU B 515 -46.53 47.20 40.86
C GLU B 515 -47.83 46.54 40.42
N GLN B 516 -47.86 45.20 40.29
CA GLN B 516 -49.09 44.53 39.92
C GLN B 516 -50.05 44.42 41.09
N LYS B 517 -49.53 44.34 42.32
CA LYS B 517 -50.41 44.30 43.48
C LYS B 517 -51.11 45.63 43.69
N LEU B 518 -50.38 46.74 43.62
CA LEU B 518 -50.95 48.06 43.83
C LEU B 518 -51.74 48.56 42.62
N ARG B 519 -51.92 47.73 41.59
CA ARG B 519 -52.85 48.00 40.49
C ARG B 519 -52.41 49.17 39.63
N ARG B 520 -51.79 48.88 38.48
CA ARG B 520 -51.46 49.92 37.50
C ARG B 520 -52.58 50.11 36.49
N GLY B 521 -53.07 49.03 35.90
CA GLY B 521 -54.10 49.13 34.87
C GLY B 521 -53.58 49.55 33.53
N VAL B 522 -52.35 49.16 33.18
CA VAL B 522 -51.73 49.52 31.91
C VAL B 522 -51.68 48.28 31.02
N ALA B 523 -52.22 48.41 29.81
CA ALA B 523 -52.25 47.31 28.85
C ALA B 523 -52.52 47.89 27.48
N PRO B 524 -51.85 47.42 26.43
CA PRO B 524 -52.11 47.93 25.09
C PRO B 524 -53.36 47.29 24.47
N ARG B 525 -54.03 48.08 23.64
CA ARG B 525 -55.28 47.67 23.00
C ARG B 525 -55.18 47.94 21.49
N GLN B 526 -54.78 46.91 20.74
CA GLN B 526 -54.71 46.97 19.28
C GLN B 526 -55.47 45.78 18.71
N PRO B 527 -56.80 45.89 18.55
CA PRO B 527 -57.63 44.80 18.03
C PRO B 527 -57.37 44.54 16.55
C1 NAG C . 51.95 -49.04 -34.66
C2 NAG C . 51.86 -49.55 -36.09
C3 NAG C . 53.25 -49.91 -36.61
C4 NAG C . 54.22 -48.75 -36.42
C5 NAG C . 54.16 -48.21 -34.99
C6 NAG C . 54.96 -46.95 -34.80
C7 NAG C . 50.17 -50.91 -37.25
C8 NAG C . 49.30 -52.13 -37.17
N2 NAG C . 50.97 -50.69 -36.19
O3 NAG C . 53.17 -50.26 -37.99
O4 NAG C . 55.55 -49.20 -36.66
O5 NAG C . 52.81 -47.90 -34.62
O6 NAG C . 55.40 -46.41 -36.04
O7 NAG C . 50.15 -50.14 -38.21
C1 NAG C . 55.97 -48.92 -38.01
C2 NAG C . 57.49 -48.77 -38.03
C3 NAG C . 57.99 -48.55 -39.45
C4 NAG C . 57.48 -49.65 -40.37
C5 NAG C . 55.97 -49.77 -40.26
C6 NAG C . 55.41 -50.92 -41.06
C7 NAG C . 58.75 -47.85 -36.13
C8 NAG C . 59.25 -49.25 -35.89
N2 NAG C . 57.91 -47.69 -37.16
O3 NAG C . 59.41 -48.53 -39.46
O4 NAG C . 57.83 -49.37 -41.72
O5 NAG C . 55.59 -49.98 -38.90
O6 NAG C . 55.69 -52.17 -40.44
O7 NAG C . 59.10 -46.92 -35.41
C1 NAG D . 36.64 -33.85 -25.75
C2 NAG D . 35.29 -34.38 -25.27
C3 NAG D . 34.17 -33.82 -26.15
C4 NAG D . 34.25 -32.29 -26.22
C5 NAG D . 35.64 -31.85 -26.63
C6 NAG D . 35.82 -30.35 -26.58
C7 NAG D . 35.12 -36.56 -24.17
C8 NAG D . 35.12 -38.05 -24.36
N2 NAG D . 35.27 -35.83 -25.28
O3 NAG D . 32.91 -34.22 -25.63
O4 NAG D . 33.30 -31.81 -27.17
O5 NAG D . 36.62 -32.42 -25.75
O6 NAG D . 35.23 -29.80 -25.42
O7 NAG D . 34.99 -36.05 -23.07
C1 NAG D . 32.26 -31.09 -26.48
C2 NAG D . 31.24 -30.62 -27.51
C3 NAG D . 30.09 -29.89 -26.84
C4 NAG D . 29.47 -30.77 -25.74
C5 NAG D . 30.56 -31.24 -24.77
C6 NAG D . 30.04 -32.21 -23.74
C7 NAG D . 31.92 -30.05 -29.81
C8 NAG D . 31.29 -31.35 -30.22
N2 NAG D . 31.87 -29.75 -28.50
O3 NAG D . 29.09 -29.56 -27.80
O4 NAG D . 28.49 -30.03 -25.02
O5 NAG D . 31.59 -31.92 -25.50
O6 NAG D . 29.23 -33.21 -24.33
O7 NAG D . 32.46 -29.31 -30.62
C1 NAG E . 42.62 -42.30 -37.40
C2 NAG E . 42.67 -43.80 -37.16
C3 NAG E . 42.96 -44.54 -38.46
C4 NAG E . 41.98 -44.12 -39.54
C5 NAG E . 41.96 -42.61 -39.68
C6 NAG E . 40.92 -42.11 -40.66
C7 NAG E . 43.37 -44.29 -34.85
C8 NAG E . 44.52 -44.63 -33.96
N2 NAG E . 43.66 -44.14 -36.15
O3 NAG E . 42.89 -45.94 -38.24
O4 NAG E . 42.36 -44.71 -40.79
O5 NAG E . 41.65 -42.00 -38.42
O6 NAG E . 39.62 -42.57 -40.32
O7 NAG E . 42.22 -44.16 -34.43
C1 NAG E . 41.31 -45.60 -41.23
C2 NAG E . 41.52 -45.89 -42.71
C3 NAG E . 40.45 -46.86 -43.23
C4 NAG E . 40.39 -48.10 -42.35
C5 NAG E . 40.24 -47.72 -40.87
C6 NAG E . 40.30 -48.90 -39.95
C7 NAG E . 42.65 -44.00 -43.81
C8 NAG E . 42.47 -42.77 -44.63
N2 NAG E . 41.53 -44.67 -43.51
O3 NAG E . 40.73 -47.22 -44.57
O4 NAG E . 39.29 -48.92 -42.73
O5 NAG E . 41.29 -46.81 -40.49
O6 NAG E . 41.47 -49.68 -40.17
O7 NAG E . 43.76 -44.38 -43.44
C1 BMA E . 39.78 -50.12 -43.35
C2 BMA E . 38.72 -51.22 -43.15
C3 BMA E . 39.10 -52.48 -43.93
C4 BMA E . 39.47 -52.15 -45.38
C5 BMA E . 40.56 -51.07 -45.41
C6 BMA E . 40.96 -50.65 -46.82
O2 BMA E . 37.46 -50.81 -43.63
O3 BMA E . 38.07 -53.45 -43.91
O4 BMA E . 39.94 -53.31 -46.05
O5 BMA E . 40.06 -49.91 -44.73
O6 BMA E . 42.13 -49.86 -46.74
C1 NAG F . 33.64 -9.08 -23.85
C2 NAG F . 32.17 -9.44 -23.88
C3 NAG F . 31.49 -9.07 -22.57
C4 NAG F . 32.24 -9.70 -21.39
C5 NAG F . 33.72 -9.33 -21.46
C6 NAG F . 34.55 -10.02 -20.40
C7 NAG F . 30.94 -9.47 -26.00
C8 NAG F . 30.29 -8.64 -27.07
N2 NAG F . 31.50 -8.79 -24.99
O3 NAG F . 30.15 -9.52 -22.58
O4 NAG F . 31.70 -9.23 -20.16
O5 NAG F . 34.27 -9.72 -22.73
O6 NAG F . 34.61 -11.42 -20.62
O7 NAG F . 30.95 -10.70 -26.06
C1 NAG F . 30.93 -10.29 -19.56
C2 NAG F . 30.75 -9.99 -18.07
C3 NAG F . 29.89 -11.06 -17.41
C4 NAG F . 28.57 -11.21 -18.16
C5 NAG F . 28.83 -11.46 -19.64
C6 NAG F . 27.56 -11.50 -20.47
C7 NAG F . 32.67 -8.74 -17.19
C8 NAG F . 33.99 -8.82 -16.50
N2 NAG F . 32.04 -9.89 -17.41
O3 NAG F . 29.64 -10.70 -16.07
O4 NAG F . 27.83 -12.29 -17.63
O5 NAG F . 29.63 -10.40 -20.19
O6 NAG F . 26.51 -10.77 -19.84
O7 NAG F . 32.18 -7.66 -17.54
C1 NAG G . 47.05 5.50 -42.58
C2 NAG G . 47.29 5.39 -44.08
C3 NAG G . 48.62 6.04 -44.45
C4 NAG G . 48.70 7.47 -43.92
C5 NAG G . 48.35 7.50 -42.43
C6 NAG G . 48.24 8.91 -41.89
C7 NAG G . 46.22 3.46 -45.15
C8 NAG G . 46.36 2.02 -45.53
N2 NAG G . 47.26 4.00 -44.52
O3 NAG G . 48.78 6.03 -45.87
O4 NAG G . 50.02 7.98 -44.10
O5 NAG G . 47.08 6.87 -42.20
O6 NAG G . 47.11 9.59 -42.44
O7 NAG G . 45.21 4.11 -45.42
C1 NAG G . 50.02 8.97 -45.14
C2 NAG G . 50.95 10.10 -44.72
C3 NAG G . 51.01 11.16 -45.83
C4 NAG G . 51.42 10.51 -47.14
C5 NAG G . 50.48 9.35 -47.47
C6 NAG G . 50.89 8.59 -48.71
C7 NAG G . 51.32 10.82 -42.40
C8 NAG G . 50.72 11.46 -41.20
N2 NAG G . 50.52 10.70 -43.47
O3 NAG G . 51.96 12.15 -45.46
O4 NAG G . 51.34 11.47 -48.21
O5 NAG G . 50.47 8.41 -46.38
O6 NAG G . 52.31 8.42 -48.77
O7 NAG G . 52.48 10.41 -42.42
C1 BMA G . 52.66 11.98 -48.48
C2 BMA G . 53.10 11.51 -49.90
C3 BMA G . 54.43 12.17 -50.27
C4 BMA G . 54.39 13.70 -50.04
C5 BMA G . 53.96 14.00 -48.60
C6 BMA G . 53.84 15.49 -48.32
O2 BMA G . 52.16 11.91 -50.87
O3 BMA G . 54.78 11.90 -51.62
O4 BMA G . 55.68 14.26 -50.28
O5 BMA G . 52.67 13.40 -48.39
O6 BMA G . 53.43 15.65 -46.96
C1 NAG H . 17.47 -2.80 -42.04
C2 NAG H . 18.48 -3.00 -43.18
C3 NAG H . 17.76 -3.45 -44.45
C4 NAG H . 16.89 -4.66 -44.17
C5 NAG H . 15.95 -4.40 -43.00
C6 NAG H . 15.15 -5.61 -42.59
C7 NAG H . 20.58 -1.74 -43.37
C8 NAG H . 21.20 -0.41 -43.64
N2 NAG H . 19.25 -1.79 -43.41
O3 NAG H . 18.73 -3.75 -45.45
O4 NAG H . 16.12 -4.97 -45.33
O5 NAG H . 16.72 -4.00 -41.85
O6 NAG H . 16.00 -6.66 -42.12
O7 NAG H . 21.25 -2.73 -43.10
C1 NAG H . 16.54 -6.25 -45.86
C2 NAG H . 15.51 -6.71 -46.89
C3 NAG H . 15.95 -8.03 -47.51
C4 NAG H . 17.35 -7.92 -48.07
C5 NAG H . 18.31 -7.40 -47.00
C6 NAG H . 19.70 -7.15 -47.52
C7 NAG H . 13.30 -5.84 -46.27
C8 NAG H . 11.98 -6.15 -45.60
N2 NAG H . 14.19 -6.84 -46.28
O3 NAG H . 15.04 -8.39 -48.55
O4 NAG H . 17.80 -9.19 -48.53
O5 NAG H . 17.83 -6.15 -46.48
O6 NAG H . 19.69 -6.90 -48.92
O7 NAG H . 13.53 -4.75 -46.76
C1 NAG I . -2.67 13.57 21.92
C2 NAG I . -1.48 14.46 22.28
C3 NAG I . -0.20 13.87 21.74
C4 NAG I . -0.03 12.42 22.21
C5 NAG I . -1.29 11.62 21.86
C6 NAG I . -1.25 10.21 22.41
C7 NAG I . -2.44 16.73 22.37
C8 NAG I . -2.51 18.08 21.71
N2 NAG I . -1.67 15.82 21.77
O3 NAG I . 0.91 14.65 22.18
O4 NAG I . 1.08 11.82 21.55
O5 NAG I . -2.45 12.25 22.42
O6 NAG I . -2.55 9.75 22.75
O7 NAG I . -3.06 16.49 23.41
C1 NAG I . 2.17 11.70 22.50
C2 NAG I . 2.94 10.42 22.20
C3 NAG I . 4.13 10.29 23.14
C4 NAG I . 5.00 11.54 23.08
C5 NAG I . 4.15 12.79 23.34
C6 NAG I . 4.92 14.07 23.17
C7 NAG I . 1.85 8.41 21.30
C8 NAG I . 2.57 8.71 20.02
N2 NAG I . 2.07 9.25 22.31
O3 NAG I . 4.90 9.15 22.78
O4 NAG I . 6.02 11.47 24.06
O5 NAG I . 3.06 12.83 22.41
O6 NAG I . 5.86 13.98 22.10
O7 NAG I . 1.12 7.43 21.43
C1 NAG J . 2.53 -43.05 -6.77
C2 NAG J . 1.25 -42.23 -6.76
C3 NAG J . 0.49 -42.43 -8.07
C4 NAG J . 1.39 -42.14 -9.26
C5 NAG J . 2.68 -42.95 -9.17
C6 NAG J . 3.68 -42.62 -10.24
C7 NAG J . -0.25 -41.68 -4.89
C8 NAG J . -1.07 -42.22 -3.76
N2 NAG J . 0.40 -42.58 -5.63
O3 NAG J . -0.65 -41.58 -8.10
O4 NAG J . 0.73 -42.45 -10.48
O5 NAG J . 3.32 -42.70 -7.91
O6 NAG J . 4.22 -41.32 -10.05
O7 NAG J . -0.17 -40.47 -5.12
C1 NAG K . 20.26 -35.70 -3.25
C2 NAG K . 20.65 -35.77 -4.72
C3 NAG K . 21.85 -34.87 -5.00
C4 NAG K . 21.55 -33.45 -4.52
C5 NAG K . 21.10 -33.46 -3.06
C6 NAG K . 20.68 -32.10 -2.57
C7 NAG K . 20.13 -37.91 -5.82
C8 NAG K . 20.60 -39.30 -6.13
N2 NAG K . 20.96 -37.14 -5.10
O3 NAG K . 22.12 -34.86 -6.39
O4 NAG K . 22.70 -32.64 -4.66
O5 NAG K . 19.98 -34.33 -2.90
O6 NAG K . 19.52 -31.64 -3.25
O7 NAG K . 19.04 -37.50 -6.20
C1 NAG L . 13.77 -51.01 10.32
C2 NAG L . 14.65 -51.34 11.52
C3 NAG L . 13.95 -50.96 12.82
C4 NAG L . 13.52 -49.50 12.77
C5 NAG L . 12.69 -49.23 11.53
C6 NAG L . 12.33 -47.77 11.35
C7 NAG L . 16.26 -53.19 11.64
C8 NAG L . 16.45 -54.68 11.63
N2 NAG L . 15.00 -52.75 11.52
O3 NAG L . 14.84 -51.17 13.92
O4 NAG L . 12.75 -49.18 13.92
O5 NAG L . 13.42 -49.61 10.35
O6 NAG L . 13.29 -46.93 11.96
O7 NAG L . 17.21 -52.42 11.75
C1 NAG M . 16.66 -56.25 -15.00
C2 NAG M . 15.65 -57.05 -14.17
C3 NAG M . 14.82 -57.96 -15.08
C4 NAG M . 14.19 -57.15 -16.21
C5 NAG M . 15.26 -56.36 -16.95
C6 NAG M . 14.69 -55.44 -18.01
C7 NAG M . 17.20 -58.79 -13.32
C8 NAG M . 17.74 -59.45 -12.10
N2 NAG M . 16.29 -57.82 -13.12
O3 NAG M . 13.80 -58.58 -14.30
O4 NAG M . 13.54 -58.02 -17.12
O5 NAG M . 15.97 -55.53 -16.03
O6 NAG M . 14.77 -54.09 -17.60
O7 NAG M . 17.57 -59.12 -14.46
C1 NAG N . 36.58 -60.45 -26.11
C2 NAG N . 35.63 -61.64 -25.94
C3 NAG N . 36.13 -62.83 -26.75
C4 NAG N . 36.36 -62.44 -28.21
C5 NAG N . 37.29 -61.22 -28.28
C6 NAG N . 37.47 -60.69 -29.68
C7 NAG N . 34.33 -62.45 -24.03
C8 NAG N . 34.35 -62.78 -22.56
N2 NAG N . 35.48 -62.00 -24.55
O3 NAG N . 35.17 -63.89 -26.68
O4 NAG N . 36.97 -63.51 -28.91
O5 NAG N . 36.74 -60.14 -27.50
O6 NAG N . 36.22 -60.40 -30.28
O7 NAG N . 33.32 -62.60 -24.71
C1 NAG O . 63.94 -31.59 -33.41
C2 NAG O . 64.19 -32.75 -34.39
C3 NAG O . 65.68 -33.06 -34.47
C4 NAG O . 66.48 -31.80 -34.79
C5 NAG O . 66.13 -30.69 -33.80
C6 NAG O . 66.79 -29.37 -34.14
C7 NAG O . 62.27 -34.27 -34.56
C8 NAG O . 61.63 -35.53 -34.04
N2 NAG O . 63.44 -33.93 -34.00
O3 NAG O . 65.91 -34.06 -35.47
O4 NAG O . 67.86 -32.07 -34.73
O5 NAG O . 64.71 -30.46 -33.80
O6 NAG O . 66.72 -29.09 -35.53
O7 NAG O . 61.75 -33.60 -35.44
C1 NAG P . 62.79 -20.96 -33.59
C2 NAG P . 64.10 -20.89 -32.82
C3 NAG P . 64.58 -19.45 -32.70
C4 NAG P . 64.63 -18.80 -34.07
C5 NAG P . 63.29 -18.95 -34.79
C6 NAG P . 63.32 -18.43 -36.21
C7 NAG P . 64.32 -22.77 -31.25
C8 NAG P . 64.13 -23.23 -29.84
N2 NAG P . 63.98 -21.50 -31.51
O3 NAG P . 65.85 -19.42 -32.10
O4 NAG P . 64.93 -17.41 -33.94
O5 NAG P . 62.93 -20.34 -34.87
O6 NAG P . 64.08 -19.27 -37.06
O7 NAG P . 64.76 -23.52 -32.12
C1 NAG Q . -9.61 -9.16 1.64
C2 NAG Q . -8.56 -9.83 2.53
C3 NAG Q . -9.23 -10.82 3.47
C4 NAG Q . -10.34 -10.15 4.26
C5 NAG Q . -11.31 -9.45 3.31
C6 NAG Q . -12.37 -8.65 4.03
C7 NAG Q . -6.35 -9.95 1.47
C8 NAG Q . -5.43 -10.77 0.62
N2 NAG Q . -7.55 -10.49 1.72
O3 NAG Q . -8.26 -11.36 4.36
O4 NAG Q . -11.05 -11.12 5.03
O5 NAG Q . -10.60 -8.53 2.47
O6 NAG Q . -11.78 -7.73 4.95
O7 NAG Q . -6.03 -8.85 1.90
C1 NAG R . -5.35 5.63 33.60
C2 NAG R . -4.01 5.82 34.32
C3 NAG R . -4.13 5.34 35.77
C4 NAG R . -5.29 6.02 36.47
C5 NAG R . -6.58 5.83 35.66
C6 NAG R . -7.75 6.58 36.24
C7 NAG R . -1.83 5.71 33.21
C8 NAG R . -1.70 7.18 33.51
N2 NAG R . -2.95 5.12 33.62
O3 NAG R . -2.91 5.62 36.45
O4 NAG R . -5.47 5.47 37.77
O5 NAG R . -6.39 6.31 34.32
O6 NAG R . -7.64 6.71 37.65
O7 NAG R . -0.94 5.10 32.63
#